data_2MGQ
#
_entry.id   2MGQ
#
_entity_poly.entity_id   1
_entity_poly.type   'polypeptide(L)'
_entity_poly.pdbx_seq_one_letter_code
;GPRKNRRERTTYSRQQLEILETLFNETQYPDVFARERVADQIRLQESRIQVWFKNRRAKYRLQEKQKP
;
_entity_poly.pdbx_strand_id   A
#
# COMPACT_ATOMS: atom_id res chain seq x y z
N GLY A 1 5.13 1.66 10.38
CA GLY A 1 4.16 2.68 10.04
C GLY A 1 3.91 2.77 8.55
N PRO A 2 3.05 3.71 8.14
CA PRO A 2 2.71 3.91 6.73
C PRO A 2 3.87 4.49 5.93
N ARG A 3 4.82 3.64 5.56
CA ARG A 3 5.98 4.06 4.79
C ARG A 3 6.90 2.88 4.49
N LYS A 4 7.37 2.81 3.25
CA LYS A 4 8.26 1.74 2.83
C LYS A 4 9.70 2.23 2.71
N ASN A 5 9.85 3.52 2.44
CA ASN A 5 11.17 4.12 2.30
C ASN A 5 11.32 5.33 3.21
N ARG A 6 10.54 6.37 2.95
CA ARG A 6 10.59 7.59 3.75
C ARG A 6 9.52 8.58 3.31
N ARG A 7 9.28 8.61 2.00
CA ARG A 7 8.28 9.52 1.43
C ARG A 7 6.87 9.02 1.73
N GLU A 8 5.88 9.88 1.47
CA GLU A 8 4.49 9.52 1.70
C GLU A 8 3.57 10.68 1.31
N ARG A 9 2.25 10.41 1.33
CA ARG A 9 1.28 11.42 0.98
C ARG A 9 1.37 12.63 1.92
N THR A 10 1.82 12.38 3.15
CA THR A 10 1.96 13.44 4.13
C THR A 10 2.59 12.91 5.42
N THR A 11 2.61 13.74 6.46
CA THR A 11 3.19 13.36 7.74
C THR A 11 2.69 11.99 8.17
N TYR A 12 1.38 11.81 8.19
CA TYR A 12 0.78 10.54 8.58
C TYR A 12 -0.67 10.45 8.13
N SER A 13 -0.91 9.62 7.13
CA SER A 13 -2.26 9.44 6.58
C SER A 13 -2.55 7.96 6.33
N ARG A 14 -3.82 7.63 6.20
CA ARG A 14 -4.25 6.25 5.96
C ARG A 14 -4.10 5.90 4.48
N GLN A 15 -4.01 6.92 3.64
CA GLN A 15 -3.87 6.71 2.20
C GLN A 15 -2.74 5.73 1.91
N GLN A 16 -1.57 5.98 2.50
CA GLN A 16 -0.41 5.12 2.30
C GLN A 16 -0.74 3.67 2.62
N LEU A 17 -1.63 3.48 3.60
CA LEU A 17 -2.04 2.13 4.01
C LEU A 17 -3.24 1.65 3.21
N GLU A 18 -3.85 2.58 2.46
CA GLU A 18 -5.02 2.24 1.64
C GLU A 18 -4.60 1.42 0.42
N ILE A 19 -3.48 1.80 -0.18
CA ILE A 19 -2.98 1.09 -1.36
C ILE A 19 -3.07 -0.42 -1.17
N LEU A 20 -2.78 -0.88 0.04
CA LEU A 20 -2.82 -2.30 0.35
C LEU A 20 -4.17 -2.69 0.95
N GLU A 21 -4.49 -2.11 2.10
CA GLU A 21 -5.76 -2.39 2.77
C GLU A 21 -6.91 -2.41 1.77
N THR A 22 -6.77 -1.63 0.70
CA THR A 22 -7.80 -1.56 -0.34
C THR A 22 -7.54 -2.58 -1.43
N LEU A 23 -6.34 -2.55 -2.00
CA LEU A 23 -5.98 -3.48 -3.07
C LEU A 23 -5.79 -4.90 -2.52
N PHE A 24 -4.78 -5.06 -1.67
CA PHE A 24 -4.49 -6.35 -1.08
C PHE A 24 -5.77 -7.03 -0.60
N ASN A 25 -6.71 -6.23 -0.12
CA ASN A 25 -7.98 -6.75 0.37
C ASN A 25 -8.95 -7.02 -0.79
N GLU A 26 -8.99 -6.10 -1.73
CA GLU A 26 -9.86 -6.23 -2.90
C GLU A 26 -9.65 -7.58 -3.59
N THR A 27 -8.38 -7.91 -3.83
CA THR A 27 -8.04 -9.17 -4.48
C THR A 27 -6.53 -9.32 -4.60
N GLN A 28 -6.10 -10.52 -4.99
CA GLN A 28 -4.67 -10.80 -5.15
C GLN A 28 -4.26 -10.69 -6.62
N TYR A 29 -4.71 -9.63 -7.29
CA TYR A 29 -4.39 -9.41 -8.69
C TYR A 29 -3.49 -8.20 -8.86
N PRO A 30 -2.19 -8.37 -8.56
CA PRO A 30 -1.21 -7.29 -8.67
C PRO A 30 -0.91 -6.92 -10.12
N ASP A 31 -1.83 -6.19 -10.73
CA ASP A 31 -1.67 -5.77 -12.12
C ASP A 31 -1.86 -4.26 -12.25
N VAL A 32 -1.61 -3.74 -13.46
CA VAL A 32 -1.74 -2.31 -13.71
C VAL A 32 -3.12 -1.80 -13.28
N PHE A 33 -4.14 -2.60 -13.54
CA PHE A 33 -5.51 -2.24 -13.17
C PHE A 33 -5.62 -1.99 -11.67
N ALA A 34 -4.71 -2.58 -10.91
CA ALA A 34 -4.71 -2.41 -9.46
C ALA A 34 -3.92 -1.18 -9.04
N ARG A 35 -2.63 -1.18 -9.32
CA ARG A 35 -1.76 -0.06 -8.97
C ARG A 35 -2.31 1.25 -9.55
N GLU A 36 -2.70 1.21 -10.82
CA GLU A 36 -3.24 2.37 -11.50
C GLU A 36 -4.52 2.86 -10.83
N ARG A 37 -5.22 1.92 -10.17
CA ARG A 37 -6.46 2.24 -9.48
C ARG A 37 -6.19 2.97 -8.16
N VAL A 38 -5.53 2.27 -7.25
CA VAL A 38 -5.19 2.85 -5.95
C VAL A 38 -4.43 4.16 -6.10
N ALA A 39 -3.76 4.32 -7.24
CA ALA A 39 -3.00 5.54 -7.51
C ALA A 39 -3.89 6.77 -7.42
N ASP A 40 -5.16 6.60 -7.71
CA ASP A 40 -6.11 7.71 -7.65
C ASP A 40 -6.66 7.89 -6.25
N GLN A 41 -6.47 6.87 -5.41
CA GLN A 41 -6.95 6.91 -4.04
C GLN A 41 -6.02 7.75 -3.17
N ILE A 42 -4.73 7.44 -3.21
CA ILE A 42 -3.73 8.16 -2.43
C ILE A 42 -3.17 9.34 -3.21
N ARG A 43 -3.55 9.43 -4.48
CA ARG A 43 -3.08 10.52 -5.34
C ARG A 43 -1.59 10.36 -5.64
N LEU A 44 -1.22 9.22 -6.22
CA LEU A 44 0.17 8.95 -6.57
C LEU A 44 0.27 8.27 -7.93
N GLN A 45 1.47 8.24 -8.48
CA GLN A 45 1.71 7.63 -9.78
C GLN A 45 1.24 6.17 -9.78
N GLU A 46 0.87 5.68 -10.96
CA GLU A 46 0.40 4.31 -11.09
C GLU A 46 1.56 3.32 -10.92
N SER A 47 2.69 3.63 -11.54
CA SER A 47 3.87 2.77 -11.46
C SER A 47 4.64 3.02 -10.17
N ARG A 48 4.43 4.20 -9.58
CA ARG A 48 5.09 4.56 -8.35
C ARG A 48 4.43 3.90 -7.14
N ILE A 49 3.11 3.96 -7.10
CA ILE A 49 2.34 3.36 -6.01
C ILE A 49 2.74 1.90 -5.80
N GLN A 50 3.27 1.28 -6.86
CA GLN A 50 3.68 -0.11 -6.79
C GLN A 50 4.69 -0.33 -5.67
N VAL A 51 5.64 0.61 -5.56
CA VAL A 51 6.67 0.52 -4.53
C VAL A 51 6.06 0.61 -3.14
N TRP A 52 4.99 1.37 -3.01
CA TRP A 52 4.31 1.53 -1.72
C TRP A 52 3.34 0.40 -1.47
N PHE A 53 2.96 -0.31 -2.53
CA PHE A 53 2.03 -1.43 -2.42
C PHE A 53 2.56 -2.49 -1.46
N LYS A 54 3.87 -2.45 -1.21
CA LYS A 54 4.51 -3.40 -0.32
C LYS A 54 4.48 -2.90 1.12
N ASN A 55 4.22 -1.60 1.29
CA ASN A 55 4.16 -1.01 2.61
C ASN A 55 3.47 -1.94 3.60
N ARG A 56 2.15 -2.10 3.44
CA ARG A 56 1.38 -2.97 4.32
C ARG A 56 1.43 -4.42 3.83
N ARG A 57 1.34 -4.60 2.52
CA ARG A 57 1.38 -5.93 1.93
C ARG A 57 2.54 -6.75 2.48
N ALA A 58 3.63 -6.06 2.83
CA ALA A 58 4.80 -6.71 3.37
C ALA A 58 4.72 -6.85 4.89
N LYS A 59 4.07 -5.88 5.52
CA LYS A 59 3.91 -5.88 6.98
C LYS A 59 3.23 -7.17 7.44
N TYR A 60 2.52 -7.82 6.53
CA TYR A 60 1.81 -9.05 6.84
C TYR A 60 2.75 -10.05 7.53
N ARG A 61 4.04 -9.96 7.19
CA ARG A 61 5.03 -10.87 7.77
C ARG A 61 5.41 -10.41 9.17
N LEU A 62 5.43 -9.10 9.39
CA LEU A 62 5.78 -8.55 10.69
C LEU A 62 4.66 -8.77 11.70
N GLN A 63 3.46 -8.34 11.33
CA GLN A 63 2.30 -8.49 12.20
C GLN A 63 2.02 -9.96 12.50
N GLU A 64 2.54 -10.83 11.64
CA GLU A 64 2.35 -12.27 11.80
C GLU A 64 2.75 -12.72 13.22
N LYS A 65 3.76 -12.05 13.77
CA LYS A 65 4.23 -12.38 15.11
C LYS A 65 3.99 -11.21 16.06
N GLN A 66 4.02 -10.00 15.53
CA GLN A 66 3.81 -8.81 16.34
C GLN A 66 2.51 -8.91 17.14
N LYS A 67 1.40 -9.03 16.43
CA LYS A 67 0.09 -9.14 17.07
C LYS A 67 -0.02 -10.44 17.85
N PRO A 68 -0.87 -10.45 18.88
CA PRO A 68 -1.10 -11.63 19.72
C PRO A 68 -1.85 -12.74 18.98
N GLY A 1 4.49 0.94 10.59
CA GLY A 1 3.71 2.12 10.25
C GLY A 1 3.64 2.34 8.75
N PRO A 2 2.87 3.36 8.33
CA PRO A 2 2.69 3.70 6.91
C PRO A 2 3.96 4.29 6.30
N ARG A 3 4.91 3.42 5.98
CA ARG A 3 6.17 3.86 5.39
C ARG A 3 7.02 2.66 4.96
N LYS A 4 7.68 2.78 3.82
CA LYS A 4 8.53 1.71 3.31
C LYS A 4 9.89 2.25 2.87
N ASN A 5 9.88 3.42 2.24
CA ASN A 5 11.11 4.04 1.78
C ASN A 5 11.02 5.57 1.86
N ARG A 6 10.18 6.14 1.01
CA ARG A 6 10.00 7.59 1.00
C ARG A 6 8.85 7.98 0.07
N ARG A 7 8.63 9.28 -0.08
CA ARG A 7 7.56 9.79 -0.93
C ARG A 7 6.20 9.35 -0.41
N GLU A 8 5.74 10.01 0.65
CA GLU A 8 4.44 9.69 1.24
C GLU A 8 3.45 10.82 1.02
N ARG A 9 2.16 10.51 1.16
CA ARG A 9 1.10 11.50 0.97
C ARG A 9 1.26 12.64 1.96
N THR A 10 1.78 12.34 3.14
CA THR A 10 1.97 13.34 4.19
C THR A 10 2.66 12.75 5.40
N THR A 11 2.73 13.53 6.48
CA THR A 11 3.37 13.08 7.71
C THR A 11 2.88 11.68 8.10
N TYR A 12 1.56 11.53 8.22
CA TYR A 12 0.97 10.25 8.58
C TYR A 12 -0.51 10.21 8.23
N SER A 13 -0.85 9.43 7.21
CA SER A 13 -2.23 9.31 6.77
C SER A 13 -2.59 7.85 6.49
N ARG A 14 -3.88 7.57 6.34
CA ARG A 14 -4.35 6.21 6.07
C ARG A 14 -4.19 5.87 4.59
N GLN A 15 -4.09 6.90 3.75
CA GLN A 15 -3.93 6.71 2.32
C GLN A 15 -2.81 5.73 2.02
N GLN A 16 -1.65 5.97 2.63
CA GLN A 16 -0.48 5.12 2.42
C GLN A 16 -0.82 3.66 2.74
N LEU A 17 -1.71 3.46 3.70
CA LEU A 17 -2.12 2.12 4.10
C LEU A 17 -3.32 1.65 3.29
N GLU A 18 -3.92 2.57 2.54
CA GLU A 18 -5.08 2.25 1.72
C GLU A 18 -4.67 1.44 0.50
N ILE A 19 -3.54 1.81 -0.10
CA ILE A 19 -3.03 1.12 -1.28
C ILE A 19 -3.12 -0.39 -1.10
N LEU A 20 -2.84 -0.87 0.10
CA LEU A 20 -2.89 -2.29 0.39
C LEU A 20 -4.25 -2.69 0.97
N GLU A 21 -4.58 -2.12 2.12
CA GLU A 21 -5.85 -2.40 2.77
C GLU A 21 -6.99 -2.41 1.76
N THR A 22 -6.84 -1.62 0.70
CA THR A 22 -7.86 -1.54 -0.34
C THR A 22 -7.59 -2.55 -1.46
N LEU A 23 -6.38 -2.50 -2.01
CA LEU A 23 -6.00 -3.41 -3.09
C LEU A 23 -5.83 -4.84 -2.56
N PHE A 24 -4.84 -5.02 -1.69
CA PHE A 24 -4.57 -6.34 -1.11
C PHE A 24 -5.86 -7.01 -0.67
N ASN A 25 -6.80 -6.22 -0.18
CA ASN A 25 -8.08 -6.74 0.28
C ASN A 25 -8.98 -7.10 -0.90
N GLU A 26 -9.04 -6.20 -1.88
CA GLU A 26 -9.86 -6.42 -3.07
C GLU A 26 -9.53 -7.77 -3.72
N THR A 27 -8.24 -8.03 -3.89
CA THR A 27 -7.80 -9.28 -4.49
C THR A 27 -6.27 -9.35 -4.55
N GLN A 28 -5.75 -10.52 -4.91
CA GLN A 28 -4.31 -10.71 -5.00
C GLN A 28 -3.84 -10.62 -6.46
N TYR A 29 -4.34 -9.60 -7.16
CA TYR A 29 -3.97 -9.40 -8.56
C TYR A 29 -3.15 -8.12 -8.73
N PRO A 30 -1.85 -8.20 -8.38
CA PRO A 30 -0.94 -7.07 -8.47
C PRO A 30 -0.62 -6.71 -9.92
N ASP A 31 -1.55 -6.02 -10.57
CA ASP A 31 -1.38 -5.61 -11.95
C ASP A 31 -1.60 -4.10 -12.11
N VAL A 32 -1.35 -3.59 -13.31
CA VAL A 32 -1.52 -2.17 -13.59
C VAL A 32 -2.91 -1.69 -13.17
N PHE A 33 -3.93 -2.48 -13.50
CA PHE A 33 -5.30 -2.14 -13.16
C PHE A 33 -5.45 -1.90 -11.66
N ALA A 34 -4.54 -2.48 -10.88
CA ALA A 34 -4.57 -2.34 -9.43
C ALA A 34 -3.81 -1.09 -8.99
N ARG A 35 -2.50 -1.08 -9.25
CA ARG A 35 -1.67 0.04 -8.87
C ARG A 35 -2.19 1.34 -9.47
N GLU A 36 -2.54 1.29 -10.76
CA GLU A 36 -3.06 2.46 -11.45
C GLU A 36 -4.36 2.95 -10.81
N ARG A 37 -5.05 2.03 -10.15
CA ARG A 37 -6.32 2.36 -9.50
C ARG A 37 -6.07 3.06 -8.16
N VAL A 38 -5.44 2.36 -7.23
CA VAL A 38 -5.14 2.92 -5.92
C VAL A 38 -4.39 4.23 -6.05
N ALA A 39 -3.69 4.41 -7.16
CA ALA A 39 -2.92 5.62 -7.41
C ALA A 39 -3.81 6.86 -7.31
N ASP A 40 -5.09 6.69 -7.64
CA ASP A 40 -6.04 7.80 -7.59
C ASP A 40 -6.61 7.96 -6.19
N GLN A 41 -6.44 6.93 -5.37
CA GLN A 41 -6.94 6.96 -4.00
C GLN A 41 -6.03 7.79 -3.09
N ILE A 42 -4.74 7.48 -3.12
CA ILE A 42 -3.76 8.20 -2.31
C ILE A 42 -3.18 9.38 -3.07
N ARG A 43 -3.54 9.50 -4.34
CA ARG A 43 -3.06 10.59 -5.18
C ARG A 43 -1.57 10.44 -5.46
N LEU A 44 -1.19 9.30 -6.02
CA LEU A 44 0.21 9.03 -6.34
C LEU A 44 0.35 8.37 -7.70
N GLN A 45 1.56 8.35 -8.23
CA GLN A 45 1.82 7.75 -9.54
C GLN A 45 1.35 6.30 -9.57
N GLU A 46 1.01 5.83 -10.76
CA GLU A 46 0.54 4.46 -10.93
C GLU A 46 1.68 3.46 -10.76
N SER A 47 2.85 3.80 -11.32
CA SER A 47 4.02 2.93 -11.23
C SER A 47 4.75 3.17 -9.91
N ARG A 48 4.53 4.32 -9.32
CA ARG A 48 5.19 4.67 -8.05
C ARG A 48 4.49 3.99 -6.89
N ILE A 49 3.16 4.04 -6.88
CA ILE A 49 2.38 3.43 -5.81
C ILE A 49 2.77 1.97 -5.62
N GLN A 50 3.33 1.36 -6.66
CA GLN A 50 3.74 -0.03 -6.61
C GLN A 50 4.73 -0.26 -5.47
N VAL A 51 5.68 0.66 -5.32
CA VAL A 51 6.69 0.57 -4.28
C VAL A 51 6.05 0.63 -2.89
N TRP A 52 4.97 1.40 -2.79
CA TRP A 52 4.27 1.54 -1.52
C TRP A 52 3.28 0.40 -1.29
N PHE A 53 2.93 -0.29 -2.38
CA PHE A 53 2.00 -1.40 -2.30
C PHE A 53 2.51 -2.48 -1.35
N LYS A 54 3.81 -2.45 -1.08
CA LYS A 54 4.44 -3.42 -0.19
C LYS A 54 4.39 -2.94 1.26
N ASN A 55 4.14 -1.64 1.44
CA ASN A 55 4.07 -1.05 2.77
C ASN A 55 3.36 -1.99 3.74
N ARG A 56 2.06 -2.16 3.55
CA ARG A 56 1.26 -3.03 4.41
C ARG A 56 1.31 -4.47 3.91
N ARG A 57 1.22 -4.64 2.59
CA ARG A 57 1.25 -5.96 1.99
C ARG A 57 2.41 -6.79 2.55
N ALA A 58 3.49 -6.12 2.91
CA ALA A 58 4.66 -6.78 3.46
C ALA A 58 4.56 -6.94 4.97
N LYS A 59 3.92 -5.96 5.62
CA LYS A 59 3.75 -5.98 7.06
C LYS A 59 3.03 -7.25 7.51
N TYR A 60 2.31 -7.87 6.57
CA TYR A 60 1.57 -9.10 6.87
C TYR A 60 2.47 -10.12 7.56
N ARG A 61 3.76 -10.06 7.27
CA ARG A 61 4.72 -10.98 7.85
C ARG A 61 5.06 -10.56 9.28
N LEU A 62 5.19 -9.26 9.50
CA LEU A 62 5.52 -8.72 10.82
C LEU A 62 4.39 -9.00 11.81
N GLN A 63 3.16 -8.71 11.38
CA GLN A 63 1.99 -8.92 12.22
C GLN A 63 1.88 -10.39 12.64
N GLU A 64 2.41 -11.27 11.80
CA GLU A 64 2.36 -12.70 12.07
C GLU A 64 3.12 -13.05 13.35
N LYS A 65 4.41 -12.74 13.36
CA LYS A 65 5.25 -13.01 14.52
C LYS A 65 4.71 -12.32 15.77
N GLN A 66 4.19 -11.10 15.58
CA GLN A 66 3.63 -10.33 16.68
C GLN A 66 2.56 -11.13 17.41
N LYS A 67 1.51 -11.51 16.67
CA LYS A 67 0.40 -12.26 17.24
C LYS A 67 0.92 -13.52 17.93
N PRO A 68 0.10 -14.07 18.85
CA PRO A 68 0.45 -15.29 19.59
C PRO A 68 0.46 -16.53 18.71
N GLY A 1 1.68 2.71 10.89
CA GLY A 1 2.96 3.25 10.45
C GLY A 1 3.08 3.27 8.94
N PRO A 2 2.33 4.18 8.30
CA PRO A 2 2.34 4.33 6.84
C PRO A 2 3.66 4.90 6.32
N ARG A 3 4.62 4.01 6.09
CA ARG A 3 5.93 4.42 5.59
C ARG A 3 6.84 3.21 5.38
N LYS A 4 6.95 2.76 4.14
CA LYS A 4 7.78 1.61 3.81
C LYS A 4 9.26 2.00 3.77
N ASN A 5 9.52 3.28 3.52
CA ASN A 5 10.89 3.78 3.46
C ASN A 5 10.93 5.29 3.69
N ARG A 6 10.22 6.03 2.85
CA ARG A 6 10.16 7.48 2.95
C ARG A 6 8.73 7.98 2.95
N ARG A 7 8.56 9.29 2.84
CA ARG A 7 7.23 9.90 2.83
C ARG A 7 6.66 9.92 1.42
N GLU A 8 5.34 9.98 1.32
CA GLU A 8 4.66 10.01 0.04
C GLU A 8 3.54 11.04 0.03
N ARG A 9 2.42 10.70 0.66
CA ARG A 9 1.28 11.59 0.73
C ARG A 9 1.47 12.65 1.82
N THR A 10 2.04 12.23 2.94
CA THR A 10 2.28 13.13 4.06
C THR A 10 3.03 12.43 5.19
N THR A 11 3.21 13.12 6.30
CA THR A 11 3.92 12.56 7.45
C THR A 11 3.36 11.19 7.81
N TYR A 12 2.04 11.13 7.98
CA TYR A 12 1.38 9.87 8.33
C TYR A 12 -0.11 9.95 8.05
N SER A 13 -0.55 9.21 7.03
CA SER A 13 -1.96 9.19 6.65
C SER A 13 -2.42 7.77 6.35
N ARG A 14 -3.73 7.60 6.19
CA ARG A 14 -4.31 6.29 5.90
C ARG A 14 -4.17 5.96 4.42
N GLN A 15 -3.95 6.98 3.60
CA GLN A 15 -3.80 6.79 2.16
C GLN A 15 -2.68 5.80 1.85
N GLN A 16 -1.51 6.05 2.44
CA GLN A 16 -0.36 5.18 2.23
C GLN A 16 -0.69 3.73 2.57
N LEU A 17 -1.57 3.55 3.55
CA LEU A 17 -1.98 2.21 3.98
C LEU A 17 -3.19 1.73 3.18
N GLU A 18 -3.80 2.66 2.44
CA GLU A 18 -4.97 2.32 1.64
C GLU A 18 -4.58 1.49 0.41
N ILE A 19 -3.47 1.86 -0.21
CA ILE A 19 -2.98 1.15 -1.39
C ILE A 19 -3.07 -0.36 -1.19
N LEU A 20 -2.76 -0.81 0.02
CA LEU A 20 -2.80 -2.23 0.34
C LEU A 20 -4.14 -2.62 0.94
N GLU A 21 -4.46 -2.03 2.09
CA GLU A 21 -5.72 -2.31 2.78
C GLU A 21 -6.88 -2.34 1.78
N THR A 22 -6.75 -1.56 0.71
CA THR A 22 -7.78 -1.50 -0.32
C THR A 22 -7.54 -2.53 -1.42
N LEU A 23 -6.33 -2.50 -1.98
CA LEU A 23 -5.97 -3.43 -3.04
C LEU A 23 -5.77 -4.85 -2.49
N PHE A 24 -4.76 -5.01 -1.64
CA PHE A 24 -4.47 -6.30 -1.04
C PHE A 24 -5.75 -6.98 -0.56
N ASN A 25 -6.68 -6.18 -0.06
CA ASN A 25 -7.95 -6.70 0.43
C ASN A 25 -8.91 -6.99 -0.72
N GLU A 26 -8.96 -6.08 -1.67
CA GLU A 26 -9.83 -6.23 -2.84
C GLU A 26 -9.60 -7.58 -3.51
N THR A 27 -8.34 -7.91 -3.74
CA THR A 27 -7.98 -9.17 -4.38
C THR A 27 -6.47 -9.33 -4.48
N GLN A 28 -6.03 -10.51 -4.90
CA GLN A 28 -4.60 -10.79 -5.03
C GLN A 28 -4.16 -10.69 -6.49
N TYR A 29 -4.62 -9.65 -7.17
CA TYR A 29 -4.28 -9.45 -8.57
C TYR A 29 -3.39 -8.21 -8.74
N PRO A 30 -2.10 -8.36 -8.41
CA PRO A 30 -1.12 -7.27 -8.51
C PRO A 30 -0.81 -6.92 -9.97
N ASP A 31 -1.72 -6.18 -10.60
CA ASP A 31 -1.54 -5.77 -11.98
C ASP A 31 -1.76 -4.27 -12.13
N VAL A 32 -1.52 -3.76 -13.34
CA VAL A 32 -1.70 -2.34 -13.62
C VAL A 32 -3.09 -1.87 -13.20
N PHE A 33 -4.10 -2.66 -13.51
CA PHE A 33 -5.48 -2.32 -13.16
C PHE A 33 -5.61 -2.06 -11.66
N ALA A 34 -4.69 -2.63 -10.89
CA ALA A 34 -4.70 -2.47 -9.44
C ALA A 34 -3.95 -1.20 -9.02
N ARG A 35 -2.65 -1.18 -9.28
CA ARG A 35 -1.82 -0.03 -8.94
C ARG A 35 -2.38 1.25 -9.56
N GLU A 36 -2.74 1.16 -10.84
CA GLU A 36 -3.29 2.32 -11.54
C GLU A 36 -4.58 2.80 -10.89
N ARG A 37 -5.25 1.89 -10.19
CA ARG A 37 -6.50 2.23 -9.51
C ARG A 37 -6.23 2.96 -8.20
N VAL A 38 -5.57 2.29 -7.27
CA VAL A 38 -5.25 2.88 -5.98
C VAL A 38 -4.49 4.19 -6.14
N ALA A 39 -3.84 4.36 -7.29
CA ALA A 39 -3.08 5.56 -7.57
C ALA A 39 -3.97 6.80 -7.46
N ASP A 40 -5.26 6.63 -7.74
CA ASP A 40 -6.21 7.73 -7.67
C ASP A 40 -6.73 7.91 -6.26
N GLN A 41 -6.54 6.88 -5.43
CA GLN A 41 -7.00 6.92 -4.05
C GLN A 41 -6.07 7.77 -3.18
N ILE A 42 -4.77 7.47 -3.25
CA ILE A 42 -3.78 8.21 -2.47
C ILE A 42 -3.22 9.39 -3.28
N ARG A 43 -3.61 9.46 -4.54
CA ARG A 43 -3.16 10.54 -5.41
C ARG A 43 -1.66 10.39 -5.73
N LEU A 44 -1.30 9.25 -6.31
CA LEU A 44 0.09 8.99 -6.65
C LEU A 44 0.19 8.29 -8.01
N GLN A 45 1.39 8.29 -8.58
CA GLN A 45 1.61 7.65 -9.87
C GLN A 45 1.19 6.19 -9.85
N GLU A 46 0.79 5.67 -11.01
CA GLU A 46 0.36 4.28 -11.12
C GLU A 46 1.54 3.33 -10.93
N SER A 47 2.66 3.66 -11.56
CA SER A 47 3.86 2.82 -11.47
C SER A 47 4.60 3.08 -10.16
N ARG A 48 4.40 4.28 -9.61
CA ARG A 48 5.06 4.66 -8.36
C ARG A 48 4.38 3.98 -7.17
N ILE A 49 3.05 4.01 -7.15
CA ILE A 49 2.29 3.40 -6.07
C ILE A 49 2.68 1.93 -5.89
N GLN A 50 3.23 1.34 -6.94
CA GLN A 50 3.63 -0.06 -6.90
C GLN A 50 4.66 -0.29 -5.80
N VAL A 51 5.61 0.62 -5.68
CA VAL A 51 6.66 0.51 -4.67
C VAL A 51 6.07 0.62 -3.26
N TRP A 52 4.99 1.39 -3.14
CA TRP A 52 4.34 1.58 -1.86
C TRP A 52 3.36 0.45 -1.57
N PHE A 53 2.96 -0.26 -2.62
CA PHE A 53 2.03 -1.38 -2.47
C PHE A 53 2.57 -2.43 -1.52
N LYS A 54 3.88 -2.39 -1.28
CA LYS A 54 4.53 -3.34 -0.38
C LYS A 54 4.51 -2.83 1.06
N ASN A 55 4.25 -1.53 1.21
CA ASN A 55 4.19 -0.92 2.53
C ASN A 55 3.51 -1.84 3.54
N ARG A 56 2.21 -2.02 3.39
CA ARG A 56 1.44 -2.87 4.28
C ARG A 56 1.48 -4.32 3.81
N ARG A 57 1.38 -4.51 2.49
CA ARG A 57 1.41 -5.85 1.91
C ARG A 57 2.58 -6.66 2.46
N ALA A 58 3.66 -5.97 2.80
CA ALA A 58 4.86 -6.63 3.33
C ALA A 58 4.77 -6.75 4.84
N LYS A 59 4.13 -5.77 5.48
CA LYS A 59 3.99 -5.78 6.93
C LYS A 59 3.28 -7.04 7.41
N TYR A 60 2.54 -7.67 6.51
CA TYR A 60 1.81 -8.90 6.83
C TYR A 60 2.72 -9.90 7.52
N ARG A 61 4.01 -9.85 7.20
CA ARG A 61 4.99 -10.76 7.79
C ARG A 61 5.32 -10.34 9.21
N LEU A 62 5.46 -9.03 9.43
CA LEU A 62 5.78 -8.50 10.75
C LEU A 62 4.67 -8.80 11.75
N GLN A 63 3.42 -8.60 11.32
CA GLN A 63 2.27 -8.86 12.17
C GLN A 63 2.03 -10.35 12.34
N GLU A 64 2.56 -11.14 11.41
CA GLU A 64 2.41 -12.59 11.46
C GLU A 64 2.86 -13.13 12.81
N LYS A 65 3.83 -12.47 13.41
CA LYS A 65 4.36 -12.88 14.70
C LYS A 65 3.79 -12.03 15.84
N GLN A 66 3.39 -10.81 15.50
CA GLN A 66 2.82 -9.89 16.47
C GLN A 66 1.46 -10.37 16.94
N LYS A 67 0.50 -10.43 16.02
CA LYS A 67 -0.84 -10.88 16.34
C LYS A 67 -1.05 -12.33 15.94
N PRO A 68 -2.01 -13.00 16.60
CA PRO A 68 -2.32 -14.41 16.33
C PRO A 68 -3.00 -14.59 14.97
N GLY A 1 4.78 2.14 10.54
CA GLY A 1 3.84 3.15 10.09
C GLY A 1 3.72 3.19 8.58
N PRO A 2 2.89 4.12 8.07
CA PRO A 2 2.68 4.29 6.63
C PRO A 2 3.90 4.87 5.93
N ARG A 3 4.90 4.03 5.70
CA ARG A 3 6.13 4.46 5.04
C ARG A 3 7.06 3.26 4.80
N LYS A 4 7.45 3.07 3.55
CA LYS A 4 8.34 1.98 3.18
C LYS A 4 9.76 2.48 2.96
N ASN A 5 9.90 3.79 2.74
CA ASN A 5 11.20 4.39 2.51
C ASN A 5 11.18 5.88 2.87
N ARG A 6 10.43 6.66 2.10
CA ARG A 6 10.32 8.09 2.32
C ARG A 6 9.38 8.74 1.32
N ARG A 7 9.16 10.04 1.47
CA ARG A 7 8.28 10.77 0.57
C ARG A 7 6.90 10.11 0.51
N GLU A 8 6.00 10.53 1.39
CA GLU A 8 4.65 9.99 1.43
C GLU A 8 3.62 11.06 1.12
N ARG A 9 2.34 10.68 1.19
CA ARG A 9 1.25 11.61 0.91
C ARG A 9 1.33 12.82 1.85
N THR A 10 1.77 12.58 3.07
CA THR A 10 1.88 13.66 4.06
C THR A 10 2.53 13.15 5.35
N THR A 11 2.52 13.98 6.38
CA THR A 11 3.11 13.62 7.66
C THR A 11 2.65 12.25 8.11
N TYR A 12 1.34 12.05 8.15
CA TYR A 12 0.76 10.77 8.56
C TYR A 12 -0.68 10.64 8.09
N SER A 13 -0.90 9.79 7.10
CA SER A 13 -2.23 9.57 6.55
C SER A 13 -2.50 8.09 6.31
N ARG A 14 -3.77 7.73 6.20
CA ARG A 14 -4.15 6.34 5.97
C ARG A 14 -3.99 5.97 4.50
N GLN A 15 -3.94 6.98 3.64
CA GLN A 15 -3.79 6.76 2.21
C GLN A 15 -2.66 5.79 1.91
N GLN A 16 -1.50 6.04 2.52
CA GLN A 16 -0.34 5.19 2.32
C GLN A 16 -0.66 3.73 2.66
N LEU A 17 -1.54 3.55 3.64
CA LEU A 17 -1.93 2.21 4.06
C LEU A 17 -3.15 1.73 3.26
N GLU A 18 -3.75 2.64 2.51
CA GLU A 18 -4.92 2.30 1.70
C GLU A 18 -4.51 1.48 0.48
N ILE A 19 -3.40 1.84 -0.12
CA ILE A 19 -2.90 1.13 -1.30
C ILE A 19 -2.99 -0.38 -1.11
N LEU A 20 -2.70 -0.83 0.10
CA LEU A 20 -2.76 -2.26 0.41
C LEU A 20 -4.11 -2.64 1.00
N GLU A 21 -4.43 -2.06 2.15
CA GLU A 21 -5.71 -2.33 2.83
C GLU A 21 -6.86 -2.35 1.82
N THR A 22 -6.70 -1.58 0.75
CA THR A 22 -7.73 -1.50 -0.29
C THR A 22 -7.48 -2.52 -1.39
N LEU A 23 -6.26 -2.52 -1.92
CA LEU A 23 -5.89 -3.44 -2.98
C LEU A 23 -5.72 -4.86 -2.44
N PHE A 24 -4.73 -5.03 -1.57
CA PHE A 24 -4.46 -6.33 -0.97
C PHE A 24 -5.75 -7.00 -0.50
N ASN A 25 -6.68 -6.19 -0.03
CA ASN A 25 -7.96 -6.70 0.45
C ASN A 25 -8.91 -6.97 -0.72
N GLU A 26 -8.94 -6.07 -1.69
CA GLU A 26 -9.79 -6.21 -2.86
C GLU A 26 -9.58 -7.56 -3.53
N THR A 27 -8.31 -7.93 -3.72
CA THR A 27 -7.97 -9.20 -4.35
C THR A 27 -6.45 -9.38 -4.42
N GLN A 28 -6.03 -10.55 -4.89
CA GLN A 28 -4.61 -10.85 -5.01
C GLN A 28 -4.16 -10.77 -6.46
N TYR A 29 -4.63 -9.75 -7.16
CA TYR A 29 -4.27 -9.56 -8.57
C TYR A 29 -3.41 -8.31 -8.74
N PRO A 30 -2.12 -8.45 -8.42
CA PRO A 30 -1.15 -7.34 -8.54
C PRO A 30 -0.86 -6.98 -10.00
N ASP A 31 -1.79 -6.26 -10.61
CA ASP A 31 -1.63 -5.84 -12.00
C ASP A 31 -1.84 -4.34 -12.15
N VAL A 32 -1.64 -3.83 -13.35
CA VAL A 32 -1.81 -2.41 -13.63
C VAL A 32 -3.17 -1.92 -13.15
N PHE A 33 -4.21 -2.70 -13.42
CA PHE A 33 -5.56 -2.35 -13.02
C PHE A 33 -5.63 -2.09 -11.52
N ALA A 34 -4.70 -2.68 -10.78
CA ALA A 34 -4.65 -2.51 -9.33
C ALA A 34 -3.87 -1.26 -8.94
N ARG A 35 -2.57 -1.26 -9.25
CA ARG A 35 -1.71 -0.13 -8.93
C ARG A 35 -2.28 1.17 -9.52
N GLU A 36 -2.72 1.09 -10.77
CA GLU A 36 -3.28 2.26 -11.45
C GLU A 36 -4.55 2.74 -10.75
N ARG A 37 -5.21 1.82 -10.04
CA ARG A 37 -6.44 2.16 -9.32
C ARG A 37 -6.12 2.89 -8.03
N VAL A 38 -5.43 2.21 -7.11
CA VAL A 38 -5.07 2.80 -5.83
C VAL A 38 -4.35 4.13 -6.02
N ALA A 39 -3.70 4.28 -7.16
CA ALA A 39 -2.96 5.50 -7.47
C ALA A 39 -3.88 6.72 -7.40
N ASP A 40 -5.16 6.52 -7.68
CA ASP A 40 -6.13 7.59 -7.66
C ASP A 40 -6.68 7.80 -6.24
N GLN A 41 -6.46 6.80 -5.38
CA GLN A 41 -6.94 6.87 -4.01
C GLN A 41 -6.01 7.74 -3.15
N ILE A 42 -4.72 7.42 -3.19
CA ILE A 42 -3.73 8.18 -2.42
C ILE A 42 -3.18 9.35 -3.23
N ARG A 43 -3.58 9.42 -4.49
CA ARG A 43 -3.13 10.50 -5.38
C ARG A 43 -1.64 10.37 -5.67
N LEU A 44 -1.26 9.26 -6.31
CA LEU A 44 0.14 9.02 -6.65
C LEU A 44 0.25 8.31 -7.99
N GLN A 45 1.46 8.28 -8.55
CA GLN A 45 1.70 7.63 -9.83
C GLN A 45 1.27 6.16 -9.78
N GLU A 46 0.89 5.62 -10.93
CA GLU A 46 0.46 4.24 -11.02
C GLU A 46 1.65 3.28 -10.86
N SER A 47 2.79 3.68 -11.40
CA SER A 47 4.00 2.87 -11.32
C SER A 47 4.73 3.10 -10.01
N ARG A 48 4.57 4.30 -9.45
CA ARG A 48 5.21 4.65 -8.19
C ARG A 48 4.53 3.95 -7.03
N ILE A 49 3.20 4.01 -7.00
CA ILE A 49 2.43 3.37 -5.94
C ILE A 49 2.82 1.91 -5.77
N GLN A 50 3.38 1.33 -6.82
CA GLN A 50 3.79 -0.07 -6.80
C GLN A 50 4.87 -0.30 -5.74
N VAL A 51 5.62 0.75 -5.43
CA VAL A 51 6.69 0.66 -4.43
C VAL A 51 6.11 0.68 -3.02
N TRP A 52 5.02 1.41 -2.84
CA TRP A 52 4.38 1.51 -1.54
C TRP A 52 3.40 0.36 -1.32
N PHE A 53 3.02 -0.30 -2.41
CA PHE A 53 2.09 -1.42 -2.34
C PHE A 53 2.62 -2.50 -1.39
N LYS A 54 3.92 -2.48 -1.16
CA LYS A 54 4.54 -3.46 -0.26
C LYS A 54 4.53 -2.97 1.18
N ASN A 55 4.30 -1.68 1.37
CA ASN A 55 4.25 -1.09 2.69
C ASN A 55 3.55 -2.01 3.68
N ARG A 56 2.23 -2.14 3.51
CA ARG A 56 1.42 -2.99 4.39
C ARG A 56 1.43 -4.43 3.89
N ARG A 57 1.36 -4.60 2.57
CA ARG A 57 1.35 -5.92 1.96
C ARG A 57 2.50 -6.77 2.52
N ALA A 58 3.58 -6.12 2.92
CA ALA A 58 4.73 -6.81 3.47
C ALA A 58 4.60 -7.00 4.97
N LYS A 59 3.98 -6.03 5.64
CA LYS A 59 3.79 -6.09 7.08
C LYS A 59 3.01 -7.34 7.48
N TYR A 60 2.26 -7.89 6.52
CA TYR A 60 1.47 -9.08 6.77
C TYR A 60 2.31 -10.18 7.42
N ARG A 61 3.60 -10.17 7.11
CA ARG A 61 4.52 -11.16 7.66
C ARG A 61 4.86 -10.84 9.12
N LEU A 62 5.03 -9.55 9.41
CA LEU A 62 5.35 -9.11 10.77
C LEU A 62 4.28 -9.54 11.76
N GLN A 63 3.02 -9.46 11.32
CA GLN A 63 1.90 -9.84 12.17
C GLN A 63 1.71 -11.35 12.18
N GLU A 64 2.16 -12.01 11.12
CA GLU A 64 2.03 -13.46 11.00
C GLU A 64 2.74 -14.16 12.16
N LYS A 65 4.04 -13.93 12.27
CA LYS A 65 4.85 -14.53 13.33
C LYS A 65 4.37 -14.05 14.70
N GLN A 66 3.82 -12.84 14.75
CA GLN A 66 3.33 -12.27 15.99
C GLN A 66 2.10 -13.02 16.49
N LYS A 67 1.10 -13.13 15.63
CA LYS A 67 -0.14 -13.82 15.97
C LYS A 67 0.08 -15.33 16.03
N PRO A 68 -0.84 -16.04 16.71
CA PRO A 68 -0.76 -17.50 16.84
C PRO A 68 -1.05 -18.21 15.53
N GLY A 1 4.30 3.89 10.65
CA GLY A 1 3.41 2.88 10.10
C GLY A 1 3.27 3.00 8.59
N PRO A 2 2.50 4.01 8.14
CA PRO A 2 2.27 4.24 6.71
C PRO A 2 3.52 4.74 6.00
N ARG A 3 4.44 3.82 5.71
CA ARG A 3 5.68 4.18 5.03
C ARG A 3 6.55 2.93 4.81
N LYS A 4 7.11 2.81 3.61
CA LYS A 4 7.96 1.68 3.28
C LYS A 4 9.43 2.06 3.33
N ASN A 5 9.71 3.35 3.17
CA ASN A 5 11.08 3.85 3.20
C ASN A 5 11.17 5.13 4.03
N ARG A 6 10.54 6.20 3.55
CA ARG A 6 10.57 7.48 4.24
C ARG A 6 9.53 8.43 3.66
N ARG A 7 9.39 8.40 2.34
CA ARG A 7 8.44 9.26 1.64
C ARG A 7 7.00 8.81 1.90
N GLU A 8 6.04 9.69 1.61
CA GLU A 8 4.64 9.37 1.82
C GLU A 8 3.76 10.53 1.38
N ARG A 9 2.46 10.28 1.29
CA ARG A 9 1.50 11.30 0.87
C ARG A 9 1.59 12.52 1.78
N THR A 10 2.00 12.31 3.02
CA THR A 10 2.13 13.38 4.00
C THR A 10 2.73 12.89 5.30
N THR A 11 2.72 13.75 6.32
CA THR A 11 3.26 13.39 7.62
C THR A 11 2.74 12.04 8.09
N TYR A 12 1.43 11.89 8.09
CA TYR A 12 0.80 10.63 8.51
C TYR A 12 -0.64 10.55 8.01
N SER A 13 -0.88 9.69 7.02
CA SER A 13 -2.21 9.51 6.46
C SER A 13 -2.51 8.04 6.23
N ARG A 14 -3.79 7.71 6.10
CA ARG A 14 -4.22 6.34 5.88
C ARG A 14 -4.07 5.97 4.40
N GLN A 15 -3.99 6.97 3.54
CA GLN A 15 -3.84 6.75 2.11
C GLN A 15 -2.71 5.79 1.82
N GLN A 16 -1.55 6.04 2.41
CA GLN A 16 -0.39 5.19 2.21
C GLN A 16 -0.71 3.74 2.55
N LEU A 17 -1.59 3.55 3.54
CA LEU A 17 -1.99 2.21 3.96
C LEU A 17 -3.19 1.72 3.17
N GLU A 18 -3.80 2.63 2.42
CA GLU A 18 -4.97 2.29 1.61
C GLU A 18 -4.57 1.46 0.40
N ILE A 19 -3.46 1.83 -0.22
CA ILE A 19 -2.96 1.12 -1.40
C ILE A 19 -3.04 -0.39 -1.21
N LEU A 20 -2.73 -0.83 0.01
CA LEU A 20 -2.77 -2.25 0.33
C LEU A 20 -4.12 -2.65 0.93
N GLU A 21 -4.45 -2.06 2.08
CA GLU A 21 -5.71 -2.35 2.76
C GLU A 21 -6.86 -2.37 1.76
N THR A 22 -6.72 -1.60 0.69
CA THR A 22 -7.75 -1.53 -0.34
C THR A 22 -7.51 -2.55 -1.44
N LEU A 23 -6.30 -2.53 -2.00
CA LEU A 23 -5.94 -3.47 -3.07
C LEU A 23 -5.74 -4.87 -2.51
N PHE A 24 -4.73 -5.04 -1.66
CA PHE A 24 -4.45 -6.33 -1.07
C PHE A 24 -5.72 -7.02 -0.59
N ASN A 25 -6.64 -6.22 -0.05
CA ASN A 25 -7.91 -6.75 0.45
C ASN A 25 -8.88 -7.00 -0.71
N GLU A 26 -8.92 -6.08 -1.65
CA GLU A 26 -9.81 -6.20 -2.81
C GLU A 26 -9.60 -7.54 -3.51
N THR A 27 -8.34 -7.90 -3.74
CA THR A 27 -8.01 -9.14 -4.41
C THR A 27 -6.49 -9.32 -4.55
N GLN A 28 -6.08 -10.51 -4.95
CA GLN A 28 -4.65 -10.80 -5.11
C GLN A 28 -4.25 -10.70 -6.58
N TYR A 29 -4.70 -9.64 -7.24
CA TYR A 29 -4.40 -9.43 -8.66
C TYR A 29 -3.50 -8.21 -8.83
N PRO A 30 -2.21 -8.37 -8.53
CA PRO A 30 -1.22 -7.29 -8.65
C PRO A 30 -0.93 -6.94 -10.10
N ASP A 31 -1.84 -6.18 -10.71
CA ASP A 31 -1.68 -5.76 -12.10
C ASP A 31 -1.90 -4.25 -12.25
N VAL A 32 -1.72 -3.75 -13.46
CA VAL A 32 -1.90 -2.33 -13.74
C VAL A 32 -3.26 -1.85 -13.25
N PHE A 33 -4.29 -2.65 -13.53
CA PHE A 33 -5.65 -2.29 -13.12
C PHE A 33 -5.72 -2.05 -11.61
N ALA A 34 -4.78 -2.63 -10.89
CA ALA A 34 -4.73 -2.48 -9.44
C ALA A 34 -3.95 -1.23 -9.04
N ARG A 35 -2.66 -1.22 -9.36
CA ARG A 35 -1.81 -0.09 -9.03
C ARG A 35 -2.37 1.21 -9.62
N GLU A 36 -2.80 1.15 -10.87
CA GLU A 36 -3.37 2.32 -11.54
C GLU A 36 -4.64 2.79 -10.84
N ARG A 37 -5.30 1.87 -10.15
CA ARG A 37 -6.53 2.18 -9.43
C ARG A 37 -6.22 2.92 -8.13
N VAL A 38 -5.53 2.23 -7.21
CA VAL A 38 -5.18 2.82 -5.93
C VAL A 38 -4.45 4.16 -6.12
N ALA A 39 -3.79 4.31 -7.26
CA ALA A 39 -3.06 5.53 -7.56
C ALA A 39 -3.97 6.75 -7.48
N ASP A 40 -5.25 6.55 -7.76
CA ASP A 40 -6.22 7.63 -7.73
C ASP A 40 -6.76 7.83 -6.31
N GLN A 41 -6.55 6.82 -5.46
CA GLN A 41 -7.02 6.89 -4.08
C GLN A 41 -6.09 7.75 -3.23
N ILE A 42 -4.80 7.43 -3.28
CA ILE A 42 -3.80 8.18 -2.52
C ILE A 42 -3.24 9.35 -3.32
N ARG A 43 -3.66 9.43 -4.58
CA ARG A 43 -3.21 10.50 -5.47
C ARG A 43 -1.72 10.37 -5.76
N LEU A 44 -1.33 9.26 -6.38
CA LEU A 44 0.06 9.00 -6.72
C LEU A 44 0.17 8.31 -8.07
N GLN A 45 1.39 8.29 -8.62
CA GLN A 45 1.63 7.64 -9.91
C GLN A 45 1.20 6.18 -9.88
N GLU A 46 0.78 5.67 -11.03
CA GLU A 46 0.34 4.29 -11.13
C GLU A 46 1.52 3.33 -10.97
N SER A 47 2.64 3.65 -11.63
CA SER A 47 3.84 2.83 -11.57
C SER A 47 4.61 3.09 -10.27
N ARG A 48 4.38 4.26 -9.68
CA ARG A 48 5.05 4.63 -8.45
C ARG A 48 4.40 3.96 -7.25
N ILE A 49 3.07 4.01 -7.20
CA ILE A 49 2.32 3.40 -6.10
C ILE A 49 2.72 1.94 -5.91
N GLN A 50 3.26 1.33 -6.96
CA GLN A 50 3.69 -0.06 -6.91
C GLN A 50 4.77 -0.26 -5.84
N VAL A 51 5.56 0.78 -5.60
CA VAL A 51 6.62 0.71 -4.61
C VAL A 51 6.06 0.76 -3.19
N TRP A 52 4.97 1.49 -3.02
CA TRP A 52 4.33 1.61 -1.72
C TRP A 52 3.36 0.45 -1.47
N PHE A 53 2.98 -0.23 -2.55
CA PHE A 53 2.06 -1.36 -2.46
C PHE A 53 2.60 -2.43 -1.51
N LYS A 54 3.91 -2.39 -1.27
CA LYS A 54 4.55 -3.35 -0.39
C LYS A 54 4.53 -2.85 1.07
N ASN A 55 4.28 -1.56 1.24
CA ASN A 55 4.23 -0.96 2.57
C ASN A 55 3.54 -1.90 3.55
N ARG A 56 2.23 -2.06 3.39
CA ARG A 56 1.45 -2.93 4.27
C ARG A 56 1.48 -4.37 3.78
N ARG A 57 1.38 -4.54 2.47
CA ARG A 57 1.39 -5.87 1.87
C ARG A 57 2.56 -6.69 2.41
N ALA A 58 3.65 -6.02 2.76
CA ALA A 58 4.83 -6.69 3.28
C ALA A 58 4.75 -6.83 4.80
N LYS A 59 4.12 -5.85 5.45
CA LYS A 59 3.97 -5.87 6.90
C LYS A 59 3.25 -7.13 7.36
N TYR A 60 2.51 -7.76 6.44
CA TYR A 60 1.79 -8.99 6.76
C TYR A 60 2.69 -9.99 7.45
N ARG A 61 3.98 -9.94 7.14
CA ARG A 61 4.95 -10.85 7.73
C ARG A 61 5.31 -10.42 9.15
N LEU A 62 5.47 -9.11 9.34
CA LEU A 62 5.81 -8.56 10.65
C LEU A 62 4.70 -8.82 11.65
N GLN A 63 3.47 -8.48 11.28
CA GLN A 63 2.32 -8.68 12.15
C GLN A 63 2.18 -10.15 12.54
N GLU A 64 2.65 -11.03 11.67
CA GLU A 64 2.58 -12.47 11.93
C GLU A 64 3.48 -12.86 13.11
N LYS A 65 4.75 -12.53 12.99
CA LYS A 65 5.71 -12.85 14.04
C LYS A 65 5.57 -11.89 15.22
N GLN A 66 4.77 -10.85 15.04
CA GLN A 66 4.55 -9.86 16.08
C GLN A 66 3.36 -10.26 16.95
N LYS A 67 2.17 -10.34 16.34
CA LYS A 67 0.96 -10.70 17.05
C LYS A 67 0.99 -12.18 17.45
N PRO A 68 0.21 -12.53 18.48
CA PRO A 68 0.12 -13.90 18.98
C PRO A 68 -0.58 -14.84 17.99
N GLY A 1 4.55 2.49 11.00
CA GLY A 1 3.51 3.32 10.43
C GLY A 1 3.49 3.25 8.90
N PRO A 2 2.69 4.14 8.29
CA PRO A 2 2.57 4.20 6.82
C PRO A 2 3.83 4.71 6.15
N ARG A 3 4.79 3.81 5.92
CA ARG A 3 6.05 4.17 5.29
C ARG A 3 6.84 2.94 4.90
N LYS A 4 7.60 3.03 3.82
CA LYS A 4 8.41 1.92 3.34
C LYS A 4 9.88 2.34 3.19
N ASN A 5 10.08 3.55 2.71
CA ASN A 5 11.43 4.07 2.51
C ASN A 5 11.47 5.59 2.70
N ARG A 6 10.96 6.04 3.83
CA ARG A 6 10.93 7.47 4.14
C ARG A 6 10.03 8.22 3.17
N ARG A 7 9.24 7.46 2.41
CA ARG A 7 8.32 8.05 1.44
C ARG A 7 6.86 7.84 1.86
N GLU A 8 6.06 8.89 1.75
CA GLU A 8 4.65 8.81 2.11
C GLU A 8 3.90 10.04 1.61
N ARG A 9 2.59 9.88 1.41
CA ARG A 9 1.75 10.97 0.93
C ARG A 9 1.87 12.19 1.83
N THR A 10 2.24 11.96 3.09
CA THR A 10 2.39 13.04 4.05
C THR A 10 2.90 12.51 5.39
N THR A 11 2.89 13.38 6.41
CA THR A 11 3.35 12.99 7.73
C THR A 11 2.76 11.65 8.16
N TYR A 12 1.44 11.59 8.25
CA TYR A 12 0.76 10.37 8.66
C TYR A 12 -0.67 10.35 8.14
N SER A 13 -0.93 9.51 7.13
CA SER A 13 -2.26 9.40 6.54
C SER A 13 -2.61 7.94 6.27
N ARG A 14 -3.90 7.68 6.10
CA ARG A 14 -4.37 6.33 5.84
C ARG A 14 -4.21 5.97 4.37
N GLN A 15 -4.08 6.99 3.53
CA GLN A 15 -3.90 6.80 2.09
C GLN A 15 -2.78 5.80 1.81
N GLN A 16 -1.62 6.04 2.41
CA GLN A 16 -0.47 5.16 2.23
C GLN A 16 -0.83 3.72 2.56
N LEU A 17 -1.71 3.54 3.53
CA LEU A 17 -2.14 2.21 3.94
C LEU A 17 -3.33 1.74 3.12
N GLU A 18 -3.94 2.66 2.38
CA GLU A 18 -5.09 2.33 1.54
C GLU A 18 -4.67 1.49 0.34
N ILE A 19 -3.55 1.87 -0.27
CA ILE A 19 -3.04 1.16 -1.44
C ILE A 19 -3.11 -0.35 -1.24
N LEU A 20 -2.83 -0.79 -0.02
CA LEU A 20 -2.86 -2.22 0.31
C LEU A 20 -4.21 -2.60 0.90
N GLU A 21 -4.54 -2.01 2.05
CA GLU A 21 -5.80 -2.30 2.72
C GLU A 21 -6.95 -2.34 1.71
N THR A 22 -6.81 -1.58 0.63
CA THR A 22 -7.84 -1.52 -0.40
C THR A 22 -7.57 -2.55 -1.50
N LEU A 23 -6.35 -2.53 -2.02
CA LEU A 23 -5.97 -3.47 -3.08
C LEU A 23 -5.72 -4.86 -2.52
N PHE A 24 -4.70 -4.98 -1.67
CA PHE A 24 -4.37 -6.26 -1.06
C PHE A 24 -5.62 -6.97 -0.56
N ASN A 25 -6.58 -6.20 -0.07
CA ASN A 25 -7.82 -6.75 0.45
C ASN A 25 -8.78 -7.09 -0.70
N GLU A 26 -8.87 -6.20 -1.67
CA GLU A 26 -9.74 -6.41 -2.83
C GLU A 26 -9.46 -7.76 -3.48
N THR A 27 -8.18 -8.04 -3.71
CA THR A 27 -7.77 -9.29 -4.33
C THR A 27 -6.25 -9.41 -4.40
N GLN A 28 -5.77 -10.56 -4.86
CA GLN A 28 -4.33 -10.80 -4.97
C GLN A 28 -3.88 -10.70 -6.43
N TYR A 29 -4.41 -9.73 -7.15
CA TYR A 29 -4.06 -9.54 -8.55
C TYR A 29 -3.26 -8.25 -8.74
N PRO A 30 -1.96 -8.31 -8.42
CA PRO A 30 -1.06 -7.16 -8.55
C PRO A 30 -0.78 -6.80 -10.00
N ASP A 31 -1.73 -6.12 -10.64
CA ASP A 31 -1.58 -5.72 -12.03
C ASP A 31 -1.82 -4.23 -12.19
N VAL A 32 -1.60 -3.73 -13.40
CA VAL A 32 -1.79 -2.31 -13.70
C VAL A 32 -3.18 -1.84 -13.25
N PHE A 33 -4.19 -2.64 -13.56
CA PHE A 33 -5.56 -2.30 -13.20
C PHE A 33 -5.68 -2.06 -11.70
N ALA A 34 -4.76 -2.62 -10.93
CA ALA A 34 -4.76 -2.47 -9.49
C ALA A 34 -4.02 -1.20 -9.07
N ARG A 35 -2.71 -1.18 -9.34
CA ARG A 35 -1.88 -0.03 -9.00
C ARG A 35 -2.44 1.25 -9.61
N GLU A 36 -2.81 1.18 -10.89
CA GLU A 36 -3.35 2.33 -11.59
C GLU A 36 -4.65 2.81 -10.93
N ARG A 37 -5.33 1.89 -10.24
CA ARG A 37 -6.58 2.22 -9.56
C ARG A 37 -6.31 2.95 -8.25
N VAL A 38 -5.64 2.28 -7.33
CA VAL A 38 -5.32 2.86 -6.02
C VAL A 38 -4.57 4.18 -6.19
N ALA A 39 -3.92 4.34 -7.34
CA ALA A 39 -3.16 5.56 -7.62
C ALA A 39 -4.05 6.79 -7.50
N ASP A 40 -5.34 6.62 -7.79
CA ASP A 40 -6.30 7.71 -7.72
C ASP A 40 -6.82 7.89 -6.30
N GLN A 41 -6.62 6.87 -5.47
CA GLN A 41 -7.08 6.91 -4.09
C GLN A 41 -6.15 7.77 -3.22
N ILE A 42 -4.86 7.47 -3.29
CA ILE A 42 -3.86 8.21 -2.52
C ILE A 42 -3.32 9.40 -3.32
N ARG A 43 -3.70 9.46 -4.59
CA ARG A 43 -3.25 10.54 -5.46
C ARG A 43 -1.76 10.41 -5.78
N LEU A 44 -1.39 9.27 -6.37
CA LEU A 44 0.00 9.01 -6.72
C LEU A 44 0.09 8.32 -8.07
N GLN A 45 1.29 8.32 -8.66
CA GLN A 45 1.51 7.69 -9.95
C GLN A 45 1.06 6.23 -9.93
N GLU A 46 0.68 5.72 -11.09
CA GLU A 46 0.22 4.34 -11.21
C GLU A 46 1.38 3.36 -11.04
N SER A 47 2.52 3.70 -11.65
CA SER A 47 3.69 2.84 -11.57
C SER A 47 4.48 3.12 -10.29
N ARG A 48 4.26 4.30 -9.72
CA ARG A 48 4.95 4.69 -8.49
C ARG A 48 4.29 4.04 -7.27
N ILE A 49 2.96 4.07 -7.23
CA ILE A 49 2.22 3.49 -6.12
C ILE A 49 2.62 2.04 -5.89
N GLN A 50 3.15 1.40 -6.93
CA GLN A 50 3.58 0.01 -6.85
C GLN A 50 4.62 -0.16 -5.73
N VAL A 51 5.55 0.78 -5.64
CA VAL A 51 6.59 0.72 -4.62
C VAL A 51 5.99 0.82 -3.22
N TRP A 52 4.89 1.55 -3.10
CA TRP A 52 4.21 1.72 -1.82
C TRP A 52 3.28 0.56 -1.53
N PHE A 53 2.92 -0.17 -2.58
CA PHE A 53 2.02 -1.31 -2.44
C PHE A 53 2.59 -2.33 -1.47
N LYS A 54 3.89 -2.25 -1.22
CA LYS A 54 4.55 -3.18 -0.31
C LYS A 54 4.49 -2.65 1.13
N ASN A 55 4.18 -1.37 1.27
CA ASN A 55 4.08 -0.76 2.59
C ASN A 55 3.40 -1.70 3.58
N ARG A 56 2.10 -1.89 3.41
CA ARG A 56 1.34 -2.77 4.29
C ARG A 56 1.42 -4.22 3.82
N ARG A 57 1.35 -4.41 2.50
CA ARG A 57 1.41 -5.75 1.92
C ARG A 57 2.59 -6.54 2.50
N ALA A 58 3.65 -5.83 2.85
CA ALA A 58 4.84 -6.46 3.42
C ALA A 58 4.72 -6.58 4.94
N LYS A 59 4.06 -5.62 5.56
CA LYS A 59 3.87 -5.63 7.00
C LYS A 59 3.19 -6.91 7.46
N TYR A 60 2.49 -7.56 6.54
CA TYR A 60 1.79 -8.80 6.86
C TYR A 60 2.70 -9.78 7.58
N ARG A 61 4.00 -9.70 7.28
CA ARG A 61 4.98 -10.58 7.92
C ARG A 61 5.30 -10.10 9.33
N LEU A 62 5.40 -8.79 9.51
CA LEU A 62 5.70 -8.23 10.82
C LEU A 62 4.56 -8.49 11.81
N GLN A 63 3.33 -8.48 11.30
CA GLN A 63 2.17 -8.74 12.14
C GLN A 63 1.95 -10.23 12.35
N GLU A 64 2.43 -11.03 11.40
CA GLU A 64 2.29 -12.48 11.48
C GLU A 64 2.82 -13.01 12.81
N LYS A 65 4.10 -12.78 13.05
CA LYS A 65 4.74 -13.23 14.29
C LYS A 65 4.16 -12.50 15.50
N GLN A 66 3.78 -11.24 15.29
CA GLN A 66 3.21 -10.43 16.36
C GLN A 66 2.04 -11.14 17.03
N LYS A 67 1.01 -11.42 16.25
CA LYS A 67 -0.18 -12.10 16.77
C LYS A 67 0.18 -13.51 17.24
N PRO A 68 -0.70 -14.08 18.09
CA PRO A 68 -0.51 -15.42 18.64
C PRO A 68 -0.66 -16.51 17.58
N GLY A 1 4.60 1.83 10.63
CA GLY A 1 3.74 2.91 10.18
C GLY A 1 3.61 2.96 8.67
N PRO A 2 2.80 3.91 8.17
CA PRO A 2 2.57 4.08 6.73
C PRO A 2 3.81 4.61 6.01
N ARG A 3 4.74 3.71 5.69
CA ARG A 3 5.97 4.09 5.01
C ARG A 3 6.80 2.86 4.65
N LYS A 4 7.50 2.93 3.52
CA LYS A 4 8.33 1.82 3.07
C LYS A 4 9.80 2.23 3.03
N ASN A 5 10.05 3.51 2.77
CA ASN A 5 11.41 4.04 2.70
C ASN A 5 11.40 5.55 2.51
N ARG A 6 11.08 5.98 1.29
CA ARG A 6 11.04 7.41 0.97
C ARG A 6 9.77 8.05 1.52
N ARG A 7 9.63 9.35 1.28
CA ARG A 7 8.47 10.08 1.77
C ARG A 7 7.17 9.45 1.25
N GLU A 8 6.04 10.00 1.69
CA GLU A 8 4.74 9.48 1.26
C GLU A 8 3.74 10.63 1.07
N ARG A 9 2.47 10.28 0.95
CA ARG A 9 1.42 11.27 0.76
C ARG A 9 1.51 12.37 1.82
N THR A 10 1.99 12.00 3.00
CA THR A 10 2.14 12.95 4.10
C THR A 10 2.78 12.31 5.32
N THR A 11 2.90 13.07 6.40
CA THR A 11 3.50 12.57 7.62
C THR A 11 2.90 11.22 8.02
N TYR A 12 1.58 11.22 8.25
CA TYR A 12 0.88 10.00 8.64
C TYR A 12 -0.58 10.06 8.21
N SER A 13 -0.92 9.27 7.20
CA SER A 13 -2.29 9.23 6.69
C SER A 13 -2.73 7.80 6.39
N ARG A 14 -4.02 7.60 6.20
CA ARG A 14 -4.56 6.28 5.92
C ARG A 14 -4.38 5.92 4.45
N GLN A 15 -4.18 6.94 3.62
CA GLN A 15 -4.00 6.74 2.19
C GLN A 15 -2.85 5.78 1.92
N GLN A 16 -1.69 6.05 2.54
CA GLN A 16 -0.52 5.20 2.36
C GLN A 16 -0.84 3.75 2.69
N LEU A 17 -1.72 3.55 3.66
CA LEU A 17 -2.11 2.19 4.07
C LEU A 17 -3.31 1.71 3.25
N GLU A 18 -3.93 2.62 2.51
CA GLU A 18 -5.08 2.28 1.67
C GLU A 18 -4.65 1.46 0.46
N ILE A 19 -3.54 1.86 -0.14
CA ILE A 19 -3.02 1.17 -1.33
C ILE A 19 -3.08 -0.35 -1.14
N LEU A 20 -2.79 -0.80 0.08
CA LEU A 20 -2.81 -2.22 0.37
C LEU A 20 -4.16 -2.64 0.96
N GLU A 21 -4.50 -2.07 2.12
CA GLU A 21 -5.77 -2.37 2.77
C GLU A 21 -6.91 -2.40 1.77
N THR A 22 -6.78 -1.62 0.71
CA THR A 22 -7.80 -1.55 -0.33
C THR A 22 -7.53 -2.56 -1.44
N LEU A 23 -6.31 -2.52 -1.98
CA LEU A 23 -5.93 -3.43 -3.06
C LEU A 23 -5.71 -4.85 -2.52
N PHE A 24 -4.70 -5.00 -1.66
CA PHE A 24 -4.39 -6.29 -1.08
C PHE A 24 -5.67 -7.00 -0.61
N ASN A 25 -6.62 -6.22 -0.10
CA ASN A 25 -7.88 -6.77 0.39
C ASN A 25 -8.82 -7.06 -0.78
N GLU A 26 -8.87 -6.14 -1.74
CA GLU A 26 -9.74 -6.30 -2.90
C GLU A 26 -9.48 -7.64 -3.59
N THR A 27 -8.21 -7.96 -3.80
CA THR A 27 -7.83 -9.20 -4.45
C THR A 27 -6.31 -9.37 -4.48
N GLN A 28 -5.85 -10.52 -4.96
CA GLN A 28 -4.42 -10.80 -5.05
C GLN A 28 -3.94 -10.69 -6.49
N TYR A 29 -4.41 -9.68 -7.20
CA TYR A 29 -4.02 -9.48 -8.59
C TYR A 29 -3.18 -8.22 -8.74
N PRO A 30 -1.89 -8.33 -8.39
CA PRO A 30 -0.94 -7.20 -8.47
C PRO A 30 -0.62 -6.83 -9.92
N ASP A 31 -1.54 -6.13 -10.56
CA ASP A 31 -1.35 -5.70 -11.95
C ASP A 31 -1.61 -4.21 -12.10
N VAL A 32 -1.38 -3.69 -13.31
CA VAL A 32 -1.59 -2.28 -13.59
C VAL A 32 -2.99 -1.84 -13.16
N PHE A 33 -3.98 -2.65 -13.49
CA PHE A 33 -5.37 -2.35 -13.15
C PHE A 33 -5.52 -2.10 -11.64
N ALA A 34 -4.59 -2.66 -10.87
CA ALA A 34 -4.61 -2.50 -9.42
C ALA A 34 -3.89 -1.23 -9.00
N ARG A 35 -2.58 -1.18 -9.25
CA ARG A 35 -1.77 -0.02 -8.89
C ARG A 35 -2.35 1.25 -9.50
N GLU A 36 -2.67 1.19 -10.79
CA GLU A 36 -3.24 2.33 -11.49
C GLU A 36 -4.53 2.80 -10.83
N ARG A 37 -5.20 1.88 -10.14
CA ARG A 37 -6.45 2.19 -9.46
C ARG A 37 -6.20 2.92 -8.15
N VAL A 38 -5.53 2.24 -7.23
CA VAL A 38 -5.23 2.83 -5.93
C VAL A 38 -4.51 4.16 -6.07
N ALA A 39 -3.83 4.34 -7.21
CA ALA A 39 -3.10 5.57 -7.48
C ALA A 39 -4.04 6.78 -7.38
N ASP A 40 -5.31 6.58 -7.69
CA ASP A 40 -6.30 7.64 -7.63
C ASP A 40 -6.85 7.81 -6.23
N GLN A 41 -6.63 6.81 -5.38
CA GLN A 41 -7.11 6.84 -4.01
C GLN A 41 -6.21 7.71 -3.14
N ILE A 42 -4.91 7.43 -3.18
CA ILE A 42 -3.94 8.19 -2.40
C ILE A 42 -3.41 9.39 -3.19
N ARG A 43 -3.82 9.48 -4.45
CA ARG A 43 -3.38 10.57 -5.32
C ARG A 43 -1.89 10.47 -5.62
N LEU A 44 -1.47 9.34 -6.19
CA LEU A 44 -0.08 9.11 -6.53
C LEU A 44 0.06 8.43 -7.88
N GLN A 45 1.27 8.42 -8.42
CA GLN A 45 1.53 7.79 -9.71
C GLN A 45 1.11 6.33 -9.70
N GLU A 46 0.80 5.79 -10.88
CA GLU A 46 0.39 4.41 -11.01
C GLU A 46 1.57 3.46 -10.83
N SER A 47 2.73 3.87 -11.35
CA SER A 47 3.94 3.06 -11.24
C SER A 47 4.63 3.28 -9.89
N ARG A 48 4.48 4.48 -9.36
CA ARG A 48 5.10 4.83 -8.07
C ARG A 48 4.40 4.09 -6.93
N ILE A 49 3.07 4.12 -6.94
CA ILE A 49 2.29 3.46 -5.90
C ILE A 49 2.68 1.99 -5.78
N GLN A 50 3.26 1.44 -6.84
CA GLN A 50 3.67 0.04 -6.85
C GLN A 50 4.70 -0.24 -5.75
N VAL A 51 5.64 0.69 -5.59
CA VAL A 51 6.67 0.55 -4.56
C VAL A 51 6.08 0.67 -3.16
N TRP A 52 5.01 1.44 -3.05
CA TRP A 52 4.35 1.64 -1.75
C TRP A 52 3.36 0.52 -1.47
N PHE A 53 2.96 -0.20 -2.52
CA PHE A 53 2.02 -1.30 -2.38
C PHE A 53 2.57 -2.36 -1.43
N LYS A 54 3.87 -2.33 -1.20
CA LYS A 54 4.52 -3.29 -0.32
C LYS A 54 4.49 -2.80 1.12
N ASN A 55 4.23 -1.52 1.30
CA ASN A 55 4.17 -0.93 2.64
C ASN A 55 3.48 -1.86 3.62
N ARG A 56 2.17 -2.01 3.46
CA ARG A 56 1.39 -2.88 4.34
C ARG A 56 1.42 -4.32 3.84
N ARG A 57 1.36 -4.49 2.52
CA ARG A 57 1.38 -5.81 1.92
C ARG A 57 2.50 -6.66 2.50
N ALA A 58 3.58 -6.00 2.90
CA ALA A 58 4.72 -6.70 3.49
C ALA A 58 4.57 -6.85 4.99
N LYS A 59 3.96 -5.85 5.63
CA LYS A 59 3.75 -5.87 7.07
C LYS A 59 3.00 -7.14 7.49
N TYR A 60 2.28 -7.73 6.54
CA TYR A 60 1.52 -8.95 6.81
C TYR A 60 2.38 -9.99 7.52
N ARG A 61 3.69 -9.95 7.24
CA ARG A 61 4.62 -10.90 7.84
C ARG A 61 4.98 -10.47 9.26
N LEU A 62 5.14 -9.16 9.45
CA LEU A 62 5.48 -8.62 10.77
C LEU A 62 4.36 -8.87 11.77
N GLN A 63 3.15 -8.47 11.40
CA GLN A 63 1.99 -8.66 12.27
C GLN A 63 1.73 -10.14 12.54
N GLU A 64 2.18 -10.98 11.62
CA GLU A 64 2.00 -12.42 11.76
C GLU A 64 2.49 -12.90 13.12
N LYS A 65 3.56 -12.28 13.62
CA LYS A 65 4.11 -12.65 14.92
C LYS A 65 3.86 -11.56 15.95
N GLN A 66 3.73 -10.32 15.47
CA GLN A 66 3.48 -9.19 16.35
C GLN A 66 2.23 -9.42 17.20
N LYS A 67 1.10 -9.59 16.52
CA LYS A 67 -0.17 -9.82 17.21
C LYS A 67 -0.53 -11.30 17.21
N PRO A 68 -1.35 -11.71 18.19
CA PRO A 68 -1.78 -13.10 18.33
C PRO A 68 -2.74 -13.52 17.23
N GLY A 1 4.94 0.61 9.59
CA GLY A 1 4.26 1.88 9.43
C GLY A 1 3.72 2.09 8.03
N PRO A 2 3.01 3.20 7.83
CA PRO A 2 2.43 3.55 6.52
C PRO A 2 3.49 3.92 5.50
N ARG A 3 4.74 4.06 5.96
CA ARG A 3 5.85 4.41 5.08
C ARG A 3 6.85 3.26 4.97
N LYS A 4 7.06 2.78 3.76
CA LYS A 4 7.98 1.68 3.51
C LYS A 4 9.39 2.21 3.29
N ASN A 5 9.49 3.43 2.79
CA ASN A 5 10.78 4.06 2.52
C ASN A 5 10.73 5.55 2.77
N ARG A 6 9.90 6.26 2.00
CA ARG A 6 9.76 7.70 2.14
C ARG A 6 8.28 8.09 2.22
N ARG A 7 8.02 9.39 2.14
CA ARG A 7 6.65 9.90 2.20
C ARG A 7 6.26 10.58 0.89
N GLU A 8 4.97 10.82 0.73
CA GLU A 8 4.46 11.47 -0.49
C GLU A 8 3.11 12.11 -0.24
N ARG A 9 2.24 11.40 0.49
CA ARG A 9 0.91 11.90 0.79
C ARG A 9 0.97 12.95 1.89
N THR A 10 1.62 12.61 3.00
CA THR A 10 1.75 13.52 4.13
C THR A 10 2.58 12.91 5.25
N THR A 11 2.71 13.63 6.36
CA THR A 11 3.48 13.15 7.50
C THR A 11 3.09 11.73 7.87
N TYR A 12 1.81 11.52 8.10
CA TYR A 12 1.30 10.19 8.47
C TYR A 12 -0.20 10.10 8.26
N SER A 13 -0.61 9.36 7.24
CA SER A 13 -2.02 9.19 6.92
C SER A 13 -2.33 7.74 6.58
N ARG A 14 -3.62 7.44 6.44
CA ARG A 14 -4.06 6.08 6.12
C ARG A 14 -3.91 5.81 4.62
N GLN A 15 -3.82 6.88 3.83
CA GLN A 15 -3.68 6.76 2.39
C GLN A 15 -2.58 5.76 2.03
N GLN A 16 -1.39 5.97 2.59
CA GLN A 16 -0.25 5.10 2.33
C GLN A 16 -0.60 3.65 2.65
N LEU A 17 -1.48 3.46 3.63
CA LEU A 17 -1.90 2.13 4.05
C LEU A 17 -3.12 1.67 3.25
N GLU A 18 -3.73 2.59 2.51
CA GLU A 18 -4.90 2.27 1.70
C GLU A 18 -4.50 1.44 0.48
N ILE A 19 -3.38 1.80 -0.14
CA ILE A 19 -2.90 1.09 -1.32
C ILE A 19 -3.01 -0.42 -1.13
N LEU A 20 -2.72 -0.88 0.08
CA LEU A 20 -2.77 -2.31 0.39
C LEU A 20 -4.13 -2.68 0.99
N GLU A 21 -4.43 -2.09 2.14
CA GLU A 21 -5.71 -2.36 2.82
C GLU A 21 -6.86 -2.37 1.82
N THR A 22 -6.71 -1.59 0.75
CA THR A 22 -7.74 -1.50 -0.28
C THR A 22 -7.51 -2.52 -1.38
N LEU A 23 -6.31 -2.50 -1.96
CA LEU A 23 -5.96 -3.42 -3.02
C LEU A 23 -5.80 -4.84 -2.48
N PHE A 24 -4.79 -5.04 -1.64
CA PHE A 24 -4.53 -6.35 -1.05
C PHE A 24 -5.83 -7.00 -0.58
N ASN A 25 -6.74 -6.18 -0.06
CA ASN A 25 -8.02 -6.69 0.43
C ASN A 25 -8.98 -6.96 -0.74
N GLU A 26 -9.03 -6.02 -1.67
CA GLU A 26 -9.90 -6.17 -2.84
C GLU A 26 -9.67 -7.49 -3.55
N THR A 27 -8.40 -7.81 -3.79
CA THR A 27 -8.03 -9.06 -4.46
C THR A 27 -6.52 -9.22 -4.54
N GLN A 28 -6.08 -10.41 -4.93
CA GLN A 28 -4.64 -10.68 -5.05
C GLN A 28 -4.20 -10.61 -6.51
N TYR A 29 -4.67 -9.59 -7.22
CA TYR A 29 -4.32 -9.41 -8.62
C TYR A 29 -3.44 -8.18 -8.81
N PRO A 30 -2.14 -8.33 -8.50
CA PRO A 30 -1.17 -7.24 -8.63
C PRO A 30 -0.88 -6.88 -10.08
N ASP A 31 -1.80 -6.14 -10.70
CA ASP A 31 -1.65 -5.74 -12.08
C ASP A 31 -1.84 -4.23 -12.24
N VAL A 32 -1.61 -3.72 -13.44
CA VAL A 32 -1.75 -2.30 -13.72
C VAL A 32 -3.13 -1.78 -13.27
N PHE A 33 -4.15 -2.59 -13.51
CA PHE A 33 -5.51 -2.22 -13.13
C PHE A 33 -5.61 -1.96 -11.63
N ALA A 34 -4.69 -2.55 -10.87
CA ALA A 34 -4.67 -2.38 -9.42
C ALA A 34 -3.87 -1.13 -9.03
N ARG A 35 -2.57 -1.15 -9.32
CA ARG A 35 -1.70 -0.03 -8.99
C ARG A 35 -2.26 1.27 -9.56
N GLU A 36 -2.69 1.22 -10.82
CA GLU A 36 -3.23 2.40 -11.49
C GLU A 36 -4.50 2.88 -10.79
N ARG A 37 -5.18 1.95 -10.12
CA ARG A 37 -6.42 2.28 -9.41
C ARG A 37 -6.11 3.00 -8.09
N VAL A 38 -5.44 2.29 -7.19
CA VAL A 38 -5.08 2.85 -5.89
C VAL A 38 -4.32 4.16 -6.05
N ALA A 39 -3.67 4.32 -7.21
CA ALA A 39 -2.90 5.52 -7.48
C ALA A 39 -3.77 6.78 -7.35
N ASP A 40 -5.05 6.63 -7.64
CA ASP A 40 -5.99 7.75 -7.54
C ASP A 40 -6.51 7.91 -6.12
N GLN A 41 -6.32 6.88 -5.30
CA GLN A 41 -6.77 6.90 -3.91
C GLN A 41 -5.83 7.74 -3.06
N ILE A 42 -4.53 7.43 -3.13
CA ILE A 42 -3.54 8.16 -2.36
C ILE A 42 -2.95 9.32 -3.16
N ARG A 43 -3.37 9.42 -4.43
CA ARG A 43 -2.88 10.49 -5.30
C ARG A 43 -1.40 10.31 -5.60
N LEU A 44 -1.04 9.16 -6.16
CA LEU A 44 0.35 8.87 -6.50
C LEU A 44 0.45 8.19 -7.85
N GLN A 45 1.64 8.20 -8.43
CA GLN A 45 1.87 7.57 -9.72
C GLN A 45 1.47 6.09 -9.70
N GLU A 46 0.99 5.60 -10.84
CA GLU A 46 0.57 4.21 -10.94
C GLU A 46 1.75 3.26 -10.77
N SER A 47 2.84 3.56 -11.46
CA SER A 47 4.04 2.73 -11.39
C SER A 47 4.81 3.00 -10.10
N ARG A 48 4.55 4.16 -9.50
CA ARG A 48 5.22 4.53 -8.25
C ARG A 48 4.53 3.87 -7.06
N ILE A 49 3.20 3.92 -7.04
CA ILE A 49 2.44 3.32 -5.96
C ILE A 49 2.80 1.85 -5.76
N GLN A 50 3.34 1.24 -6.80
CA GLN A 50 3.74 -0.16 -6.74
C GLN A 50 4.75 -0.39 -5.62
N VAL A 51 5.72 0.51 -5.51
CA VAL A 51 6.74 0.41 -4.48
C VAL A 51 6.14 0.49 -3.09
N TRP A 52 5.06 1.25 -2.96
CA TRP A 52 4.38 1.41 -1.67
C TRP A 52 3.39 0.28 -1.43
N PHE A 53 3.00 -0.40 -2.51
CA PHE A 53 2.06 -1.51 -2.41
C PHE A 53 2.59 -2.59 -1.46
N LYS A 54 3.90 -2.58 -1.22
CA LYS A 54 4.52 -3.55 -0.34
C LYS A 54 4.51 -3.06 1.10
N ASN A 55 4.29 -1.75 1.28
CA ASN A 55 4.26 -1.16 2.61
C ASN A 55 3.55 -2.08 3.60
N ARG A 56 2.23 -2.21 3.45
CA ARG A 56 1.45 -3.06 4.33
C ARG A 56 1.45 -4.50 3.84
N ARG A 57 1.35 -4.68 2.52
CA ARG A 57 1.33 -6.02 1.93
C ARG A 57 2.49 -6.86 2.46
N ALA A 58 3.59 -6.19 2.81
CA ALA A 58 4.76 -6.88 3.34
C ALA A 58 4.67 -7.03 4.85
N LYS A 59 4.06 -6.04 5.50
CA LYS A 59 3.92 -6.05 6.95
C LYS A 59 3.17 -7.30 7.41
N TYR A 60 2.43 -7.91 6.50
CA TYR A 60 1.68 -9.12 6.81
C TYR A 60 2.56 -10.16 7.48
N ARG A 61 3.86 -10.13 7.14
CA ARG A 61 4.81 -11.07 7.70
C ARG A 61 5.21 -10.68 9.12
N LEU A 62 5.28 -9.37 9.36
CA LEU A 62 5.64 -8.86 10.68
C LEU A 62 4.55 -9.17 11.71
N GLN A 63 3.33 -8.76 11.41
CA GLN A 63 2.21 -8.99 12.31
C GLN A 63 1.98 -10.49 12.52
N GLU A 64 2.50 -11.29 11.59
CA GLU A 64 2.35 -12.74 11.67
C GLU A 64 2.78 -13.25 13.04
N LYS A 65 3.74 -12.57 13.66
CA LYS A 65 4.25 -12.95 14.96
C LYS A 65 4.00 -11.85 15.99
N GLN A 66 3.98 -10.61 15.53
CA GLN A 66 3.74 -9.47 16.40
C GLN A 66 2.31 -9.44 16.89
N LYS A 67 1.36 -9.41 15.95
CA LYS A 67 -0.06 -9.38 16.29
C LYS A 67 -0.52 -10.74 16.81
N PRO A 68 -1.64 -10.74 17.53
CA PRO A 68 -2.21 -11.97 18.09
C PRO A 68 -2.79 -12.89 17.01
N GLY A 1 3.81 2.07 11.01
CA GLY A 1 2.99 3.11 10.42
C GLY A 1 3.15 3.18 8.92
N PRO A 2 2.41 4.11 8.29
CA PRO A 2 2.45 4.30 6.83
C PRO A 2 3.77 4.89 6.36
N ARG A 3 4.77 4.02 6.20
CA ARG A 3 6.09 4.46 5.75
C ARG A 3 6.94 3.26 5.34
N LYS A 4 7.18 3.11 4.05
CA LYS A 4 7.98 2.01 3.53
C LYS A 4 9.39 2.47 3.19
N ASN A 5 9.54 3.78 2.94
CA ASN A 5 10.83 4.35 2.61
C ASN A 5 11.05 5.67 3.34
N ARG A 6 10.35 6.71 2.89
CA ARG A 6 10.47 8.03 3.51
C ARG A 6 9.09 8.64 3.74
N ARG A 7 8.40 8.99 2.64
CA ARG A 7 7.08 9.59 2.73
C ARG A 7 6.43 9.68 1.35
N GLU A 8 5.11 9.64 1.32
CA GLU A 8 4.37 9.72 0.05
C GLU A 8 3.36 10.85 0.09
N ARG A 9 2.24 10.61 0.77
CA ARG A 9 1.18 11.61 0.88
C ARG A 9 1.50 12.63 1.98
N THR A 10 2.07 12.13 3.08
CA THR A 10 2.42 13.00 4.20
C THR A 10 3.13 12.21 5.30
N THR A 11 3.40 12.87 6.41
CA THR A 11 4.08 12.24 7.54
C THR A 11 3.42 10.91 7.89
N TYR A 12 2.12 10.94 8.14
CA TYR A 12 1.37 9.74 8.50
C TYR A 12 -0.10 9.88 8.11
N SER A 13 -0.51 9.14 7.09
CA SER A 13 -1.89 9.18 6.61
C SER A 13 -2.41 7.78 6.31
N ARG A 14 -3.71 7.65 6.14
CA ARG A 14 -4.33 6.37 5.84
C ARG A 14 -4.19 6.03 4.37
N GLN A 15 -3.97 7.05 3.54
CA GLN A 15 -3.82 6.85 2.11
C GLN A 15 -2.70 5.87 1.81
N GLN A 16 -1.53 6.11 2.40
CA GLN A 16 -0.38 5.24 2.19
C GLN A 16 -0.70 3.80 2.54
N LEU A 17 -1.59 3.62 3.52
CA LEU A 17 -2.00 2.28 3.95
C LEU A 17 -3.20 1.80 3.15
N GLU A 18 -3.81 2.71 2.40
CA GLU A 18 -4.97 2.38 1.59
C GLU A 18 -4.57 1.53 0.38
N ILE A 19 -3.46 1.90 -0.24
CA ILE A 19 -2.96 1.18 -1.41
C ILE A 19 -3.04 -0.33 -1.20
N LEU A 20 -2.75 -0.76 0.01
CA LEU A 20 -2.79 -2.18 0.35
C LEU A 20 -4.14 -2.57 0.94
N GLU A 21 -4.46 -1.97 2.09
CA GLU A 21 -5.73 -2.25 2.76
C GLU A 21 -6.88 -2.28 1.75
N THR A 22 -6.74 -1.53 0.68
CA THR A 22 -7.77 -1.47 -0.36
C THR A 22 -7.51 -2.49 -1.44
N LEU A 23 -6.30 -2.50 -1.98
CA LEU A 23 -5.93 -3.44 -3.04
C LEU A 23 -5.73 -4.84 -2.46
N PHE A 24 -4.72 -5.00 -1.61
CA PHE A 24 -4.42 -6.28 -1.00
C PHE A 24 -5.70 -6.96 -0.51
N ASN A 25 -6.64 -6.15 0.00
CA ASN A 25 -7.90 -6.67 0.50
C ASN A 25 -8.85 -7.00 -0.66
N GLU A 26 -8.92 -6.11 -1.64
CA GLU A 26 -9.78 -6.30 -2.79
C GLU A 26 -9.52 -7.66 -3.43
N THR A 27 -8.25 -7.97 -3.66
CA THR A 27 -7.87 -9.24 -4.28
C THR A 27 -6.36 -9.37 -4.39
N GLN A 28 -5.89 -10.54 -4.81
CA GLN A 28 -4.47 -10.78 -4.97
C GLN A 28 -4.05 -10.70 -6.43
N TYR A 29 -4.56 -9.70 -7.13
CA TYR A 29 -4.25 -9.52 -8.54
C TYR A 29 -3.40 -8.26 -8.76
N PRO A 30 -2.09 -8.37 -8.46
CA PRO A 30 -1.15 -7.26 -8.62
C PRO A 30 -0.90 -6.90 -10.07
N ASP A 31 -1.85 -6.21 -10.68
CA ASP A 31 -1.73 -5.80 -12.08
C ASP A 31 -1.93 -4.30 -12.24
N VAL A 32 -1.75 -3.80 -13.45
CA VAL A 32 -1.92 -2.38 -13.73
C VAL A 32 -3.27 -1.89 -13.24
N PHE A 33 -4.31 -2.67 -13.51
CA PHE A 33 -5.67 -2.30 -13.10
C PHE A 33 -5.74 -2.05 -11.60
N ALA A 34 -4.79 -2.64 -10.87
CA ALA A 34 -4.75 -2.48 -9.42
C ALA A 34 -3.95 -1.23 -9.03
N ARG A 35 -2.66 -1.24 -9.33
CA ARG A 35 -1.80 -0.10 -9.02
C ARG A 35 -2.36 1.20 -9.61
N GLU A 36 -2.81 1.11 -10.86
CA GLU A 36 -3.37 2.27 -11.54
C GLU A 36 -4.63 2.77 -10.85
N ARG A 37 -5.30 1.86 -10.15
CA ARG A 37 -6.53 2.19 -9.43
C ARG A 37 -6.21 2.94 -8.14
N VAL A 38 -5.52 2.27 -7.22
CA VAL A 38 -5.16 2.86 -5.94
C VAL A 38 -4.42 4.18 -6.14
N ALA A 39 -3.78 4.33 -7.30
CA ALA A 39 -3.03 5.54 -7.61
C ALA A 39 -3.93 6.77 -7.53
N ASP A 40 -5.22 6.58 -7.81
CA ASP A 40 -6.17 7.68 -7.76
C ASP A 40 -6.70 7.88 -6.34
N GLN A 41 -6.50 6.88 -5.49
CA GLN A 41 -6.95 6.94 -4.11
C GLN A 41 -6.01 7.80 -3.26
N ILE A 42 -4.73 7.49 -3.32
CA ILE A 42 -3.72 8.24 -2.56
C ILE A 42 -3.16 9.39 -3.39
N ARG A 43 -3.56 9.47 -4.65
CA ARG A 43 -3.10 10.52 -5.54
C ARG A 43 -1.61 10.36 -5.84
N LEU A 44 -1.24 9.22 -6.41
CA LEU A 44 0.15 8.95 -6.75
C LEU A 44 0.26 8.24 -8.10
N GLN A 45 1.46 8.24 -8.66
CA GLN A 45 1.70 7.60 -9.95
C GLN A 45 1.26 6.15 -9.92
N GLU A 46 0.80 5.64 -11.06
CA GLU A 46 0.35 4.26 -11.16
C GLU A 46 1.53 3.30 -11.01
N SER A 47 2.64 3.62 -11.65
CA SER A 47 3.83 2.78 -11.60
C SER A 47 4.61 3.03 -10.31
N ARG A 48 4.39 4.20 -9.72
CA ARG A 48 5.08 4.58 -8.48
C ARG A 48 4.42 3.93 -7.27
N ILE A 49 3.09 4.00 -7.21
CA ILE A 49 2.34 3.42 -6.11
C ILE A 49 2.74 1.96 -5.89
N GLN A 50 3.24 1.32 -6.94
CA GLN A 50 3.66 -0.07 -6.86
C GLN A 50 4.71 -0.27 -5.76
N VAL A 51 5.61 0.69 -5.64
CA VAL A 51 6.67 0.63 -4.63
C VAL A 51 6.08 0.74 -3.23
N TRP A 52 5.00 1.48 -3.10
CA TRP A 52 4.34 1.67 -1.81
C TRP A 52 3.37 0.52 -1.52
N PHE A 53 3.00 -0.20 -2.57
CA PHE A 53 2.07 -1.32 -2.44
C PHE A 53 2.61 -2.36 -1.46
N LYS A 54 3.92 -2.30 -1.21
CA LYS A 54 4.57 -3.23 -0.30
C LYS A 54 4.52 -2.72 1.13
N ASN A 55 4.25 -1.42 1.28
CA ASN A 55 4.17 -0.80 2.59
C ASN A 55 3.49 -1.72 3.60
N ARG A 56 2.19 -1.91 3.44
CA ARG A 56 1.41 -2.77 4.32
C ARG A 56 1.48 -4.22 3.87
N ARG A 57 1.43 -4.43 2.56
CA ARG A 57 1.48 -5.78 2.00
C ARG A 57 2.65 -6.55 2.58
N ALA A 58 3.70 -5.84 2.97
CA ALA A 58 4.88 -6.47 3.54
C ALA A 58 4.76 -6.61 5.05
N LYS A 59 4.09 -5.64 5.67
CA LYS A 59 3.89 -5.66 7.12
C LYS A 59 3.14 -6.91 7.56
N TYR A 60 2.44 -7.53 6.63
CA TYR A 60 1.67 -8.74 6.91
C TYR A 60 2.57 -9.81 7.55
N ARG A 61 3.87 -9.72 7.26
CA ARG A 61 4.82 -10.68 7.80
C ARG A 61 5.16 -10.35 9.26
N LEU A 62 5.12 -9.06 9.60
CA LEU A 62 5.42 -8.61 10.95
C LEU A 62 4.37 -9.12 11.94
N GLN A 63 3.10 -9.09 11.51
CA GLN A 63 2.00 -9.54 12.35
C GLN A 63 1.93 -11.07 12.37
N GLU A 64 2.49 -11.70 11.34
CA GLU A 64 2.48 -13.15 11.24
C GLU A 64 3.11 -13.79 12.49
N LYS A 65 4.37 -13.45 12.74
CA LYS A 65 5.09 -13.98 13.88
C LYS A 65 4.50 -13.47 15.19
N GLN A 66 3.80 -12.33 15.11
CA GLN A 66 3.17 -11.74 16.28
C GLN A 66 2.00 -12.58 16.77
N LYS A 67 0.99 -12.73 15.91
CA LYS A 67 -0.18 -13.52 16.25
C LYS A 67 0.20 -14.92 16.72
N PRO A 68 -0.71 -15.57 17.45
CA PRO A 68 -0.48 -16.92 17.97
C PRO A 68 -0.46 -17.98 16.86
N GLY A 1 4.14 1.30 10.55
CA GLY A 1 3.28 2.38 10.10
C GLY A 1 3.34 2.57 8.60
N PRO A 2 2.59 3.56 8.10
CA PRO A 2 2.54 3.87 6.67
C PRO A 2 3.84 4.47 6.16
N ARG A 3 4.84 3.61 5.94
CA ARG A 3 6.14 4.07 5.46
C ARG A 3 7.02 2.87 5.08
N LYS A 4 7.35 2.78 3.80
CA LYS A 4 8.20 1.68 3.31
C LYS A 4 9.66 2.10 3.27
N ASN A 5 9.91 3.35 2.90
CA ASN A 5 11.26 3.87 2.83
C ASN A 5 11.45 5.07 3.76
N ARG A 6 10.81 6.18 3.41
CA ARG A 6 10.89 7.39 4.21
C ARG A 6 9.85 8.41 3.78
N ARG A 7 9.59 8.47 2.47
CA ARG A 7 8.62 9.41 1.93
C ARG A 7 7.19 8.94 2.24
N GLU A 8 6.21 9.75 1.87
CA GLU A 8 4.82 9.43 2.11
C GLU A 8 3.90 10.55 1.62
N ARG A 9 2.62 10.24 1.47
CA ARG A 9 1.64 11.22 1.01
C ARG A 9 1.64 12.46 1.89
N THR A 10 2.02 12.27 3.16
CA THR A 10 2.06 13.37 4.11
C THR A 10 2.62 12.91 5.46
N THR A 11 2.52 13.80 6.45
CA THR A 11 3.01 13.47 7.80
C THR A 11 2.51 12.11 8.25
N TYR A 12 1.19 11.92 8.20
CA TYR A 12 0.59 10.66 8.61
C TYR A 12 -0.83 10.54 8.07
N SER A 13 -1.01 9.67 7.07
CA SER A 13 -2.32 9.47 6.47
C SER A 13 -2.57 7.98 6.22
N ARG A 14 -3.84 7.62 6.08
CA ARG A 14 -4.21 6.23 5.85
C ARG A 14 -4.05 5.87 4.37
N GLN A 15 -3.99 6.89 3.52
CA GLN A 15 -3.83 6.68 2.09
C GLN A 15 -2.71 5.69 1.80
N GLN A 16 -1.55 5.93 2.40
CA GLN A 16 -0.39 5.05 2.20
C GLN A 16 -0.75 3.60 2.54
N LEU A 17 -1.63 3.42 3.51
CA LEU A 17 -2.05 2.08 3.92
C LEU A 17 -3.27 1.62 3.11
N GLU A 18 -3.85 2.55 2.37
CA GLU A 18 -5.03 2.25 1.55
C GLU A 18 -4.63 1.42 0.33
N ILE A 19 -3.52 1.78 -0.28
CA ILE A 19 -3.02 1.06 -1.46
C ILE A 19 -3.12 -0.45 -1.26
N LEU A 20 -2.84 -0.91 -0.05
CA LEU A 20 -2.89 -2.33 0.26
C LEU A 20 -4.24 -2.70 0.85
N GLU A 21 -4.56 -2.11 2.00
CA GLU A 21 -5.83 -2.38 2.68
C GLU A 21 -6.98 -2.40 1.67
N THR A 22 -6.83 -1.63 0.59
CA THR A 22 -7.85 -1.55 -0.44
C THR A 22 -7.61 -2.57 -1.53
N LEU A 23 -6.40 -2.57 -2.09
CA LEU A 23 -6.04 -3.49 -3.15
C LEU A 23 -5.82 -4.90 -2.59
N PHE A 24 -4.80 -5.05 -1.76
CA PHE A 24 -4.48 -6.33 -1.16
C PHE A 24 -5.74 -7.03 -0.66
N ASN A 25 -6.69 -6.24 -0.15
CA ASN A 25 -7.94 -6.77 0.37
C ASN A 25 -8.90 -7.09 -0.78
N GLU A 26 -8.99 -6.18 -1.72
CA GLU A 26 -9.88 -6.35 -2.88
C GLU A 26 -9.60 -7.69 -3.57
N THR A 27 -8.33 -7.97 -3.82
CA THR A 27 -7.93 -9.20 -4.47
C THR A 27 -6.41 -9.32 -4.55
N GLN A 28 -5.94 -10.47 -5.01
CA GLN A 28 -4.50 -10.71 -5.13
C GLN A 28 -4.05 -10.61 -6.58
N TYR A 29 -4.57 -9.62 -7.28
CA TYR A 29 -4.24 -9.41 -8.69
C TYR A 29 -3.44 -8.13 -8.88
N PRO A 30 -2.14 -8.18 -8.54
CA PRO A 30 -1.24 -7.03 -8.66
C PRO A 30 -0.95 -6.67 -10.12
N ASP A 31 -1.89 -6.01 -10.75
CA ASP A 31 -1.74 -5.61 -12.15
C ASP A 31 -1.98 -4.11 -12.32
N VAL A 32 -1.78 -3.61 -13.53
CA VAL A 32 -1.98 -2.20 -13.83
C VAL A 32 -3.35 -1.72 -13.36
N PHE A 33 -4.37 -2.51 -13.64
CA PHE A 33 -5.74 -2.18 -13.26
C PHE A 33 -5.83 -1.95 -11.75
N ALA A 34 -4.90 -2.55 -11.01
CA ALA A 34 -4.87 -2.41 -9.56
C ALA A 34 -4.08 -1.18 -9.14
N ARG A 35 -2.78 -1.18 -9.43
CA ARG A 35 -1.92 -0.07 -9.08
C ARG A 35 -2.47 1.24 -9.64
N GLU A 36 -2.87 1.22 -10.92
CA GLU A 36 -3.40 2.40 -11.57
C GLU A 36 -4.67 2.88 -10.86
N ARG A 37 -5.37 1.96 -10.22
CA ARG A 37 -6.60 2.28 -9.51
C ARG A 37 -6.30 2.99 -8.20
N VAL A 38 -5.63 2.29 -7.29
CA VAL A 38 -5.27 2.86 -6.00
C VAL A 38 -4.49 4.16 -6.16
N ALA A 39 -3.85 4.32 -7.30
CA ALA A 39 -3.08 5.52 -7.59
C ALA A 39 -3.95 6.77 -7.47
N ASP A 40 -5.23 6.62 -7.77
CA ASP A 40 -6.17 7.74 -7.70
C ASP A 40 -6.70 7.91 -6.28
N GLN A 41 -6.52 6.88 -5.46
CA GLN A 41 -6.99 6.93 -4.08
C GLN A 41 -6.04 7.75 -3.21
N ILE A 42 -4.76 7.43 -3.26
CA ILE A 42 -3.75 8.14 -2.49
C ILE A 42 -3.18 9.32 -3.27
N ARG A 43 -3.56 9.42 -4.54
CA ARG A 43 -3.10 10.51 -5.40
C ARG A 43 -1.61 10.34 -5.72
N LEU A 44 -1.25 9.19 -6.29
CA LEU A 44 0.13 8.92 -6.65
C LEU A 44 0.22 8.24 -8.00
N GLN A 45 1.42 8.22 -8.57
CA GLN A 45 1.63 7.60 -9.87
C GLN A 45 1.22 6.14 -9.85
N GLU A 46 0.76 5.64 -11.01
CA GLU A 46 0.33 4.25 -11.12
C GLU A 46 1.52 3.30 -11.00
N SER A 47 2.60 3.64 -11.68
CA SER A 47 3.81 2.82 -11.66
C SER A 47 4.59 3.03 -10.37
N ARG A 48 4.36 4.17 -9.72
CA ARG A 48 5.04 4.50 -8.48
C ARG A 48 4.38 3.81 -7.29
N ILE A 49 3.05 3.88 -7.24
CA ILE A 49 2.30 3.27 -6.16
C ILE A 49 2.66 1.79 -6.00
N GLN A 50 3.17 1.20 -7.08
CA GLN A 50 3.56 -0.20 -7.06
C GLN A 50 4.57 -0.47 -5.95
N VAL A 51 5.55 0.41 -5.81
CA VAL A 51 6.58 0.27 -4.79
C VAL A 51 5.99 0.44 -3.39
N TRP A 52 4.91 1.20 -3.30
CA TRP A 52 4.25 1.45 -2.03
C TRP A 52 3.28 0.33 -1.69
N PHE A 53 2.89 -0.44 -2.70
CA PHE A 53 1.96 -1.54 -2.52
C PHE A 53 2.52 -2.55 -1.52
N LYS A 54 3.83 -2.49 -1.29
CA LYS A 54 4.48 -3.40 -0.36
C LYS A 54 4.44 -2.85 1.06
N ASN A 55 4.13 -1.57 1.19
CA ASN A 55 4.04 -0.91 2.49
C ASN A 55 3.38 -1.84 3.51
N ARG A 56 2.08 -2.05 3.35
CA ARG A 56 1.33 -2.91 4.26
C ARG A 56 1.41 -4.37 3.82
N ARG A 57 1.34 -4.59 2.51
CA ARG A 57 1.39 -5.94 1.95
C ARG A 57 2.58 -6.70 2.52
N ALA A 58 3.65 -5.98 2.86
CA ALA A 58 4.85 -6.59 3.42
C ALA A 58 4.76 -6.69 4.94
N LYS A 59 4.08 -5.71 5.54
CA LYS A 59 3.93 -5.69 6.99
C LYS A 59 3.26 -6.97 7.49
N TYR A 60 2.55 -7.64 6.60
CA TYR A 60 1.86 -8.88 6.95
C TYR A 60 2.81 -9.85 7.65
N ARG A 61 4.09 -9.76 7.31
CA ARG A 61 5.10 -10.63 7.91
C ARG A 61 5.50 -10.14 9.29
N LEU A 62 5.51 -8.83 9.47
CA LEU A 62 5.87 -8.22 10.75
C LEU A 62 4.80 -8.50 11.80
N GLN A 63 3.54 -8.32 11.42
CA GLN A 63 2.43 -8.55 12.33
C GLN A 63 2.32 -10.03 12.69
N GLU A 64 2.86 -10.88 11.83
CA GLU A 64 2.82 -12.32 12.04
C GLU A 64 3.33 -12.68 13.43
N LYS A 65 4.25 -11.87 13.94
CA LYS A 65 4.83 -12.09 15.26
C LYS A 65 4.41 -11.00 16.23
N GLN A 66 4.14 -9.81 15.70
CA GLN A 66 3.73 -8.68 16.52
C GLN A 66 2.27 -8.82 16.95
N LYS A 67 1.37 -8.65 15.99
CA LYS A 67 -0.06 -8.75 16.26
C LYS A 67 -0.39 -10.07 16.96
N PRO A 68 -1.54 -10.11 17.63
CA PRO A 68 -1.99 -11.30 18.35
C PRO A 68 -2.39 -12.43 17.41
N GLY A 1 4.78 1.59 10.58
CA GLY A 1 3.98 2.73 10.19
C GLY A 1 3.79 2.81 8.68
N PRO A 2 2.91 3.74 8.25
CA PRO A 2 2.62 3.94 6.82
C PRO A 2 3.80 4.55 6.07
N ARG A 3 4.79 3.72 5.75
CA ARG A 3 5.98 4.18 5.04
C ARG A 3 6.92 3.02 4.75
N LYS A 4 7.45 2.98 3.53
CA LYS A 4 8.37 1.93 3.12
C LYS A 4 9.74 2.51 2.80
N ASN A 5 9.80 3.82 2.61
CA ASN A 5 11.05 4.49 2.30
C ASN A 5 11.02 5.94 2.76
N ARG A 6 10.29 6.77 2.04
CA ARG A 6 10.18 8.19 2.37
C ARG A 6 8.72 8.61 2.45
N ARG A 7 8.48 9.92 2.57
CA ARG A 7 7.14 10.46 2.65
C ARG A 7 6.57 10.71 1.25
N GLU A 8 5.28 10.40 1.08
CA GLU A 8 4.62 10.59 -0.20
C GLU A 8 3.38 11.47 -0.05
N ARG A 9 2.32 10.89 0.50
CA ARG A 9 1.07 11.62 0.69
C ARG A 9 1.24 12.68 1.78
N THR A 10 1.86 12.30 2.88
CA THR A 10 2.08 13.23 4.00
C THR A 10 2.88 12.57 5.11
N THR A 11 3.03 13.28 6.22
CA THR A 11 3.78 12.76 7.36
C THR A 11 3.34 11.35 7.72
N TYR A 12 2.04 11.19 7.97
CA TYR A 12 1.49 9.90 8.34
C TYR A 12 -0.03 9.88 8.16
N SER A 13 -0.49 9.15 7.14
CA SER A 13 -1.92 9.06 6.86
C SER A 13 -2.32 7.61 6.54
N ARG A 14 -3.62 7.39 6.41
CA ARG A 14 -4.13 6.06 6.10
C ARG A 14 -4.01 5.75 4.62
N GLN A 15 -3.87 6.80 3.81
CA GLN A 15 -3.75 6.65 2.36
C GLN A 15 -2.65 5.64 2.02
N GLN A 16 -1.47 5.84 2.59
CA GLN A 16 -0.34 4.95 2.34
C GLN A 16 -0.72 3.50 2.67
N LEU A 17 -1.60 3.32 3.63
CA LEU A 17 -2.04 2.00 4.04
C LEU A 17 -3.26 1.55 3.23
N GLU A 18 -3.85 2.49 2.49
CA GLU A 18 -5.02 2.19 1.67
C GLU A 18 -4.62 1.36 0.44
N ILE A 19 -3.50 1.72 -0.16
CA ILE A 19 -3.02 1.01 -1.34
C ILE A 19 -3.13 -0.50 -1.17
N LEU A 20 -2.84 -0.97 0.05
CA LEU A 20 -2.92 -2.40 0.34
C LEU A 20 -4.28 -2.76 0.92
N GLU A 21 -4.61 -2.18 2.07
CA GLU A 21 -5.89 -2.45 2.72
C GLU A 21 -7.03 -2.44 1.70
N THR A 22 -6.85 -1.67 0.64
CA THR A 22 -7.88 -1.57 -0.41
C THR A 22 -7.62 -2.58 -1.52
N LEU A 23 -6.41 -2.57 -2.06
CA LEU A 23 -6.04 -3.50 -3.12
C LEU A 23 -5.84 -4.91 -2.58
N PHE A 24 -4.83 -5.08 -1.73
CA PHE A 24 -4.54 -6.39 -1.14
C PHE A 24 -5.83 -7.06 -0.67
N ASN A 25 -6.78 -6.26 -0.19
CA ASN A 25 -8.04 -6.79 0.30
C ASN A 25 -9.00 -7.06 -0.86
N GLU A 26 -9.05 -6.13 -1.81
CA GLU A 26 -9.92 -6.27 -2.97
C GLU A 26 -9.69 -7.61 -3.67
N THR A 27 -8.41 -7.93 -3.89
CA THR A 27 -8.05 -9.17 -4.56
C THR A 27 -6.53 -9.35 -4.61
N GLN A 28 -6.10 -10.50 -5.11
CA GLN A 28 -4.67 -10.79 -5.21
C GLN A 28 -4.20 -10.70 -6.67
N TYR A 29 -4.68 -9.69 -7.37
CA TYR A 29 -4.31 -9.49 -8.77
C TYR A 29 -3.46 -8.24 -8.94
N PRO A 30 -2.17 -8.36 -8.62
CA PRO A 30 -1.21 -7.25 -8.73
C PRO A 30 -0.92 -6.87 -10.18
N ASP A 31 -1.84 -6.12 -10.78
CA ASP A 31 -1.68 -5.69 -12.17
C ASP A 31 -1.83 -4.18 -12.29
N VAL A 32 -1.58 -3.66 -13.49
CA VAL A 32 -1.68 -2.23 -13.74
C VAL A 32 -3.05 -1.70 -13.32
N PHE A 33 -4.09 -2.49 -13.58
CA PHE A 33 -5.45 -2.11 -13.23
C PHE A 33 -5.58 -1.86 -11.73
N ALA A 34 -4.68 -2.46 -10.96
CA ALA A 34 -4.70 -2.31 -9.51
C ALA A 34 -3.90 -1.08 -9.08
N ARG A 35 -2.59 -1.12 -9.35
CA ARG A 35 -1.71 0.00 -8.99
C ARG A 35 -2.23 1.30 -9.57
N GLU A 36 -2.63 1.27 -10.83
CA GLU A 36 -3.15 2.46 -11.51
C GLU A 36 -4.44 2.95 -10.84
N ARG A 37 -5.13 2.03 -10.17
CA ARG A 37 -6.38 2.36 -9.49
C ARG A 37 -6.10 3.05 -8.16
N VAL A 38 -5.47 2.33 -7.25
CA VAL A 38 -5.14 2.87 -5.93
C VAL A 38 -4.38 4.18 -6.05
N ALA A 39 -3.69 4.35 -7.18
CA ALA A 39 -2.91 5.56 -7.42
C ALA A 39 -3.79 6.81 -7.30
N ASP A 40 -5.07 6.66 -7.61
CA ASP A 40 -6.02 7.77 -7.54
C ASP A 40 -6.56 7.92 -6.13
N GLN A 41 -6.39 6.89 -5.31
CA GLN A 41 -6.87 6.92 -3.93
C GLN A 41 -5.93 7.73 -3.04
N ILE A 42 -4.65 7.40 -3.10
CA ILE A 42 -3.65 8.10 -2.29
C ILE A 42 -3.07 9.29 -3.04
N ARG A 43 -3.44 9.41 -4.32
CA ARG A 43 -2.95 10.50 -5.14
C ARG A 43 -1.46 10.34 -5.44
N LEU A 44 -1.11 9.21 -6.06
CA LEU A 44 0.28 8.94 -6.39
C LEU A 44 0.39 8.28 -7.77
N GLN A 45 1.60 8.25 -8.31
CA GLN A 45 1.83 7.66 -9.62
C GLN A 45 1.35 6.21 -9.65
N GLU A 46 0.97 5.74 -10.84
CA GLU A 46 0.49 4.37 -10.99
C GLU A 46 1.64 3.37 -10.83
N SER A 47 2.77 3.68 -11.46
CA SER A 47 3.94 2.81 -11.40
C SER A 47 4.70 3.03 -10.10
N ARG A 48 4.50 4.20 -9.48
CA ARG A 48 5.17 4.54 -8.24
C ARG A 48 4.49 3.84 -7.06
N ILE A 49 3.17 3.94 -7.00
CA ILE A 49 2.41 3.32 -5.93
C ILE A 49 2.79 1.86 -5.74
N GLN A 50 3.28 1.25 -6.80
CA GLN A 50 3.69 -0.16 -6.75
C GLN A 50 4.68 -0.40 -5.62
N VAL A 51 5.60 0.55 -5.43
CA VAL A 51 6.60 0.43 -4.37
C VAL A 51 5.96 0.51 -2.99
N TRP A 52 4.85 1.26 -2.91
CA TRP A 52 4.15 1.42 -1.64
C TRP A 52 3.19 0.25 -1.40
N PHE A 53 2.86 -0.46 -2.47
CA PHE A 53 1.96 -1.60 -2.37
C PHE A 53 2.50 -2.64 -1.40
N LYS A 54 3.80 -2.58 -1.13
CA LYS A 54 4.45 -3.51 -0.21
C LYS A 54 4.37 -3.00 1.22
N ASN A 55 4.09 -1.70 1.38
CA ASN A 55 3.99 -1.09 2.69
C ASN A 55 3.31 -2.02 3.68
N ARG A 56 2.00 -2.22 3.49
CA ARG A 56 1.23 -3.09 4.37
C ARG A 56 1.31 -4.55 3.90
N ARG A 57 1.24 -4.74 2.58
CA ARG A 57 1.30 -6.07 2.01
C ARG A 57 2.47 -6.87 2.59
N ALA A 58 3.54 -6.16 2.95
CA ALA A 58 4.73 -6.79 3.52
C ALA A 58 4.61 -6.91 5.03
N LYS A 59 3.95 -5.94 5.64
CA LYS A 59 3.77 -5.94 7.09
C LYS A 59 3.07 -7.21 7.56
N TYR A 60 2.38 -7.86 6.64
CA TYR A 60 1.66 -9.10 6.95
C TYR A 60 2.58 -10.09 7.66
N ARG A 61 3.88 -10.02 7.35
CA ARG A 61 4.86 -10.91 7.96
C ARG A 61 5.29 -10.40 9.34
N LEU A 62 5.32 -9.07 9.48
CA LEU A 62 5.71 -8.45 10.74
C LEU A 62 4.63 -8.64 11.79
N GLN A 63 3.37 -8.51 11.37
CA GLN A 63 2.24 -8.66 12.28
C GLN A 63 2.05 -10.12 12.67
N GLU A 64 2.47 -11.03 11.80
CA GLU A 64 2.34 -12.45 12.06
C GLU A 64 3.10 -12.85 13.32
N LYS A 65 4.40 -12.59 13.33
CA LYS A 65 5.23 -12.93 14.47
C LYS A 65 4.84 -12.10 15.69
N GLN A 66 4.49 -10.84 15.46
CA GLN A 66 4.09 -9.94 16.53
C GLN A 66 2.82 -10.44 17.20
N LYS A 67 1.69 -10.32 16.49
CA LYS A 67 0.40 -10.75 17.02
C LYS A 67 0.33 -12.28 17.10
N PRO A 68 -0.60 -12.78 17.92
CA PRO A 68 -0.79 -14.23 18.10
C PRO A 68 -1.37 -14.90 16.86
N GLY A 1 2.51 1.74 10.87
CA GLY A 1 3.69 2.34 10.28
C GLY A 1 3.52 2.60 8.80
N PRO A 2 2.62 3.53 8.45
CA PRO A 2 2.34 3.89 7.05
C PRO A 2 3.50 4.63 6.41
N ARG A 3 4.54 3.91 6.06
CA ARG A 3 5.72 4.50 5.43
C ARG A 3 6.77 3.44 5.11
N LYS A 4 6.99 3.20 3.83
CA LYS A 4 7.97 2.21 3.39
C LYS A 4 9.23 2.88 2.85
N ASN A 5 9.06 4.09 2.31
CA ASN A 5 10.19 4.85 1.77
C ASN A 5 9.98 6.34 1.96
N ARG A 6 10.74 7.14 1.22
CA ARG A 6 10.65 8.59 1.31
C ARG A 6 9.19 9.04 1.43
N ARG A 7 8.96 10.11 2.17
CA ARG A 7 7.61 10.63 2.36
C ARG A 7 6.91 10.83 1.02
N GLU A 8 5.60 10.61 1.01
CA GLU A 8 4.81 10.76 -0.20
C GLU A 8 3.55 11.57 0.07
N ARG A 9 2.56 10.93 0.68
CA ARG A 9 1.30 11.60 0.99
C ARG A 9 1.47 12.56 2.17
N THR A 10 2.07 12.07 3.25
CA THR A 10 2.29 12.87 4.43
C THR A 10 3.07 12.10 5.49
N THR A 11 3.26 12.72 6.65
CA THR A 11 3.99 12.09 7.75
C THR A 11 3.46 10.68 8.02
N TYR A 12 2.16 10.59 8.27
CA TYR A 12 1.53 9.30 8.54
C TYR A 12 0.02 9.38 8.38
N SER A 13 -0.49 8.75 7.32
CA SER A 13 -1.92 8.75 7.04
C SER A 13 -2.40 7.36 6.64
N ARG A 14 -3.70 7.23 6.45
CA ARG A 14 -4.30 5.95 6.07
C ARG A 14 -4.14 5.72 4.57
N GLN A 15 -3.90 6.79 3.83
CA GLN A 15 -3.74 6.69 2.38
C GLN A 15 -2.66 5.68 2.02
N GLN A 16 -1.47 5.86 2.58
CA GLN A 16 -0.36 4.95 2.32
C GLN A 16 -0.74 3.52 2.64
N LEU A 17 -1.64 3.34 3.60
CA LEU A 17 -2.09 2.01 4.00
C LEU A 17 -3.30 1.57 3.17
N GLU A 18 -3.87 2.51 2.43
CA GLU A 18 -5.03 2.22 1.59
C GLU A 18 -4.63 1.39 0.38
N ILE A 19 -3.50 1.74 -0.22
CA ILE A 19 -3.01 1.02 -1.40
C ILE A 19 -3.11 -0.49 -1.21
N LEU A 20 -2.83 -0.95 0.02
CA LEU A 20 -2.90 -2.37 0.33
C LEU A 20 -4.27 -2.73 0.91
N GLU A 21 -4.60 -2.14 2.05
CA GLU A 21 -5.88 -2.41 2.70
C GLU A 21 -7.02 -2.41 1.68
N THR A 22 -6.85 -1.66 0.60
CA THR A 22 -7.86 -1.57 -0.45
C THR A 22 -7.59 -2.60 -1.55
N LEU A 23 -6.38 -2.59 -2.08
CA LEU A 23 -5.99 -3.52 -3.14
C LEU A 23 -5.77 -4.92 -2.57
N PHE A 24 -4.75 -5.06 -1.73
CA PHE A 24 -4.43 -6.35 -1.11
C PHE A 24 -5.70 -7.05 -0.62
N ASN A 25 -6.66 -6.25 -0.16
CA ASN A 25 -7.92 -6.79 0.35
C ASN A 25 -8.87 -7.11 -0.80
N GLU A 26 -8.95 -6.20 -1.76
CA GLU A 26 -9.82 -6.39 -2.91
C GLU A 26 -9.56 -7.72 -3.59
N THR A 27 -8.28 -8.02 -3.82
CA THR A 27 -7.89 -9.27 -4.47
C THR A 27 -6.38 -9.38 -4.58
N GLN A 28 -5.90 -10.54 -5.00
CA GLN A 28 -4.47 -10.78 -5.15
C GLN A 28 -4.05 -10.67 -6.61
N TYR A 29 -4.55 -9.65 -7.30
CA TYR A 29 -4.24 -9.44 -8.70
C TYR A 29 -3.39 -8.18 -8.89
N PRO A 30 -2.09 -8.30 -8.58
CA PRO A 30 -1.14 -7.18 -8.71
C PRO A 30 -0.88 -6.81 -10.17
N ASP A 31 -1.81 -6.08 -10.77
CA ASP A 31 -1.67 -5.66 -12.16
C ASP A 31 -1.86 -4.16 -12.29
N VAL A 32 -1.64 -3.63 -13.49
CA VAL A 32 -1.79 -2.20 -13.75
C VAL A 32 -3.16 -1.71 -13.29
N PHE A 33 -4.20 -2.48 -13.61
CA PHE A 33 -5.56 -2.11 -13.24
C PHE A 33 -5.67 -1.89 -11.73
N ALA A 34 -4.75 -2.49 -10.98
CA ALA A 34 -4.74 -2.37 -9.52
C ALA A 34 -3.96 -1.13 -9.09
N ARG A 35 -2.65 -1.14 -9.37
CA ARG A 35 -1.78 -0.03 -9.01
C ARG A 35 -2.32 1.28 -9.59
N GLU A 36 -2.69 1.25 -10.87
CA GLU A 36 -3.21 2.44 -11.54
C GLU A 36 -4.48 2.92 -10.87
N ARG A 37 -5.18 2.01 -10.21
CA ARG A 37 -6.43 2.35 -9.53
C ARG A 37 -6.15 3.04 -8.20
N VAL A 38 -5.50 2.32 -7.29
CA VAL A 38 -5.17 2.87 -5.97
C VAL A 38 -4.39 4.17 -6.10
N ALA A 39 -3.73 4.35 -7.25
CA ALA A 39 -2.94 5.54 -7.50
C ALA A 39 -3.79 6.80 -7.35
N ASP A 40 -5.08 6.67 -7.65
CA ASP A 40 -6.01 7.79 -7.55
C ASP A 40 -6.53 7.95 -6.13
N GLN A 41 -6.35 6.91 -5.32
CA GLN A 41 -6.80 6.92 -3.93
C GLN A 41 -5.86 7.74 -3.06
N ILE A 42 -4.57 7.42 -3.13
CA ILE A 42 -3.56 8.12 -2.35
C ILE A 42 -2.97 9.29 -3.13
N ARG A 43 -3.37 9.41 -4.39
CA ARG A 43 -2.88 10.48 -5.25
C ARG A 43 -1.39 10.30 -5.56
N LEU A 44 -1.06 9.16 -6.13
CA LEU A 44 0.33 8.85 -6.48
C LEU A 44 0.42 8.20 -7.85
N GLN A 45 1.61 8.19 -8.42
CA GLN A 45 1.84 7.59 -9.74
C GLN A 45 1.40 6.13 -9.75
N GLU A 46 0.92 5.67 -10.89
CA GLU A 46 0.47 4.28 -11.04
C GLU A 46 1.64 3.31 -10.87
N SER A 47 2.76 3.63 -11.50
CA SER A 47 3.95 2.79 -11.43
C SER A 47 4.71 3.02 -10.13
N ARG A 48 4.48 4.19 -9.52
CA ARG A 48 5.14 4.53 -8.27
C ARG A 48 4.45 3.85 -7.08
N ILE A 49 3.13 3.89 -7.07
CA ILE A 49 2.35 3.28 -6.00
C ILE A 49 2.72 1.80 -5.83
N GLN A 50 3.26 1.21 -6.89
CA GLN A 50 3.65 -0.19 -6.85
C GLN A 50 4.65 -0.45 -5.73
N VAL A 51 5.61 0.45 -5.59
CA VAL A 51 6.63 0.32 -4.55
C VAL A 51 6.02 0.46 -3.16
N TRP A 52 4.94 1.23 -3.07
CA TRP A 52 4.26 1.45 -1.80
C TRP A 52 3.30 0.30 -1.49
N PHE A 53 2.94 -0.45 -2.52
CA PHE A 53 2.03 -1.58 -2.36
C PHE A 53 2.56 -2.58 -1.36
N LYS A 54 3.87 -2.50 -1.09
CA LYS A 54 4.51 -3.41 -0.15
C LYS A 54 4.42 -2.87 1.27
N ASN A 55 4.11 -1.58 1.39
CA ASN A 55 3.99 -0.94 2.69
C ASN A 55 3.30 -1.87 3.70
N ARG A 56 2.00 -2.07 3.51
CA ARG A 56 1.24 -2.94 4.40
C ARG A 56 1.33 -4.40 3.95
N ARG A 57 1.30 -4.61 2.65
CA ARG A 57 1.38 -5.96 2.09
C ARG A 57 2.55 -6.73 2.69
N ALA A 58 3.59 -6.01 3.08
CA ALA A 58 4.77 -6.61 3.68
C ALA A 58 4.62 -6.73 5.19
N LYS A 59 3.94 -5.76 5.79
CA LYS A 59 3.72 -5.75 7.23
C LYS A 59 3.03 -7.03 7.68
N TYR A 60 2.35 -7.70 6.75
CA TYR A 60 1.64 -8.93 7.06
C TYR A 60 2.55 -9.91 7.80
N ARG A 61 3.85 -9.82 7.54
CA ARG A 61 4.81 -10.70 8.19
C ARG A 61 5.10 -10.24 9.61
N LEU A 62 5.17 -8.93 9.81
CA LEU A 62 5.45 -8.38 11.12
C LEU A 62 4.31 -8.70 12.09
N GLN A 63 3.08 -8.70 11.57
CA GLN A 63 1.91 -9.00 12.39
C GLN A 63 1.73 -10.51 12.56
N GLU A 64 2.19 -11.26 11.58
CA GLU A 64 2.08 -12.71 11.61
C GLU A 64 2.63 -13.27 12.92
N LYS A 65 3.92 -13.03 13.16
CA LYS A 65 4.57 -13.51 14.38
C LYS A 65 3.97 -12.85 15.62
N GLN A 66 3.51 -11.61 15.45
CA GLN A 66 2.90 -10.87 16.55
C GLN A 66 1.75 -11.66 17.18
N LYS A 67 0.73 -11.93 16.38
CA LYS A 67 -0.43 -12.67 16.86
C LYS A 67 -0.11 -14.16 16.96
N PRO A 68 -0.92 -14.89 17.74
CA PRO A 68 -0.74 -16.33 17.95
C PRO A 68 -1.07 -17.13 16.70
N GLY A 1 4.03 2.42 11.23
CA GLY A 1 3.35 3.54 10.60
C GLY A 1 3.36 3.46 9.09
N PRO A 2 2.56 4.31 8.45
CA PRO A 2 2.46 4.35 6.99
C PRO A 2 3.73 4.90 6.34
N ARG A 3 4.56 4.01 5.82
CA ARG A 3 5.80 4.40 5.17
C ARG A 3 6.55 3.19 4.64
N LYS A 4 6.88 3.21 3.35
CA LYS A 4 7.58 2.12 2.72
C LYS A 4 9.10 2.29 2.85
N ASN A 5 9.55 3.54 2.77
CA ASN A 5 10.97 3.84 2.89
C ASN A 5 11.19 5.14 3.65
N ARG A 6 10.99 6.26 2.97
CA ARG A 6 11.16 7.57 3.58
C ARG A 6 10.01 8.50 3.22
N ARG A 7 9.85 8.77 1.93
CA ARG A 7 8.79 9.65 1.46
C ARG A 7 7.43 9.19 1.98
N GLU A 8 6.40 9.99 1.73
CA GLU A 8 5.05 9.66 2.17
C GLU A 8 4.06 10.73 1.73
N ARG A 9 2.79 10.34 1.61
CA ARG A 9 1.74 11.25 1.19
C ARG A 9 1.70 12.47 2.10
N THR A 10 2.06 12.29 3.36
CA THR A 10 2.06 13.37 4.34
C THR A 10 2.60 12.90 5.68
N THR A 11 2.54 13.78 6.67
CA THR A 11 3.02 13.46 8.02
C THR A 11 2.50 12.10 8.47
N TYR A 12 1.18 11.92 8.38
CA TYR A 12 0.56 10.66 8.78
C TYR A 12 -0.85 10.55 8.21
N SER A 13 -0.99 9.68 7.20
CA SER A 13 -2.28 9.47 6.56
C SER A 13 -2.52 7.99 6.28
N ARG A 14 -3.79 7.62 6.15
CA ARG A 14 -4.16 6.23 5.88
C ARG A 14 -4.00 5.90 4.41
N GLN A 15 -3.92 6.93 3.58
CA GLN A 15 -3.78 6.75 2.14
C GLN A 15 -2.66 5.76 1.83
N GLN A 16 -1.48 6.01 2.41
CA GLN A 16 -0.34 5.14 2.19
C GLN A 16 -0.67 3.69 2.53
N LEU A 17 -1.55 3.51 3.51
CA LEU A 17 -1.96 2.18 3.93
C LEU A 17 -3.17 1.69 3.14
N GLU A 18 -3.78 2.61 2.39
CA GLU A 18 -4.95 2.28 1.58
C GLU A 18 -4.55 1.44 0.37
N ILE A 19 -3.45 1.82 -0.26
CA ILE A 19 -2.95 1.10 -1.44
C ILE A 19 -3.02 -0.41 -1.22
N LEU A 20 -2.72 -0.85 -0.01
CA LEU A 20 -2.76 -2.27 0.32
C LEU A 20 -4.10 -2.66 0.93
N GLU A 21 -4.42 -2.07 2.07
CA GLU A 21 -5.68 -2.35 2.75
C GLU A 21 -6.83 -2.38 1.76
N THR A 22 -6.70 -1.63 0.67
CA THR A 22 -7.73 -1.56 -0.35
C THR A 22 -7.48 -2.59 -1.45
N LEU A 23 -6.27 -2.59 -1.99
CA LEU A 23 -5.89 -3.53 -3.05
C LEU A 23 -5.64 -4.92 -2.48
N PHE A 24 -4.61 -5.03 -1.65
CA PHE A 24 -4.26 -6.31 -1.04
C PHE A 24 -5.51 -7.02 -0.52
N ASN A 25 -6.46 -6.24 -0.01
CA ASN A 25 -7.69 -6.79 0.52
C ASN A 25 -8.68 -7.10 -0.61
N GLU A 26 -8.78 -6.19 -1.57
CA GLU A 26 -9.69 -6.36 -2.69
C GLU A 26 -9.45 -7.71 -3.38
N THR A 27 -8.19 -8.01 -3.65
CA THR A 27 -7.82 -9.26 -4.30
C THR A 27 -6.32 -9.41 -4.41
N GLN A 28 -5.87 -10.56 -4.90
CA GLN A 28 -4.45 -10.83 -5.05
C GLN A 28 -4.03 -10.75 -6.51
N TYR A 29 -4.54 -9.74 -7.20
CA TYR A 29 -4.22 -9.54 -8.61
C TYR A 29 -3.39 -8.28 -8.82
N PRO A 30 -2.08 -8.38 -8.53
CA PRO A 30 -1.15 -7.27 -8.68
C PRO A 30 -0.90 -6.90 -10.13
N ASP A 31 -1.84 -6.19 -10.73
CA ASP A 31 -1.72 -5.78 -12.12
C ASP A 31 -1.94 -4.28 -12.27
N VAL A 32 -1.73 -3.76 -13.48
CA VAL A 32 -1.91 -2.33 -13.74
C VAL A 32 -3.27 -1.86 -13.28
N PHE A 33 -4.30 -2.64 -13.57
CA PHE A 33 -5.67 -2.30 -13.19
C PHE A 33 -5.76 -2.05 -11.68
N ALA A 34 -4.83 -2.63 -10.93
CA ALA A 34 -4.81 -2.47 -9.49
C ALA A 34 -4.03 -1.22 -9.08
N ARG A 35 -2.74 -1.21 -9.38
CA ARG A 35 -1.88 -0.07 -9.04
C ARG A 35 -2.44 1.21 -9.65
N GLU A 36 -2.84 1.15 -10.91
CA GLU A 36 -3.39 2.31 -11.59
C GLU A 36 -4.67 2.80 -10.92
N ARG A 37 -5.33 1.89 -10.22
CA ARG A 37 -6.57 2.22 -9.52
C ARG A 37 -6.27 2.94 -8.20
N VAL A 38 -5.61 2.26 -7.30
CA VAL A 38 -5.25 2.83 -5.99
C VAL A 38 -4.50 4.15 -6.17
N ALA A 39 -3.86 4.31 -7.32
CA ALA A 39 -3.10 5.52 -7.61
C ALA A 39 -3.99 6.76 -7.48
N ASP A 40 -5.27 6.60 -7.75
CA ASP A 40 -6.22 7.70 -7.67
C ASP A 40 -6.72 7.87 -6.24
N GLN A 41 -6.52 6.85 -5.42
CA GLN A 41 -6.96 6.89 -4.03
C GLN A 41 -6.01 7.73 -3.18
N ILE A 42 -4.73 7.44 -3.27
CA ILE A 42 -3.71 8.16 -2.51
C ILE A 42 -3.17 9.34 -3.32
N ARG A 43 -3.59 9.44 -4.57
CA ARG A 43 -3.14 10.52 -5.45
C ARG A 43 -1.66 10.36 -5.78
N LEU A 44 -1.30 9.21 -6.34
CA LEU A 44 0.09 8.94 -6.71
C LEU A 44 0.16 8.25 -8.07
N GLN A 45 1.36 8.23 -8.65
CA GLN A 45 1.56 7.62 -9.95
C GLN A 45 1.09 6.17 -9.95
N GLU A 46 0.70 5.68 -11.12
CA GLU A 46 0.22 4.30 -11.25
C GLU A 46 1.37 3.31 -11.11
N SER A 47 2.50 3.64 -11.72
CA SER A 47 3.68 2.79 -11.67
C SER A 47 4.47 3.03 -10.40
N ARG A 48 4.27 4.20 -9.80
CA ARG A 48 4.98 4.57 -8.58
C ARG A 48 4.34 3.90 -7.36
N ILE A 49 3.01 3.94 -7.30
CA ILE A 49 2.27 3.35 -6.19
C ILE A 49 2.67 1.88 -6.00
N GLN A 50 3.18 1.27 -7.06
CA GLN A 50 3.59 -0.13 -7.01
C GLN A 50 4.62 -0.35 -5.91
N VAL A 51 5.58 0.57 -5.81
CA VAL A 51 6.63 0.48 -4.80
C VAL A 51 6.05 0.62 -3.39
N TRP A 52 4.97 1.38 -3.28
CA TRP A 52 4.32 1.60 -2.00
C TRP A 52 3.37 0.46 -1.67
N PHE A 53 2.97 -0.29 -2.69
CA PHE A 53 2.06 -1.42 -2.51
C PHE A 53 2.64 -2.44 -1.54
N LYS A 54 3.95 -2.36 -1.32
CA LYS A 54 4.63 -3.28 -0.42
C LYS A 54 4.60 -2.75 1.02
N ASN A 55 4.28 -1.47 1.17
CA ASN A 55 4.22 -0.85 2.48
C ASN A 55 3.56 -1.78 3.49
N ARG A 56 2.25 -1.95 3.36
CA ARG A 56 1.49 -2.81 4.26
C ARG A 56 1.56 -4.27 3.80
N ARG A 57 1.51 -4.46 2.49
CA ARG A 57 1.56 -5.81 1.92
C ARG A 57 2.70 -6.62 2.54
N ALA A 58 3.73 -5.93 2.99
CA ALA A 58 4.89 -6.59 3.60
C ALA A 58 4.69 -6.75 5.10
N LYS A 59 4.05 -5.76 5.73
CA LYS A 59 3.80 -5.79 7.16
C LYS A 59 3.03 -7.04 7.54
N TYR A 60 2.34 -7.63 6.57
CA TYR A 60 1.57 -8.85 6.81
C TYR A 60 2.40 -9.89 7.56
N ARG A 61 3.71 -9.86 7.33
CA ARG A 61 4.61 -10.80 7.98
C ARG A 61 4.95 -10.35 9.39
N LEU A 62 5.14 -9.04 9.56
CA LEU A 62 5.48 -8.48 10.86
C LEU A 62 4.44 -8.86 11.90
N GLN A 63 3.17 -8.80 11.52
CA GLN A 63 2.07 -9.14 12.42
C GLN A 63 1.91 -10.67 12.53
N GLU A 64 2.34 -11.38 11.49
CA GLU A 64 2.25 -12.83 11.47
C GLU A 64 2.99 -13.44 12.67
N LYS A 65 4.24 -13.04 12.84
CA LYS A 65 5.05 -13.55 13.95
C LYS A 65 4.56 -12.98 15.28
N GLN A 66 3.97 -11.79 15.24
CA GLN A 66 3.46 -11.15 16.44
C GLN A 66 2.21 -11.87 16.95
N LYS A 67 1.11 -11.73 16.21
CA LYS A 67 -0.14 -12.35 16.59
C LYS A 67 -0.38 -13.63 15.80
N PRO A 68 -1.18 -14.55 16.36
CA PRO A 68 -1.50 -15.82 15.72
C PRO A 68 -2.39 -15.65 14.49
N GLY A 1 3.57 -0.37 11.01
CA GLY A 1 2.92 0.85 10.56
C GLY A 1 3.20 1.14 9.10
N PRO A 2 2.71 2.30 8.63
CA PRO A 2 2.89 2.72 7.24
C PRO A 2 4.34 3.10 6.93
N ARG A 3 4.56 3.76 5.79
CA ARG A 3 5.89 4.17 5.39
C ARG A 3 6.78 2.97 5.12
N LYS A 4 7.32 2.90 3.91
CA LYS A 4 8.18 1.79 3.51
C LYS A 4 9.59 2.29 3.20
N ASN A 5 9.68 3.42 2.52
CA ASN A 5 10.97 4.01 2.18
C ASN A 5 10.90 5.53 2.20
N ARG A 6 10.17 6.10 1.23
CA ARG A 6 10.04 7.55 1.15
C ARG A 6 8.87 7.92 0.23
N ARG A 7 8.70 9.22 0.00
CA ARG A 7 7.63 9.71 -0.85
C ARG A 7 6.26 9.32 -0.30
N GLU A 8 5.82 10.03 0.74
CA GLU A 8 4.53 9.76 1.37
C GLU A 8 3.53 10.87 1.05
N ARG A 9 2.25 10.58 1.29
CA ARG A 9 1.19 11.55 1.03
C ARG A 9 1.26 12.70 2.02
N THR A 10 1.74 12.42 3.23
CA THR A 10 1.86 13.43 4.26
C THR A 10 2.53 12.87 5.51
N THR A 11 2.54 13.66 6.58
CA THR A 11 3.15 13.25 7.84
C THR A 11 2.70 11.84 8.24
N TYR A 12 1.38 11.67 8.35
CA TYR A 12 0.82 10.37 8.73
C TYR A 12 -0.65 10.28 8.32
N SER A 13 -0.92 9.48 7.30
CA SER A 13 -2.28 9.30 6.80
C SER A 13 -2.57 7.83 6.50
N ARG A 14 -3.85 7.50 6.37
CA ARG A 14 -4.25 6.12 6.08
C ARG A 14 -4.10 5.81 4.60
N GLN A 15 -4.02 6.86 3.79
CA GLN A 15 -3.86 6.69 2.35
C GLN A 15 -2.74 5.72 2.02
N GLN A 16 -1.57 5.95 2.62
CA GLN A 16 -0.42 5.08 2.39
C GLN A 16 -0.75 3.63 2.71
N LEU A 17 -1.66 3.43 3.66
CA LEU A 17 -2.07 2.09 4.06
C LEU A 17 -3.26 1.61 3.23
N GLU A 18 -3.87 2.55 2.50
CA GLU A 18 -5.03 2.22 1.66
C GLU A 18 -4.60 1.40 0.45
N ILE A 19 -3.47 1.78 -0.15
CA ILE A 19 -2.97 1.08 -1.32
C ILE A 19 -3.06 -0.43 -1.15
N LEU A 20 -2.78 -0.90 0.06
CA LEU A 20 -2.83 -2.32 0.38
C LEU A 20 -4.19 -2.71 0.96
N GLU A 21 -4.52 -2.14 2.11
CA GLU A 21 -5.79 -2.42 2.77
C GLU A 21 -6.94 -2.43 1.75
N THR A 22 -6.78 -1.64 0.70
CA THR A 22 -7.80 -1.56 -0.34
C THR A 22 -7.54 -2.57 -1.46
N LEU A 23 -6.33 -2.54 -2.00
CA LEU A 23 -5.96 -3.45 -3.07
C LEU A 23 -5.77 -4.87 -2.54
N PHE A 24 -4.76 -5.05 -1.69
CA PHE A 24 -4.48 -6.35 -1.10
C PHE A 24 -5.76 -7.03 -0.64
N ASN A 25 -6.68 -6.25 -0.10
CA ASN A 25 -7.95 -6.78 0.38
C ASN A 25 -8.90 -7.06 -0.79
N GLU A 26 -8.95 -6.13 -1.74
CA GLU A 26 -9.82 -6.28 -2.90
C GLU A 26 -9.57 -7.61 -3.60
N THR A 27 -8.31 -7.95 -3.80
CA THR A 27 -7.93 -9.19 -4.45
C THR A 27 -6.42 -9.36 -4.53
N GLN A 28 -5.98 -10.50 -5.02
CA GLN A 28 -4.55 -10.78 -5.14
C GLN A 28 -4.09 -10.68 -6.60
N TYR A 29 -4.59 -9.68 -7.31
CA TYR A 29 -4.24 -9.48 -8.70
C TYR A 29 -3.39 -8.22 -8.88
N PRO A 30 -2.10 -8.34 -8.58
CA PRO A 30 -1.14 -7.23 -8.70
C PRO A 30 -0.87 -6.86 -10.15
N ASP A 31 -1.81 -6.15 -10.76
CA ASP A 31 -1.68 -5.72 -12.15
C ASP A 31 -1.82 -4.21 -12.28
N VAL A 32 -1.55 -3.68 -13.47
CA VAL A 32 -1.65 -2.25 -13.72
C VAL A 32 -3.02 -1.72 -13.30
N PHE A 33 -4.06 -2.50 -13.54
CA PHE A 33 -5.42 -2.11 -13.19
C PHE A 33 -5.54 -1.84 -11.70
N ALA A 34 -4.64 -2.44 -10.92
CA ALA A 34 -4.64 -2.26 -9.48
C ALA A 34 -3.84 -1.03 -9.07
N ARG A 35 -2.53 -1.07 -9.33
CA ARG A 35 -1.65 0.05 -8.99
C ARG A 35 -2.18 1.35 -9.58
N GLU A 36 -2.61 1.30 -10.84
CA GLU A 36 -3.14 2.47 -11.52
C GLU A 36 -4.41 2.96 -10.86
N ARG A 37 -5.10 2.06 -10.16
CA ARG A 37 -6.34 2.39 -9.49
C ARG A 37 -6.06 3.09 -8.15
N VAL A 38 -5.42 2.37 -7.24
CA VAL A 38 -5.09 2.91 -5.93
C VAL A 38 -4.33 4.22 -6.05
N ALA A 39 -3.65 4.40 -7.18
CA ALA A 39 -2.87 5.61 -7.42
C ALA A 39 -3.76 6.86 -7.33
N ASP A 40 -5.04 6.69 -7.65
CA ASP A 40 -5.99 7.80 -7.59
C ASP A 40 -6.55 7.96 -6.18
N GLN A 41 -6.38 6.93 -5.36
CA GLN A 41 -6.87 6.96 -3.99
C GLN A 41 -5.95 7.78 -3.09
N ILE A 42 -4.66 7.46 -3.13
CA ILE A 42 -3.67 8.16 -2.32
C ILE A 42 -3.08 9.34 -3.08
N ARG A 43 -3.46 9.47 -4.34
CA ARG A 43 -2.98 10.56 -5.19
C ARG A 43 -1.49 10.41 -5.46
N LEU A 44 -1.12 9.26 -6.04
CA LEU A 44 0.28 8.99 -6.37
C LEU A 44 0.40 8.34 -7.74
N GLN A 45 1.62 8.32 -8.27
CA GLN A 45 1.87 7.72 -9.58
C GLN A 45 1.46 6.25 -9.60
N GLU A 46 1.01 5.79 -10.76
CA GLU A 46 0.57 4.40 -10.91
C GLU A 46 1.75 3.44 -10.76
N SER A 47 2.87 3.79 -11.38
CA SER A 47 4.07 2.95 -11.32
C SER A 47 4.82 3.18 -10.01
N ARG A 48 4.57 4.32 -9.38
CA ARG A 48 5.22 4.66 -8.12
C ARG A 48 4.52 3.96 -6.95
N ILE A 49 3.19 4.01 -6.94
CA ILE A 49 2.42 3.39 -5.88
C ILE A 49 2.80 1.92 -5.71
N GLN A 50 3.35 1.33 -6.76
CA GLN A 50 3.77 -0.07 -6.72
C GLN A 50 4.77 -0.31 -5.60
N VAL A 51 5.71 0.61 -5.46
CA VAL A 51 6.73 0.49 -4.42
C VAL A 51 6.12 0.59 -3.03
N TRP A 52 5.03 1.34 -2.91
CA TRP A 52 4.35 1.51 -1.64
C TRP A 52 3.37 0.37 -1.39
N PHE A 53 3.00 -0.33 -2.46
CA PHE A 53 2.07 -1.45 -2.34
C PHE A 53 2.61 -2.51 -1.38
N LYS A 54 3.91 -2.47 -1.13
CA LYS A 54 4.54 -3.42 -0.22
C LYS A 54 4.48 -2.92 1.21
N ASN A 55 4.21 -1.63 1.38
CA ASN A 55 4.13 -1.03 2.71
C ASN A 55 3.44 -1.97 3.69
N ARG A 56 2.13 -2.15 3.51
CA ARG A 56 1.35 -3.02 4.37
C ARG A 56 1.40 -4.46 3.90
N ARG A 57 1.33 -4.65 2.58
CA ARG A 57 1.37 -5.98 1.98
C ARG A 57 2.54 -6.79 2.55
N ALA A 58 3.61 -6.10 2.92
CA ALA A 58 4.79 -6.75 3.48
C ALA A 58 4.68 -6.87 4.99
N LYS A 59 4.08 -5.87 5.63
CA LYS A 59 3.90 -5.87 7.08
C LYS A 59 3.11 -7.09 7.52
N TYR A 60 2.36 -7.68 6.60
CA TYR A 60 1.56 -8.85 6.90
C TYR A 60 2.39 -9.94 7.59
N ARG A 61 3.69 -9.92 7.31
CA ARG A 61 4.60 -10.90 7.89
C ARG A 61 4.98 -10.51 9.32
N LEU A 62 5.09 -9.21 9.55
CA LEU A 62 5.45 -8.70 10.88
C LEU A 62 4.39 -9.08 11.91
N GLN A 63 3.13 -8.80 11.58
CA GLN A 63 2.02 -9.10 12.49
C GLN A 63 2.00 -10.59 12.83
N GLU A 64 2.58 -11.41 11.96
CA GLU A 64 2.63 -12.85 12.17
C GLU A 64 3.53 -13.19 13.35
N LYS A 65 4.69 -12.54 13.42
CA LYS A 65 5.63 -12.77 14.50
C LYS A 65 5.13 -12.17 15.81
N GLN A 66 4.48 -11.02 15.71
CA GLN A 66 3.94 -10.34 16.89
C GLN A 66 3.10 -11.30 17.73
N LYS A 67 1.98 -11.74 17.17
CA LYS A 67 1.08 -12.65 17.86
C LYS A 67 1.37 -14.10 17.47
N PRO A 68 1.01 -15.04 18.35
CA PRO A 68 1.21 -16.47 18.12
C PRO A 68 0.31 -17.02 17.03
N GLY A 1 4.94 2.06 10.71
CA GLY A 1 4.00 3.06 10.26
C GLY A 1 3.83 3.07 8.76
N PRO A 2 2.98 3.98 8.25
CA PRO A 2 2.71 4.10 6.81
C PRO A 2 3.90 4.64 6.04
N ARG A 3 4.89 3.78 5.80
CA ARG A 3 6.08 4.17 5.07
C ARG A 3 6.97 2.97 4.81
N LYS A 4 7.56 2.92 3.61
CA LYS A 4 8.43 1.82 3.23
C LYS A 4 9.86 2.31 3.00
N ASN A 5 10.00 3.62 2.78
CA ASN A 5 11.31 4.22 2.55
C ASN A 5 11.29 5.70 2.89
N ARG A 6 10.63 6.49 2.05
CA ARG A 6 10.54 7.93 2.27
C ARG A 6 9.47 8.55 1.38
N ARG A 7 9.34 9.87 1.44
CA ARG A 7 8.34 10.58 0.65
C ARG A 7 6.95 10.02 0.90
N GLU A 8 6.24 10.62 1.86
CA GLU A 8 4.89 10.18 2.19
C GLU A 8 3.85 11.20 1.72
N ARG A 9 2.60 10.76 1.62
CA ARG A 9 1.53 11.63 1.18
C ARG A 9 1.39 12.84 2.09
N THR A 10 1.78 12.67 3.36
CA THR A 10 1.70 13.75 4.34
C THR A 10 2.27 13.30 5.69
N THR A 11 2.13 14.17 6.69
CA THR A 11 2.62 13.87 8.02
C THR A 11 2.19 12.48 8.48
N TYR A 12 0.88 12.22 8.38
CA TYR A 12 0.34 10.93 8.79
C TYR A 12 -1.07 10.73 8.22
N SER A 13 -1.18 9.86 7.21
CA SER A 13 -2.45 9.58 6.58
C SER A 13 -2.62 8.08 6.32
N ARG A 14 -3.87 7.65 6.18
CA ARG A 14 -4.16 6.25 5.93
C ARG A 14 -3.98 5.91 4.45
N GLN A 15 -3.92 6.94 3.62
CA GLN A 15 -3.75 6.75 2.17
C GLN A 15 -2.62 5.76 1.89
N GLN A 16 -1.46 6.00 2.49
CA GLN A 16 -0.31 5.14 2.30
C GLN A 16 -0.65 3.69 2.63
N LEU A 17 -1.54 3.51 3.60
CA LEU A 17 -1.96 2.17 4.02
C LEU A 17 -3.16 1.70 3.20
N GLU A 18 -3.75 2.62 2.45
CA GLU A 18 -4.91 2.30 1.63
C GLU A 18 -4.51 1.47 0.42
N ILE A 19 -3.38 1.83 -0.19
CA ILE A 19 -2.89 1.11 -1.36
C ILE A 19 -2.99 -0.39 -1.16
N LEU A 20 -2.72 -0.85 0.06
CA LEU A 20 -2.77 -2.27 0.37
C LEU A 20 -4.13 -2.64 0.97
N GLU A 21 -4.45 -2.06 2.11
CA GLU A 21 -5.72 -2.32 2.78
C GLU A 21 -6.86 -2.32 1.78
N THR A 22 -6.72 -1.56 0.70
CA THR A 22 -7.74 -1.48 -0.32
C THR A 22 -7.50 -2.50 -1.42
N LEU A 23 -6.30 -2.50 -1.98
CA LEU A 23 -5.95 -3.42 -3.04
C LEU A 23 -5.78 -4.84 -2.50
N PHE A 24 -4.78 -5.02 -1.63
CA PHE A 24 -4.51 -6.33 -1.04
C PHE A 24 -5.81 -6.98 -0.57
N ASN A 25 -6.73 -6.16 -0.07
CA ASN A 25 -8.02 -6.66 0.41
C ASN A 25 -8.97 -6.93 -0.74
N GLU A 26 -8.99 -6.01 -1.71
CA GLU A 26 -9.85 -6.14 -2.87
C GLU A 26 -9.67 -7.49 -3.54
N THR A 27 -8.41 -7.87 -3.76
CA THR A 27 -8.09 -9.14 -4.40
C THR A 27 -6.59 -9.35 -4.48
N GLN A 28 -6.19 -10.51 -4.98
CA GLN A 28 -4.77 -10.84 -5.11
C GLN A 28 -4.31 -10.76 -6.57
N TYR A 29 -4.78 -9.73 -7.27
CA TYR A 29 -4.43 -9.54 -8.67
C TYR A 29 -3.56 -8.31 -8.84
N PRO A 30 -2.26 -8.46 -8.53
CA PRO A 30 -1.28 -7.38 -8.65
C PRO A 30 -0.99 -7.01 -10.10
N ASP A 31 -1.91 -6.28 -10.72
CA ASP A 31 -1.75 -5.86 -12.11
C ASP A 31 -1.93 -4.34 -12.24
N VAL A 32 -1.72 -3.84 -13.46
CA VAL A 32 -1.85 -2.41 -13.72
C VAL A 32 -3.21 -1.89 -13.26
N PHE A 33 -4.25 -2.69 -13.48
CA PHE A 33 -5.60 -2.31 -13.10
C PHE A 33 -5.69 -2.06 -11.59
N ALA A 34 -4.75 -2.65 -10.85
CA ALA A 34 -4.72 -2.49 -9.40
C ALA A 34 -3.91 -1.25 -9.01
N ARG A 35 -2.62 -1.27 -9.32
CA ARG A 35 -1.74 -0.15 -8.99
C ARG A 35 -2.28 1.16 -9.57
N GLU A 36 -2.72 1.11 -10.83
CA GLU A 36 -3.26 2.29 -11.49
C GLU A 36 -4.52 2.78 -10.79
N ARG A 37 -5.21 1.85 -10.11
CA ARG A 37 -6.44 2.19 -9.40
C ARG A 37 -6.12 2.92 -8.10
N VAL A 38 -5.44 2.23 -7.19
CA VAL A 38 -5.08 2.81 -5.90
C VAL A 38 -4.34 4.13 -6.08
N ALA A 39 -3.67 4.28 -7.23
CA ALA A 39 -2.93 5.49 -7.52
C ALA A 39 -3.83 6.72 -7.44
N ASP A 40 -5.11 6.53 -7.73
CA ASP A 40 -6.07 7.63 -7.68
C ASP A 40 -6.61 7.83 -6.27
N GLN A 41 -6.40 6.82 -5.42
CA GLN A 41 -6.86 6.89 -4.03
C GLN A 41 -5.93 7.75 -3.19
N ILE A 42 -4.64 7.42 -3.23
CA ILE A 42 -3.64 8.17 -2.46
C ILE A 42 -3.08 9.34 -3.27
N ARG A 43 -3.50 9.42 -4.53
CA ARG A 43 -3.04 10.50 -5.41
C ARG A 43 -1.55 10.34 -5.71
N LEU A 44 -1.20 9.24 -6.35
CA LEU A 44 0.20 8.98 -6.71
C LEU A 44 0.30 8.27 -8.06
N GLN A 45 1.50 8.23 -8.62
CA GLN A 45 1.73 7.58 -9.90
C GLN A 45 1.25 6.13 -9.87
N GLU A 46 0.94 5.58 -11.04
CA GLU A 46 0.47 4.21 -11.14
C GLU A 46 1.63 3.23 -10.91
N SER A 47 2.77 3.52 -11.52
CA SER A 47 3.95 2.67 -11.39
C SER A 47 4.68 2.94 -10.08
N ARG A 48 4.56 4.18 -9.59
CA ARG A 48 5.20 4.56 -8.33
C ARG A 48 4.53 3.88 -7.15
N ILE A 49 3.20 3.93 -7.11
CA ILE A 49 2.45 3.32 -6.03
C ILE A 49 2.82 1.85 -5.85
N GLN A 50 3.36 1.26 -6.90
CA GLN A 50 3.77 -0.15 -6.87
C GLN A 50 4.85 -0.37 -5.82
N VAL A 51 5.58 0.70 -5.50
CA VAL A 51 6.66 0.62 -4.52
C VAL A 51 6.10 0.62 -3.10
N TRP A 52 5.02 1.36 -2.89
CA TRP A 52 4.38 1.45 -1.58
C TRP A 52 3.40 0.30 -1.37
N PHE A 53 3.02 -0.35 -2.46
CA PHE A 53 2.08 -1.47 -2.39
C PHE A 53 2.60 -2.55 -1.45
N LYS A 54 3.90 -2.53 -1.21
CA LYS A 54 4.53 -3.51 -0.32
C LYS A 54 4.51 -3.03 1.13
N ASN A 55 4.30 -1.73 1.31
CA ASN A 55 4.26 -1.14 2.64
C ASN A 55 3.53 -2.06 3.62
N ARG A 56 2.22 -2.19 3.46
CA ARG A 56 1.42 -3.03 4.33
C ARG A 56 1.41 -4.48 3.83
N ARG A 57 1.32 -4.65 2.51
CA ARG A 57 1.30 -5.97 1.91
C ARG A 57 2.45 -6.83 2.46
N ALA A 58 3.55 -6.18 2.84
CA ALA A 58 4.71 -6.87 3.37
C ALA A 58 4.59 -7.03 4.89
N LYS A 59 4.01 -6.04 5.54
CA LYS A 59 3.83 -6.07 6.99
C LYS A 59 3.07 -7.32 7.42
N TYR A 60 2.31 -7.90 6.49
CA TYR A 60 1.54 -9.10 6.78
C TYR A 60 2.40 -10.17 7.43
N ARG A 61 3.70 -10.13 7.13
CA ARG A 61 4.63 -11.10 7.69
C ARG A 61 5.03 -10.73 9.11
N LEU A 62 5.18 -9.42 9.36
CA LEU A 62 5.56 -8.94 10.67
C LEU A 62 4.50 -9.30 11.71
N GLN A 63 3.24 -9.10 11.36
CA GLN A 63 2.13 -9.41 12.25
C GLN A 63 2.03 -10.91 12.50
N GLU A 64 2.63 -11.70 11.60
CA GLU A 64 2.61 -13.15 11.72
C GLU A 64 3.25 -13.59 13.03
N LYS A 65 4.30 -12.89 13.44
CA LYS A 65 5.00 -13.21 14.68
C LYS A 65 4.65 -12.21 15.78
N GLN A 66 4.17 -11.04 15.38
CA GLN A 66 3.80 -10.00 16.34
C GLN A 66 2.38 -10.22 16.86
N LYS A 67 1.41 -10.19 15.96
CA LYS A 67 0.02 -10.39 16.33
C LYS A 67 -0.26 -11.87 16.62
N PRO A 68 -1.32 -12.13 17.40
CA PRO A 68 -1.71 -13.49 17.76
C PRO A 68 -2.27 -14.27 16.56
N GLY A 1 2.64 1.90 11.52
CA GLY A 1 2.28 2.90 10.51
C GLY A 1 2.81 2.55 9.14
N PRO A 2 2.58 3.45 8.18
CA PRO A 2 3.03 3.26 6.79
C PRO A 2 4.55 3.35 6.66
N ARG A 3 5.15 2.27 6.19
CA ARG A 3 6.61 2.22 6.00
C ARG A 3 6.97 1.54 4.70
N LYS A 4 8.24 1.17 4.56
CA LYS A 4 8.73 0.50 3.35
C LYS A 4 8.68 1.44 2.16
N ASN A 5 9.13 2.69 2.37
CA ASN A 5 9.15 3.68 1.31
C ASN A 5 10.20 4.75 1.58
N ARG A 6 10.15 5.83 0.82
CA ARG A 6 11.09 6.93 0.98
C ARG A 6 10.38 8.22 1.37
N ARG A 7 9.09 8.29 1.06
CA ARG A 7 8.29 9.48 1.38
C ARG A 7 6.88 9.08 1.82
N GLU A 8 6.03 10.07 1.99
CA GLU A 8 4.65 9.82 2.41
C GLU A 8 3.72 10.91 1.91
N ARG A 9 2.46 10.56 1.68
CA ARG A 9 1.47 11.51 1.20
C ARG A 9 1.41 12.74 2.10
N THR A 10 1.78 12.57 3.36
CA THR A 10 1.77 13.66 4.32
C THR A 10 2.32 13.21 5.68
N THR A 11 2.20 14.08 6.67
CA THR A 11 2.69 13.77 8.02
C THR A 11 2.22 12.39 8.46
N TYR A 12 0.92 12.15 8.39
CA TYR A 12 0.35 10.87 8.80
C TYR A 12 -1.06 10.70 8.23
N SER A 13 -1.19 9.84 7.23
CA SER A 13 -2.48 9.59 6.61
C SER A 13 -2.69 8.09 6.35
N ARG A 14 -3.94 7.69 6.22
CA ARG A 14 -4.27 6.29 5.96
C ARG A 14 -4.10 5.95 4.48
N GLN A 15 -4.07 6.98 3.65
CA GLN A 15 -3.92 6.80 2.21
C GLN A 15 -2.78 5.83 1.90
N GLN A 16 -1.62 6.09 2.48
CA GLN A 16 -0.45 5.23 2.27
C GLN A 16 -0.78 3.78 2.60
N LEU A 17 -1.66 3.58 3.57
CA LEU A 17 -2.04 2.24 3.99
C LEU A 17 -3.26 1.75 3.19
N GLU A 18 -3.87 2.66 2.45
CA GLU A 18 -5.04 2.33 1.64
C GLU A 18 -4.63 1.50 0.42
N ILE A 19 -3.52 1.87 -0.19
CA ILE A 19 -3.02 1.18 -1.38
C ILE A 19 -3.11 -0.34 -1.19
N LEU A 20 -2.82 -0.80 0.03
CA LEU A 20 -2.88 -2.23 0.33
C LEU A 20 -4.23 -2.61 0.91
N GLU A 21 -4.56 -2.03 2.07
CA GLU A 21 -5.83 -2.31 2.72
C GLU A 21 -6.97 -2.33 1.71
N THR A 22 -6.82 -1.55 0.65
CA THR A 22 -7.84 -1.47 -0.39
C THR A 22 -7.58 -2.49 -1.50
N LEU A 23 -6.35 -2.48 -2.02
CA LEU A 23 -5.98 -3.42 -3.08
C LEU A 23 -5.76 -4.82 -2.53
N PHE A 24 -4.75 -4.97 -1.68
CA PHE A 24 -4.45 -6.26 -1.08
C PHE A 24 -5.72 -6.96 -0.60
N ASN A 25 -6.68 -6.16 -0.13
CA ASN A 25 -7.94 -6.70 0.36
C ASN A 25 -8.91 -6.96 -0.79
N GLU A 26 -8.96 -6.02 -1.73
CA GLU A 26 -9.84 -6.15 -2.89
C GLU A 26 -9.63 -7.48 -3.60
N THR A 27 -8.36 -7.82 -3.83
CA THR A 27 -8.01 -9.06 -4.49
C THR A 27 -6.50 -9.27 -4.52
N GLN A 28 -6.08 -10.44 -5.01
CA GLN A 28 -4.66 -10.76 -5.08
C GLN A 28 -4.16 -10.68 -6.51
N TYR A 29 -4.58 -9.63 -7.21
CA TYR A 29 -4.18 -9.43 -8.60
C TYR A 29 -3.28 -8.20 -8.73
N PRO A 30 -2.01 -8.36 -8.35
CA PRO A 30 -1.02 -7.27 -8.43
C PRO A 30 -0.66 -6.91 -9.86
N ASP A 31 -1.53 -6.16 -10.52
CA ASP A 31 -1.30 -5.74 -11.90
C ASP A 31 -1.53 -4.25 -12.07
N VAL A 32 -1.26 -3.74 -13.25
CA VAL A 32 -1.45 -2.32 -13.55
C VAL A 32 -2.85 -1.86 -13.17
N PHE A 33 -3.84 -2.67 -13.52
CA PHE A 33 -5.23 -2.35 -13.23
C PHE A 33 -5.42 -2.09 -11.73
N ALA A 34 -4.53 -2.66 -10.92
CA ALA A 34 -4.60 -2.49 -9.48
C ALA A 34 -3.88 -1.23 -9.03
N ARG A 35 -2.57 -1.20 -9.24
CA ARG A 35 -1.76 -0.05 -8.86
C ARG A 35 -2.30 1.23 -9.49
N GLU A 36 -2.59 1.16 -10.79
CA GLU A 36 -3.12 2.32 -11.51
C GLU A 36 -4.42 2.80 -10.88
N ARG A 37 -5.12 1.89 -10.21
CA ARG A 37 -6.39 2.23 -9.57
C ARG A 37 -6.15 2.96 -8.25
N VAL A 38 -5.51 2.29 -7.31
CA VAL A 38 -5.22 2.88 -6.00
C VAL A 38 -4.46 4.20 -6.16
N ALA A 39 -3.79 4.36 -7.28
CA ALA A 39 -3.02 5.57 -7.55
C ALA A 39 -3.91 6.81 -7.46
N ASP A 40 -5.19 6.64 -7.76
CA ASP A 40 -6.14 7.74 -7.70
C ASP A 40 -6.69 7.92 -6.29
N GLN A 41 -6.50 6.90 -5.45
CA GLN A 41 -6.98 6.93 -4.08
C GLN A 41 -6.06 7.78 -3.20
N ILE A 42 -4.76 7.49 -3.25
CA ILE A 42 -3.78 8.22 -2.46
C ILE A 42 -3.22 9.40 -3.25
N ARG A 43 -3.58 9.47 -4.54
CA ARG A 43 -3.11 10.56 -5.40
C ARG A 43 -1.62 10.40 -5.70
N LEU A 44 -1.24 9.25 -6.26
CA LEU A 44 0.14 8.99 -6.60
C LEU A 44 0.25 8.31 -7.96
N GLN A 45 1.46 8.30 -8.52
CA GLN A 45 1.69 7.68 -9.81
C GLN A 45 1.26 6.21 -9.81
N GLU A 46 0.86 5.72 -10.98
CA GLU A 46 0.42 4.34 -11.11
C GLU A 46 1.59 3.38 -10.91
N SER A 47 2.72 3.71 -11.52
CA SER A 47 3.91 2.88 -11.41
C SER A 47 4.65 3.15 -10.10
N ARG A 48 4.43 4.33 -9.54
CA ARG A 48 5.08 4.72 -8.30
C ARG A 48 4.41 4.04 -7.11
N ILE A 49 3.09 4.04 -7.09
CA ILE A 49 2.33 3.43 -6.02
C ILE A 49 2.72 1.96 -5.84
N GLN A 50 3.28 1.37 -6.88
CA GLN A 50 3.70 -0.02 -6.85
C GLN A 50 4.68 -0.26 -5.71
N VAL A 51 5.64 0.65 -5.57
CA VAL A 51 6.66 0.54 -4.52
C VAL A 51 6.04 0.68 -3.14
N TRP A 52 4.95 1.44 -3.06
CA TRP A 52 4.26 1.65 -1.80
C TRP A 52 3.30 0.51 -1.50
N PHE A 53 2.94 -0.24 -2.54
CA PHE A 53 2.02 -1.37 -2.40
C PHE A 53 2.57 -2.39 -1.42
N LYS A 54 3.87 -2.33 -1.16
CA LYS A 54 4.52 -3.24 -0.24
C LYS A 54 4.45 -2.73 1.20
N ASN A 55 4.14 -1.44 1.33
CA ASN A 55 4.04 -0.82 2.65
C ASN A 55 3.36 -1.77 3.64
N ARG A 56 2.06 -1.98 3.46
CA ARG A 56 1.31 -2.86 4.35
C ARG A 56 1.40 -4.31 3.88
N ARG A 57 1.35 -4.51 2.56
CA ARG A 57 1.42 -5.84 1.98
C ARG A 57 2.60 -6.61 2.55
N ALA A 58 3.67 -5.88 2.91
CA ALA A 58 4.86 -6.50 3.47
C ALA A 58 4.75 -6.62 4.99
N LYS A 59 4.06 -5.67 5.62
CA LYS A 59 3.89 -5.67 7.06
C LYS A 59 3.22 -6.96 7.53
N TYR A 60 2.52 -7.62 6.61
CA TYR A 60 1.83 -8.86 6.93
C TYR A 60 2.78 -9.86 7.57
N ARG A 61 4.06 -9.74 7.24
CA ARG A 61 5.07 -10.64 7.79
C ARG A 61 5.45 -10.23 9.21
N LEU A 62 5.41 -8.94 9.48
CA LEU A 62 5.75 -8.42 10.80
C LEU A 62 4.69 -8.80 11.83
N GLN A 63 3.42 -8.64 11.46
CA GLN A 63 2.33 -8.98 12.36
C GLN A 63 2.23 -10.49 12.54
N GLU A 64 2.80 -11.24 11.61
CA GLU A 64 2.77 -12.69 11.68
C GLU A 64 3.21 -13.18 13.05
N LYS A 65 4.13 -12.45 13.67
CA LYS A 65 4.64 -12.80 14.98
C LYS A 65 4.22 -11.77 16.04
N GLN A 66 4.03 -10.54 15.59
CA GLN A 66 3.64 -9.46 16.49
C GLN A 66 2.33 -9.80 17.21
N LYS A 67 1.28 -10.03 16.43
CA LYS A 67 -0.03 -10.37 17.00
C LYS A 67 0.09 -11.54 17.96
N PRO A 68 -0.90 -11.69 18.84
CA PRO A 68 -0.93 -12.77 19.84
C PRO A 68 -1.19 -14.13 19.19
N GLY A 1 4.76 0.73 10.79
CA GLY A 1 3.66 1.62 10.48
C GLY A 1 3.60 1.96 9.00
N PRO A 2 2.80 2.99 8.67
CA PRO A 2 2.62 3.44 7.28
C PRO A 2 3.88 4.11 6.73
N ARG A 3 4.85 3.30 6.32
CA ARG A 3 6.09 3.82 5.77
C ARG A 3 6.91 2.70 5.12
N LYS A 4 7.65 3.05 4.07
CA LYS A 4 8.47 2.07 3.36
C LYS A 4 9.57 2.78 2.58
N ASN A 5 9.22 3.85 1.88
CA ASN A 5 10.18 4.60 1.09
C ASN A 5 9.86 6.09 1.11
N ARG A 6 10.44 6.83 0.19
CA ARG A 6 10.23 8.27 0.11
C ARG A 6 8.76 8.61 0.35
N ARG A 7 8.51 9.55 1.26
CA ARG A 7 7.15 9.97 1.59
C ARG A 7 6.40 10.39 0.33
N GLU A 8 5.10 10.65 0.49
CA GLU A 8 4.27 11.06 -0.64
C GLU A 8 3.06 11.87 -0.15
N ARG A 9 2.08 11.18 0.42
CA ARG A 9 0.89 11.83 0.94
C ARG A 9 1.20 12.70 2.14
N THR A 10 1.87 12.11 3.13
CA THR A 10 2.24 12.83 4.34
C THR A 10 3.07 11.94 5.28
N THR A 11 3.37 12.47 6.46
CA THR A 11 4.16 11.73 7.44
C THR A 11 3.58 10.34 7.68
N TYR A 12 2.29 10.29 8.02
CA TYR A 12 1.62 9.02 8.27
C TYR A 12 0.11 9.18 8.21
N SER A 13 -0.49 8.62 7.17
CA SER A 13 -1.94 8.71 6.99
C SER A 13 -2.51 7.36 6.57
N ARG A 14 -3.84 7.29 6.48
CA ARG A 14 -4.52 6.06 6.08
C ARG A 14 -4.35 5.80 4.59
N GLN A 15 -4.07 6.86 3.84
CA GLN A 15 -3.88 6.73 2.39
C GLN A 15 -2.78 5.74 2.06
N GLN A 16 -1.60 5.95 2.66
CA GLN A 16 -0.46 5.07 2.44
C GLN A 16 -0.82 3.62 2.75
N LEU A 17 -1.74 3.43 3.69
CA LEU A 17 -2.17 2.09 4.08
C LEU A 17 -3.35 1.63 3.24
N GLU A 18 -3.94 2.57 2.50
CA GLU A 18 -5.08 2.26 1.63
C GLU A 18 -4.65 1.43 0.43
N ILE A 19 -3.51 1.80 -0.15
CA ILE A 19 -2.98 1.10 -1.32
C ILE A 19 -3.07 -0.42 -1.13
N LEU A 20 -2.81 -0.87 0.09
CA LEU A 20 -2.87 -2.30 0.40
C LEU A 20 -4.24 -2.68 0.95
N GLU A 21 -4.59 -2.10 2.11
CA GLU A 21 -5.87 -2.38 2.75
C GLU A 21 -7.00 -2.39 1.71
N THR A 22 -6.82 -1.62 0.64
CA THR A 22 -7.83 -1.55 -0.41
C THR A 22 -7.55 -2.56 -1.51
N LEU A 23 -6.34 -2.54 -2.05
CA LEU A 23 -5.95 -3.46 -3.10
C LEU A 23 -5.73 -4.87 -2.55
N PHE A 24 -4.73 -5.01 -1.70
CA PHE A 24 -4.42 -6.30 -1.09
C PHE A 24 -5.69 -7.00 -0.63
N ASN A 25 -6.64 -6.22 -0.13
CA ASN A 25 -7.90 -6.77 0.35
C ASN A 25 -8.85 -7.05 -0.81
N GLU A 26 -8.93 -6.11 -1.75
CA GLU A 26 -9.80 -6.27 -2.91
C GLU A 26 -9.52 -7.59 -3.63
N THR A 27 -8.24 -7.90 -3.80
CA THR A 27 -7.84 -9.12 -4.48
C THR A 27 -6.32 -9.29 -4.45
N GLN A 28 -5.85 -10.41 -5.01
CA GLN A 28 -4.42 -10.69 -5.04
C GLN A 28 -3.89 -10.61 -6.47
N TYR A 29 -4.40 -9.65 -7.24
CA TYR A 29 -3.98 -9.46 -8.62
C TYR A 29 -3.20 -8.15 -8.78
N PRO A 30 -1.91 -8.19 -8.39
CA PRO A 30 -1.03 -7.02 -8.49
C PRO A 30 -0.69 -6.66 -9.94
N ASP A 31 -1.63 -6.01 -10.61
CA ASP A 31 -1.44 -5.60 -12.00
C ASP A 31 -1.63 -4.10 -12.17
N VAL A 32 -1.37 -3.61 -13.37
CA VAL A 32 -1.51 -2.18 -13.66
C VAL A 32 -2.89 -1.68 -13.26
N PHE A 33 -3.92 -2.47 -13.56
CA PHE A 33 -5.29 -2.11 -13.23
C PHE A 33 -5.45 -1.89 -11.74
N ALA A 34 -4.57 -2.49 -10.95
CA ALA A 34 -4.61 -2.36 -9.50
C ALA A 34 -3.83 -1.13 -9.04
N ARG A 35 -2.53 -1.13 -9.29
CA ARG A 35 -1.68 -0.02 -8.90
C ARG A 35 -2.21 1.30 -9.47
N GLU A 36 -2.58 1.28 -10.74
CA GLU A 36 -3.10 2.46 -11.41
C GLU A 36 -4.40 2.93 -10.76
N ARG A 37 -5.11 2.00 -10.14
CA ARG A 37 -6.36 2.32 -9.49
C ARG A 37 -6.13 3.03 -8.15
N VAL A 38 -5.46 2.33 -7.23
CA VAL A 38 -5.16 2.89 -5.92
C VAL A 38 -4.38 4.20 -6.05
N ALA A 39 -3.71 4.37 -7.18
CA ALA A 39 -2.93 5.58 -7.43
C ALA A 39 -3.79 6.83 -7.30
N ASP A 40 -5.08 6.69 -7.62
CA ASP A 40 -6.02 7.81 -7.54
C ASP A 40 -6.56 7.96 -6.11
N GLN A 41 -6.39 6.91 -5.31
CA GLN A 41 -6.87 6.93 -3.93
C GLN A 41 -5.95 7.75 -3.05
N ILE A 42 -4.66 7.46 -3.11
CA ILE A 42 -3.67 8.19 -2.30
C ILE A 42 -3.09 9.36 -3.08
N ARG A 43 -3.44 9.45 -4.35
CA ARG A 43 -2.96 10.53 -5.20
C ARG A 43 -1.47 10.36 -5.49
N LEU A 44 -1.10 9.23 -6.08
CA LEU A 44 0.29 8.96 -6.40
C LEU A 44 0.41 8.27 -7.76
N GLN A 45 1.60 8.30 -8.34
CA GLN A 45 1.85 7.69 -9.64
C GLN A 45 1.38 6.23 -9.65
N GLU A 46 0.98 5.75 -10.81
CA GLU A 46 0.51 4.38 -10.95
C GLU A 46 1.66 3.39 -10.80
N SER A 47 2.80 3.72 -11.37
CA SER A 47 3.98 2.86 -11.30
C SER A 47 4.74 3.10 -9.99
N ARG A 48 4.53 4.27 -9.40
CA ARG A 48 5.20 4.62 -8.16
C ARG A 48 4.52 3.96 -6.97
N ILE A 49 3.19 4.03 -6.93
CA ILE A 49 2.42 3.44 -5.84
C ILE A 49 2.81 1.99 -5.63
N GLN A 50 3.32 1.36 -6.67
CA GLN A 50 3.73 -0.04 -6.60
C GLN A 50 4.74 -0.26 -5.47
N VAL A 51 5.67 0.68 -5.33
CA VAL A 51 6.69 0.60 -4.29
C VAL A 51 6.07 0.68 -2.91
N TRP A 52 4.97 1.43 -2.80
CA TRP A 52 4.29 1.59 -1.52
C TRP A 52 3.32 0.43 -1.27
N PHE A 53 2.99 -0.28 -2.34
CA PHE A 53 2.07 -1.41 -2.24
C PHE A 53 2.59 -2.46 -1.26
N LYS A 54 3.90 -2.39 -0.98
CA LYS A 54 4.52 -3.32 -0.05
C LYS A 54 4.43 -2.82 1.38
N ASN A 55 4.14 -1.52 1.53
CA ASN A 55 4.02 -0.92 2.85
C ASN A 55 3.32 -1.87 3.82
N ARG A 56 2.02 -2.06 3.61
CA ARG A 56 1.23 -2.94 4.47
C ARG A 56 1.32 -4.39 3.99
N ARG A 57 1.29 -4.57 2.68
CA ARG A 57 1.36 -5.90 2.10
C ARG A 57 2.52 -6.69 2.68
N ALA A 58 3.57 -5.99 3.08
CA ALA A 58 4.75 -6.63 3.66
C ALA A 58 4.60 -6.76 5.18
N LYS A 59 3.91 -5.81 5.79
CA LYS A 59 3.70 -5.82 7.24
C LYS A 59 2.98 -7.09 7.67
N TYR A 60 2.31 -7.73 6.71
CA TYR A 60 1.57 -8.97 7.00
C TYR A 60 2.47 -9.97 7.71
N ARG A 61 3.77 -9.89 7.45
CA ARG A 61 4.73 -10.80 8.06
C ARG A 61 4.98 -10.42 9.52
N LEU A 62 4.99 -9.12 9.80
CA LEU A 62 5.23 -8.63 11.15
C LEU A 62 4.11 -9.07 12.08
N GLN A 63 2.87 -8.79 11.71
CA GLN A 63 1.72 -9.16 12.53
C GLN A 63 1.59 -10.68 12.61
N GLU A 64 2.21 -11.38 11.66
CA GLU A 64 2.15 -12.84 11.64
C GLU A 64 2.60 -13.42 12.98
N LYS A 65 3.77 -12.99 13.44
CA LYS A 65 4.31 -13.46 14.71
C LYS A 65 3.48 -12.95 15.88
N GLN A 66 2.86 -11.79 15.70
CA GLN A 66 2.04 -11.19 16.74
C GLN A 66 0.88 -12.11 17.12
N LYS A 67 -0.09 -12.23 16.23
CA LYS A 67 -1.26 -13.08 16.47
C LYS A 67 -0.89 -14.55 16.32
N PRO A 68 -1.73 -15.43 16.90
CA PRO A 68 -1.51 -16.88 16.85
C PRO A 68 -1.72 -17.44 15.45
N GLY A 1 2.59 0.57 11.82
CA GLY A 1 2.07 1.72 11.12
C GLY A 1 2.58 1.81 9.69
N PRO A 2 2.13 2.85 8.97
CA PRO A 2 2.54 3.07 7.57
C PRO A 2 4.00 3.47 7.45
N ARG A 3 4.72 2.85 6.53
CA ARG A 3 6.13 3.13 6.31
C ARG A 3 6.70 2.27 5.20
N LYS A 4 7.80 2.73 4.60
CA LYS A 4 8.45 2.00 3.52
C LYS A 4 9.73 2.70 3.09
N ASN A 5 10.45 2.09 2.15
CA ASN A 5 11.69 2.65 1.65
C ASN A 5 11.50 4.11 1.26
N ARG A 6 10.29 4.46 0.83
CA ARG A 6 9.98 5.83 0.43
C ARG A 6 9.31 6.60 1.57
N ARG A 7 8.83 7.79 1.27
CA ARG A 7 8.16 8.63 2.26
C ARG A 7 6.65 8.57 2.09
N GLU A 8 5.95 8.11 3.13
CA GLU A 8 4.50 8.01 3.09
C GLU A 8 3.87 9.31 2.62
N ARG A 9 2.58 9.28 2.32
CA ARG A 9 1.86 10.45 1.84
C ARG A 9 2.12 11.64 2.76
N THR A 10 2.30 11.37 4.05
CA THR A 10 2.55 12.42 5.03
C THR A 10 2.89 11.83 6.39
N THR A 11 2.93 12.69 7.41
CA THR A 11 3.24 12.24 8.77
C THR A 11 2.50 10.97 9.12
N TYR A 12 1.18 10.98 8.93
CA TYR A 12 0.36 9.82 9.22
C TYR A 12 -1.01 9.93 8.54
N SER A 13 -1.20 9.15 7.49
CA SER A 13 -2.46 9.16 6.75
C SER A 13 -2.87 7.74 6.36
N ARG A 14 -4.17 7.56 6.14
CA ARG A 14 -4.70 6.25 5.76
C ARG A 14 -4.49 5.99 4.27
N GLN A 15 -4.25 7.05 3.51
CA GLN A 15 -4.03 6.92 2.08
C GLN A 15 -2.91 5.94 1.78
N GLN A 16 -1.74 6.17 2.39
CA GLN A 16 -0.59 5.30 2.18
C GLN A 16 -0.93 3.86 2.51
N LEU A 17 -1.87 3.67 3.45
CA LEU A 17 -2.28 2.33 3.85
C LEU A 17 -3.44 1.84 2.99
N GLU A 18 -4.04 2.76 2.23
CA GLU A 18 -5.15 2.42 1.35
C GLU A 18 -4.69 1.58 0.17
N ILE A 19 -3.56 1.97 -0.42
CA ILE A 19 -3.00 1.25 -1.55
C ILE A 19 -3.06 -0.26 -1.34
N LEU A 20 -2.81 -0.69 -0.11
CA LEU A 20 -2.82 -2.10 0.24
C LEU A 20 -4.18 -2.50 0.80
N GLU A 21 -4.55 -1.92 1.93
CA GLU A 21 -5.82 -2.21 2.58
C GLU A 21 -6.94 -2.27 1.55
N THR A 22 -6.79 -1.52 0.47
CA THR A 22 -7.80 -1.48 -0.58
C THR A 22 -7.50 -2.50 -1.67
N LEU A 23 -6.26 -2.49 -2.16
CA LEU A 23 -5.85 -3.43 -3.20
C LEU A 23 -5.57 -4.81 -2.61
N PHE A 24 -4.55 -4.88 -1.76
CA PHE A 24 -4.17 -6.13 -1.13
C PHE A 24 -5.40 -6.87 -0.61
N ASN A 25 -6.40 -6.12 -0.19
CA ASN A 25 -7.63 -6.70 0.34
C ASN A 25 -8.60 -7.03 -0.79
N GLU A 26 -8.66 -6.14 -1.79
CA GLU A 26 -9.55 -6.34 -2.93
C GLU A 26 -9.32 -7.71 -3.57
N THR A 27 -8.05 -8.03 -3.80
CA THR A 27 -7.69 -9.31 -4.41
C THR A 27 -6.18 -9.46 -4.53
N GLN A 28 -5.75 -10.62 -5.02
CA GLN A 28 -4.32 -10.88 -5.19
C GLN A 28 -3.91 -10.77 -6.65
N TYR A 29 -4.43 -9.75 -7.33
CA TYR A 29 -4.13 -9.54 -8.74
C TYR A 29 -3.31 -8.26 -8.93
N PRO A 30 -2.00 -8.36 -8.64
CA PRO A 30 -1.08 -7.23 -8.77
C PRO A 30 -0.82 -6.85 -10.23
N ASP A 31 -1.77 -6.14 -10.81
CA ASP A 31 -1.65 -5.72 -12.21
C ASP A 31 -1.89 -4.21 -12.35
N VAL A 32 -1.67 -3.69 -13.54
CA VAL A 32 -1.86 -2.26 -13.80
C VAL A 32 -3.24 -1.80 -13.35
N PHE A 33 -4.26 -2.58 -13.65
CA PHE A 33 -5.63 -2.26 -13.26
C PHE A 33 -5.73 -2.03 -11.76
N ALA A 34 -4.80 -2.61 -11.02
CA ALA A 34 -4.78 -2.47 -9.56
C ALA A 34 -4.02 -1.23 -9.14
N ARG A 35 -2.73 -1.19 -9.43
CA ARG A 35 -1.89 -0.05 -9.08
C ARG A 35 -2.45 1.24 -9.66
N GLU A 36 -2.87 1.19 -10.92
CA GLU A 36 -3.43 2.35 -11.60
C GLU A 36 -4.70 2.81 -10.91
N ARG A 37 -5.38 1.89 -10.24
CA ARG A 37 -6.62 2.20 -9.53
C ARG A 37 -6.33 2.96 -8.24
N VAL A 38 -5.63 2.30 -7.32
CA VAL A 38 -5.29 2.91 -6.04
C VAL A 38 -4.54 4.22 -6.24
N ALA A 39 -3.91 4.37 -7.40
CA ALA A 39 -3.16 5.58 -7.71
C ALA A 39 -4.04 6.82 -7.58
N ASP A 40 -5.33 6.64 -7.84
CA ASP A 40 -6.28 7.74 -7.76
C ASP A 40 -6.77 7.94 -6.33
N GLN A 41 -6.55 6.93 -5.50
CA GLN A 41 -6.97 6.98 -4.10
C GLN A 41 -6.02 7.86 -3.28
N ILE A 42 -4.73 7.57 -3.37
CA ILE A 42 -3.72 8.33 -2.63
C ILE A 42 -3.17 9.47 -3.48
N ARG A 43 -3.58 9.52 -4.74
CA ARG A 43 -3.14 10.57 -5.65
C ARG A 43 -1.65 10.41 -5.97
N LEU A 44 -1.32 9.30 -6.64
CA LEU A 44 0.06 9.02 -7.02
C LEU A 44 0.13 8.29 -8.35
N GLN A 45 1.31 8.27 -8.95
CA GLN A 45 1.51 7.60 -10.22
C GLN A 45 1.11 6.13 -10.14
N GLU A 46 0.64 5.59 -11.26
CA GLU A 46 0.21 4.19 -11.31
C GLU A 46 1.40 3.26 -11.10
N SER A 47 2.50 3.52 -11.80
CA SER A 47 3.70 2.70 -11.70
C SER A 47 4.48 3.06 -10.43
N ARG A 48 4.24 4.25 -9.90
CA ARG A 48 4.92 4.70 -8.69
C ARG A 48 4.30 4.08 -7.45
N ILE A 49 2.97 4.08 -7.41
CA ILE A 49 2.24 3.53 -6.27
C ILE A 49 2.65 2.08 -6.02
N GLN A 50 3.18 1.42 -7.06
CA GLN A 50 3.60 0.03 -6.95
C GLN A 50 4.64 -0.13 -5.85
N VAL A 51 5.59 0.80 -5.79
CA VAL A 51 6.63 0.76 -4.77
C VAL A 51 6.06 0.94 -3.38
N TRP A 52 4.97 1.69 -3.28
CA TRP A 52 4.32 1.94 -2.00
C TRP A 52 3.38 0.80 -1.63
N PHE A 53 3.02 -0.01 -2.63
CA PHE A 53 2.13 -1.14 -2.40
C PHE A 53 2.71 -2.10 -1.35
N LYS A 54 4.01 -1.97 -1.10
CA LYS A 54 4.68 -2.81 -0.11
C LYS A 54 4.52 -2.25 1.30
N ASN A 55 4.14 -0.98 1.37
CA ASN A 55 3.94 -0.32 2.66
C ASN A 55 3.30 -1.26 3.67
N ARG A 56 2.02 -1.56 3.47
CA ARG A 56 1.29 -2.44 4.35
C ARG A 56 1.46 -3.91 3.93
N ARG A 57 1.44 -4.14 2.62
CA ARG A 57 1.60 -5.49 2.08
C ARG A 57 2.81 -6.19 2.71
N ALA A 58 3.81 -5.40 3.07
CA ALA A 58 5.02 -5.94 3.69
C ALA A 58 4.87 -6.04 5.20
N LYS A 59 4.13 -5.10 5.78
CA LYS A 59 3.91 -5.08 7.22
C LYS A 59 3.27 -6.38 7.70
N TYR A 60 2.63 -7.08 6.77
CA TYR A 60 1.96 -8.35 7.10
C TYR A 60 2.91 -9.27 7.86
N ARG A 61 4.20 -9.13 7.61
CA ARG A 61 5.20 -9.95 8.27
C ARG A 61 5.47 -9.46 9.69
N LEU A 62 5.50 -8.14 9.86
CA LEU A 62 5.72 -7.54 11.17
C LEU A 62 4.56 -7.81 12.10
N GLN A 63 3.35 -7.83 11.54
CA GLN A 63 2.15 -8.08 12.33
C GLN A 63 1.98 -9.57 12.60
N GLU A 64 2.55 -10.40 11.73
CA GLU A 64 2.45 -11.85 11.87
C GLU A 64 2.91 -12.29 13.27
N LYS A 65 4.15 -12.00 13.60
CA LYS A 65 4.71 -12.36 14.90
C LYS A 65 4.07 -11.52 16.01
N GLN A 66 3.69 -10.30 15.68
CA GLN A 66 3.08 -9.40 16.65
C GLN A 66 1.85 -10.05 17.28
N LYS A 67 0.85 -10.35 16.46
CA LYS A 67 -0.38 -10.98 16.94
C LYS A 67 -0.07 -12.23 17.76
N PRO A 68 -1.01 -12.61 18.63
CA PRO A 68 -0.86 -13.80 19.48
C PRO A 68 -0.92 -15.10 18.70
N GLY A 1 4.65 2.93 10.41
CA GLY A 1 3.55 3.79 10.01
C GLY A 1 3.25 3.69 8.52
N PRO A 2 2.34 4.54 8.05
CA PRO A 2 1.95 4.57 6.63
C PRO A 2 3.05 5.11 5.73
N ARG A 3 4.08 4.28 5.52
CA ARG A 3 5.21 4.68 4.68
C ARG A 3 6.26 3.56 4.62
N LYS A 4 6.69 3.23 3.41
CA LYS A 4 7.69 2.19 3.23
C LYS A 4 9.10 2.76 3.32
N ASN A 5 9.28 3.98 2.81
CA ASN A 5 10.58 4.64 2.84
C ASN A 5 10.43 6.11 3.21
N ARG A 6 11.51 6.87 3.01
CA ARG A 6 11.50 8.30 3.32
C ARG A 6 10.26 8.97 2.72
N ARG A 7 10.02 8.75 1.44
CA ARG A 7 8.89 9.33 0.76
C ARG A 7 7.58 8.87 1.39
N GLU A 8 6.52 9.64 1.17
CA GLU A 8 5.21 9.32 1.72
C GLU A 8 4.18 10.37 1.34
N ARG A 9 2.91 9.99 1.37
CA ARG A 9 1.83 10.90 1.03
C ARG A 9 1.86 12.15 1.90
N THR A 10 2.25 11.97 3.16
CA THR A 10 2.33 13.07 4.10
C THR A 10 2.87 12.61 5.46
N THR A 11 2.84 13.50 6.44
CA THR A 11 3.33 13.18 7.78
C THR A 11 2.76 11.86 8.27
N TYR A 12 1.44 11.75 8.25
CA TYR A 12 0.76 10.53 8.69
C TYR A 12 -0.67 10.47 8.17
N SER A 13 -0.88 9.61 7.18
CA SER A 13 -2.21 9.46 6.58
C SER A 13 -2.52 7.99 6.32
N ARG A 14 -3.80 7.68 6.17
CA ARG A 14 -4.23 6.31 5.92
C ARG A 14 -4.07 5.95 4.45
N GLN A 15 -3.97 6.98 3.60
CA GLN A 15 -3.82 6.77 2.17
C GLN A 15 -2.69 5.78 1.87
N GLN A 16 -1.52 6.02 2.47
CA GLN A 16 -0.37 5.15 2.27
C GLN A 16 -0.72 3.70 2.61
N LEU A 17 -1.60 3.52 3.58
CA LEU A 17 -2.03 2.18 4.00
C LEU A 17 -3.23 1.71 3.17
N GLU A 18 -3.83 2.63 2.43
CA GLU A 18 -4.98 2.31 1.60
C GLU A 18 -4.57 1.48 0.40
N ILE A 19 -3.45 1.85 -0.21
CA ILE A 19 -2.94 1.14 -1.38
C ILE A 19 -3.03 -0.36 -1.20
N LEU A 20 -2.75 -0.82 0.02
CA LEU A 20 -2.80 -2.25 0.33
C LEU A 20 -4.16 -2.62 0.92
N GLU A 21 -4.49 -2.04 2.06
CA GLU A 21 -5.76 -2.32 2.72
C GLU A 21 -6.91 -2.34 1.71
N THR A 22 -6.74 -1.57 0.64
CA THR A 22 -7.76 -1.49 -0.40
C THR A 22 -7.50 -2.51 -1.50
N LEU A 23 -6.28 -2.53 -2.02
CA LEU A 23 -5.90 -3.45 -3.08
C LEU A 23 -5.68 -4.85 -2.52
N PHE A 24 -4.67 -4.99 -1.67
CA PHE A 24 -4.34 -6.28 -1.07
C PHE A 24 -5.61 -6.98 -0.58
N ASN A 25 -6.56 -6.19 -0.08
CA ASN A 25 -7.81 -6.73 0.43
C ASN A 25 -8.76 -7.08 -0.72
N GLU A 26 -8.84 -6.19 -1.70
CA GLU A 26 -9.70 -6.40 -2.86
C GLU A 26 -9.42 -7.76 -3.50
N THR A 27 -8.15 -8.06 -3.73
CA THR A 27 -7.74 -9.32 -4.33
C THR A 27 -6.22 -9.42 -4.45
N GLN A 28 -5.74 -10.59 -4.85
CA GLN A 28 -4.31 -10.81 -5.01
C GLN A 28 -3.90 -10.72 -6.47
N TYR A 29 -4.42 -9.70 -7.17
CA TYR A 29 -4.11 -9.51 -8.58
C TYR A 29 -3.29 -8.24 -8.78
N PRO A 30 -1.98 -8.32 -8.49
CA PRO A 30 -1.07 -7.20 -8.64
C PRO A 30 -0.81 -6.84 -10.10
N ASP A 31 -1.78 -6.14 -10.70
CA ASP A 31 -1.67 -5.73 -12.10
C ASP A 31 -1.91 -4.23 -12.25
N VAL A 32 -1.74 -3.72 -13.46
CA VAL A 32 -1.94 -2.31 -13.73
C VAL A 32 -3.31 -1.85 -13.23
N PHE A 33 -4.32 -2.65 -13.52
CA PHE A 33 -5.68 -2.32 -13.10
C PHE A 33 -5.75 -2.09 -11.59
N ALA A 34 -4.80 -2.66 -10.87
CA ALA A 34 -4.75 -2.52 -9.42
C ALA A 34 -3.97 -1.26 -9.01
N ARG A 35 -2.68 -1.24 -9.34
CA ARG A 35 -1.84 -0.10 -9.01
C ARG A 35 -2.41 1.19 -9.59
N GLU A 36 -2.85 1.13 -10.83
CA GLU A 36 -3.43 2.30 -11.50
C GLU A 36 -4.69 2.76 -10.78
N ARG A 37 -5.33 1.84 -10.07
CA ARG A 37 -6.56 2.16 -9.34
C ARG A 37 -6.23 2.88 -8.04
N VAL A 38 -5.52 2.20 -7.15
CA VAL A 38 -5.16 2.79 -5.86
C VAL A 38 -4.44 4.12 -6.05
N ALA A 39 -3.80 4.29 -7.20
CA ALA A 39 -3.09 5.52 -7.50
C ALA A 39 -4.01 6.74 -7.40
N ASP A 40 -5.29 6.51 -7.69
CA ASP A 40 -6.28 7.59 -7.62
C ASP A 40 -6.80 7.77 -6.21
N GLN A 41 -6.56 6.77 -5.36
CA GLN A 41 -7.01 6.83 -3.97
C GLN A 41 -6.09 7.70 -3.13
N ILE A 42 -4.79 7.41 -3.20
CA ILE A 42 -3.80 8.18 -2.44
C ILE A 42 -3.27 9.35 -3.26
N ARG A 43 -3.69 9.42 -4.52
CA ARG A 43 -3.26 10.50 -5.41
C ARG A 43 -1.77 10.38 -5.72
N LEU A 44 -1.40 9.30 -6.40
CA LEU A 44 0.00 9.07 -6.76
C LEU A 44 0.11 8.35 -8.10
N GLN A 45 1.31 8.32 -8.66
CA GLN A 45 1.54 7.67 -9.94
C GLN A 45 1.10 6.21 -9.89
N GLU A 46 0.79 5.65 -11.06
CA GLU A 46 0.35 4.26 -11.15
C GLU A 46 1.52 3.31 -10.89
N SER A 47 2.62 3.52 -11.61
CA SER A 47 3.80 2.68 -11.47
C SER A 47 4.54 3.00 -10.17
N ARG A 48 4.38 4.22 -9.69
CA ARG A 48 5.03 4.66 -8.47
C ARG A 48 4.40 3.99 -7.25
N ILE A 49 3.07 4.04 -7.19
CA ILE A 49 2.33 3.44 -6.08
C ILE A 49 2.73 1.98 -5.88
N GLN A 50 3.26 1.37 -6.94
CA GLN A 50 3.68 -0.03 -6.87
C GLN A 50 4.78 -0.22 -5.83
N VAL A 51 5.52 0.85 -5.55
CA VAL A 51 6.60 0.81 -4.57
C VAL A 51 6.04 0.82 -3.15
N TRP A 52 4.94 1.53 -2.95
CA TRP A 52 4.31 1.64 -1.64
C TRP A 52 3.37 0.47 -1.40
N PHE A 53 3.00 -0.22 -2.48
CA PHE A 53 2.10 -1.37 -2.38
C PHE A 53 2.65 -2.41 -1.41
N LYS A 54 3.95 -2.35 -1.16
CA LYS A 54 4.60 -3.29 -0.25
C LYS A 54 4.53 -2.80 1.19
N ASN A 55 4.24 -1.51 1.35
CA ASN A 55 4.15 -0.91 2.68
C ASN A 55 3.46 -1.86 3.65
N ARG A 56 2.15 -2.03 3.47
CA ARG A 56 1.37 -2.90 4.34
C ARG A 56 1.44 -4.35 3.85
N ARG A 57 1.40 -4.53 2.53
CA ARG A 57 1.46 -5.86 1.94
C ARG A 57 2.60 -6.67 2.54
N ALA A 58 3.65 -5.98 2.96
CA ALA A 58 4.81 -6.63 3.56
C ALA A 58 4.65 -6.80 5.06
N LYS A 59 4.00 -5.84 5.69
CA LYS A 59 3.76 -5.87 7.12
C LYS A 59 3.02 -7.14 7.53
N TYR A 60 2.34 -7.75 6.56
CA TYR A 60 1.58 -8.97 6.81
C TYR A 60 2.45 -10.02 7.50
N ARG A 61 3.75 -9.96 7.23
CA ARG A 61 4.70 -10.90 7.83
C ARG A 61 5.04 -10.50 9.26
N LEU A 62 5.11 -9.19 9.50
CA LEU A 62 5.43 -8.66 10.82
C LEU A 62 4.33 -9.01 11.83
N GLN A 63 3.09 -9.00 11.36
CA GLN A 63 1.95 -9.31 12.22
C GLN A 63 1.76 -10.82 12.35
N GLU A 64 2.21 -11.55 11.33
CA GLU A 64 2.08 -13.01 11.34
C GLU A 64 2.76 -13.61 12.56
N LYS A 65 4.07 -13.39 12.68
CA LYS A 65 4.84 -13.91 13.80
C LYS A 65 4.38 -13.28 15.11
N GLN A 66 3.87 -12.05 15.02
CA GLN A 66 3.40 -11.33 16.20
C GLN A 66 2.38 -12.18 16.97
N LYS A 67 1.25 -12.47 16.33
CA LYS A 67 0.20 -13.26 16.95
C LYS A 67 0.65 -14.71 17.14
N PRO A 68 -0.04 -15.42 18.04
CA PRO A 68 0.28 -16.83 18.34
C PRO A 68 -0.08 -17.76 17.19
N GLY A 1 4.44 0.17 10.66
CA GLY A 1 3.87 1.46 10.32
C GLY A 1 3.92 1.75 8.84
N PRO A 2 3.24 2.82 8.42
CA PRO A 2 3.19 3.24 7.02
C PRO A 2 4.54 3.78 6.53
N ARG A 3 5.25 2.97 5.75
CA ARG A 3 6.55 3.38 5.22
C ARG A 3 7.15 2.28 4.36
N LYS A 4 8.04 2.65 3.45
CA LYS A 4 8.69 1.70 2.56
C LYS A 4 10.11 2.14 2.24
N ASN A 5 10.28 3.43 1.98
CA ASN A 5 11.60 3.98 1.66
C ASN A 5 11.69 5.45 2.08
N ARG A 6 11.05 6.32 1.30
CA ARG A 6 11.07 7.75 1.60
C ARG A 6 9.80 8.16 2.34
N ARG A 7 9.60 9.47 2.47
CA ARG A 7 8.43 10.00 3.17
C ARG A 7 7.14 9.42 2.57
N GLU A 8 6.01 9.78 3.18
CA GLU A 8 4.72 9.29 2.71
C GLU A 8 3.86 10.45 2.19
N ARG A 9 2.61 10.15 1.86
CA ARG A 9 1.70 11.15 1.35
C ARG A 9 1.70 12.39 2.24
N THR A 10 1.99 12.19 3.53
CA THR A 10 2.02 13.29 4.48
C THR A 10 2.50 12.81 5.85
N THR A 11 2.43 13.69 6.84
CA THR A 11 2.86 13.37 8.19
C THR A 11 2.28 12.03 8.64
N TYR A 12 0.96 11.88 8.49
CA TYR A 12 0.28 10.65 8.88
C TYR A 12 -1.10 10.56 8.23
N SER A 13 -1.21 9.69 7.23
CA SER A 13 -2.47 9.50 6.52
C SER A 13 -2.74 8.02 6.25
N ARG A 14 -4.01 7.69 6.06
CA ARG A 14 -4.40 6.31 5.80
C ARG A 14 -4.20 5.96 4.33
N GLN A 15 -4.10 6.98 3.49
CA GLN A 15 -3.91 6.79 2.06
C GLN A 15 -2.75 5.82 1.79
N GLN A 16 -1.60 6.11 2.38
CA GLN A 16 -0.43 5.26 2.21
C GLN A 16 -0.73 3.81 2.55
N LEU A 17 -1.61 3.62 3.54
CA LEU A 17 -1.99 2.28 3.98
C LEU A 17 -3.20 1.78 3.19
N GLU A 18 -3.82 2.67 2.43
CA GLU A 18 -4.98 2.32 1.62
C GLU A 18 -4.57 1.49 0.42
N ILE A 19 -3.46 1.87 -0.22
CA ILE A 19 -2.96 1.16 -1.38
C ILE A 19 -3.03 -0.35 -1.18
N LEU A 20 -2.72 -0.78 0.04
CA LEU A 20 -2.74 -2.21 0.36
C LEU A 20 -4.08 -2.61 0.97
N GLU A 21 -4.40 -2.02 2.11
CA GLU A 21 -5.66 -2.31 2.79
C GLU A 21 -6.83 -2.36 1.81
N THR A 22 -6.70 -1.59 0.72
CA THR A 22 -7.74 -1.55 -0.30
C THR A 22 -7.47 -2.57 -1.40
N LEU A 23 -6.27 -2.54 -1.96
CA LEU A 23 -5.90 -3.47 -3.01
C LEU A 23 -5.68 -4.87 -2.46
N PHE A 24 -4.67 -5.01 -1.61
CA PHE A 24 -4.35 -6.30 -1.00
C PHE A 24 -5.62 -6.99 -0.51
N ASN A 25 -6.57 -6.20 -0.03
CA ASN A 25 -7.83 -6.75 0.48
C ASN A 25 -8.80 -7.00 -0.67
N GLU A 26 -8.84 -6.09 -1.63
CA GLU A 26 -9.73 -6.21 -2.78
C GLU A 26 -9.55 -7.56 -3.46
N THR A 27 -8.29 -7.93 -3.71
CA THR A 27 -7.97 -9.20 -4.35
C THR A 27 -6.47 -9.42 -4.41
N GLN A 28 -6.07 -10.58 -4.95
CA GLN A 28 -4.66 -10.91 -5.05
C GLN A 28 -4.19 -10.83 -6.51
N TYR A 29 -4.66 -9.81 -7.22
CA TYR A 29 -4.29 -9.62 -8.61
C TYR A 29 -3.41 -8.38 -8.78
N PRO A 30 -2.11 -8.52 -8.45
CA PRO A 30 -1.15 -7.43 -8.55
C PRO A 30 -0.84 -7.06 -10.01
N ASP A 31 -1.75 -6.33 -10.63
CA ASP A 31 -1.58 -5.92 -12.02
C ASP A 31 -1.77 -4.41 -12.16
N VAL A 32 -1.51 -3.90 -13.36
CA VAL A 32 -1.66 -2.47 -13.63
C VAL A 32 -3.04 -1.98 -13.23
N PHE A 33 -4.05 -2.78 -13.49
CA PHE A 33 -5.43 -2.43 -13.15
C PHE A 33 -5.57 -2.15 -11.66
N ALA A 34 -4.66 -2.70 -10.87
CA ALA A 34 -4.68 -2.52 -9.43
C ALA A 34 -3.94 -1.25 -9.03
N ARG A 35 -2.64 -1.22 -9.29
CA ARG A 35 -1.81 -0.07 -8.95
C ARG A 35 -2.37 1.20 -9.57
N GLU A 36 -2.72 1.11 -10.86
CA GLU A 36 -3.27 2.26 -11.57
C GLU A 36 -4.56 2.74 -10.92
N ARG A 37 -5.23 1.83 -10.21
CA ARG A 37 -6.48 2.16 -9.53
C ARG A 37 -6.22 2.91 -8.23
N VAL A 38 -5.56 2.24 -7.29
CA VAL A 38 -5.24 2.83 -6.00
C VAL A 38 -4.51 4.16 -6.18
N ALA A 39 -3.84 4.31 -7.31
CA ALA A 39 -3.10 5.54 -7.60
C ALA A 39 -4.01 6.76 -7.52
N ASP A 40 -5.29 6.56 -7.81
CA ASP A 40 -6.25 7.66 -7.77
C ASP A 40 -6.80 7.84 -6.35
N GLN A 41 -6.59 6.84 -5.51
CA GLN A 41 -7.06 6.89 -4.12
C GLN A 41 -6.14 7.75 -3.27
N ILE A 42 -4.84 7.45 -3.32
CA ILE A 42 -3.86 8.20 -2.54
C ILE A 42 -3.32 9.38 -3.34
N ARG A 43 -3.70 9.46 -4.61
CA ARG A 43 -3.26 10.54 -5.49
C ARG A 43 -1.77 10.41 -5.80
N LEU A 44 -1.38 9.27 -6.36
CA LEU A 44 0.00 9.01 -6.70
C LEU A 44 0.11 8.32 -8.06
N GLN A 45 1.33 8.30 -8.62
CA GLN A 45 1.56 7.68 -9.91
C GLN A 45 1.09 6.22 -9.90
N GLU A 46 0.78 5.71 -11.09
CA GLU A 46 0.31 4.33 -11.22
C GLU A 46 1.46 3.35 -11.01
N SER A 47 2.61 3.65 -11.60
CA SER A 47 3.78 2.79 -11.49
C SER A 47 4.53 3.07 -10.19
N ARG A 48 4.37 4.27 -9.66
CA ARG A 48 5.03 4.66 -8.41
C ARG A 48 4.37 3.98 -7.22
N ILE A 49 3.03 4.01 -7.19
CA ILE A 49 2.28 3.40 -6.10
C ILE A 49 2.67 1.94 -5.91
N GLN A 50 3.22 1.34 -6.97
CA GLN A 50 3.64 -0.06 -6.92
C GLN A 50 4.66 -0.28 -5.81
N VAL A 51 5.61 0.64 -5.69
CA VAL A 51 6.65 0.54 -4.68
C VAL A 51 6.06 0.67 -3.28
N TRP A 52 4.99 1.43 -3.17
CA TRP A 52 4.32 1.63 -1.88
C TRP A 52 3.35 0.50 -1.58
N PHE A 53 2.95 -0.23 -2.62
CA PHE A 53 2.03 -1.34 -2.47
C PHE A 53 2.59 -2.39 -1.51
N LYS A 54 3.90 -2.34 -1.30
CA LYS A 54 4.56 -3.28 -0.41
C LYS A 54 4.56 -2.77 1.03
N ASN A 55 4.29 -1.48 1.19
CA ASN A 55 4.25 -0.86 2.52
C ASN A 55 3.57 -1.79 3.52
N ARG A 56 2.26 -1.94 3.40
CA ARG A 56 1.49 -2.79 4.29
C ARG A 56 1.52 -4.24 3.81
N ARG A 57 1.43 -4.44 2.50
CA ARG A 57 1.45 -5.76 1.92
C ARG A 57 2.58 -6.60 2.51
N ALA A 58 3.66 -5.94 2.89
CA ALA A 58 4.82 -6.61 3.46
C ALA A 58 4.68 -6.75 4.97
N LYS A 59 4.07 -5.75 5.60
CA LYS A 59 3.87 -5.76 7.05
C LYS A 59 3.10 -7.00 7.48
N TYR A 60 2.37 -7.60 6.54
CA TYR A 60 1.58 -8.79 6.83
C TYR A 60 2.43 -9.84 7.55
N ARG A 61 3.73 -9.84 7.27
CA ARG A 61 4.65 -10.78 7.89
C ARG A 61 4.98 -10.36 9.32
N LEU A 62 5.18 -9.06 9.52
CA LEU A 62 5.52 -8.53 10.83
C LEU A 62 4.36 -8.71 11.80
N GLN A 63 3.13 -8.60 11.28
CA GLN A 63 1.94 -8.75 12.10
C GLN A 63 1.64 -10.22 12.35
N GLU A 64 2.11 -11.08 11.46
CA GLU A 64 1.89 -12.51 11.58
C GLU A 64 2.55 -13.06 12.84
N LYS A 65 3.82 -12.69 13.04
CA LYS A 65 4.56 -13.13 14.21
C LYS A 65 4.07 -12.45 15.47
N GLN A 66 3.71 -11.17 15.35
CA GLN A 66 3.23 -10.40 16.49
C GLN A 66 2.09 -11.13 17.20
N LYS A 67 0.96 -11.26 16.49
CA LYS A 67 -0.21 -11.94 17.06
C LYS A 67 -0.21 -13.42 16.67
N PRO A 68 -0.89 -14.24 17.49
CA PRO A 68 -0.98 -15.68 17.25
C PRO A 68 -1.85 -16.02 16.05
#